data_5BZN
# 
_entry.id   5BZN 
# 
_audit_conform.dict_name       mmcif_pdbx.dic 
_audit_conform.dict_version    5.399 
_audit_conform.dict_location   http://mmcif.pdb.org/dictionaries/ascii/mmcif_pdbx.dic 
# 
loop_
_database_2.database_id 
_database_2.database_code 
_database_2.pdbx_database_accession 
_database_2.pdbx_DOI 
PDB   5BZN         pdb_00005bzn 10.2210/pdb5bzn/pdb 
WWPDB D_1000210188 ?            ?                   
# 
loop_
_pdbx_audit_revision_history.ordinal 
_pdbx_audit_revision_history.data_content_type 
_pdbx_audit_revision_history.major_revision 
_pdbx_audit_revision_history.minor_revision 
_pdbx_audit_revision_history.revision_date 
1 'Structure model' 1 0 2016-06-29 
2 'Structure model' 1 1 2024-11-20 
# 
_pdbx_audit_revision_details.ordinal             1 
_pdbx_audit_revision_details.revision_ordinal    1 
_pdbx_audit_revision_details.data_content_type   'Structure model' 
_pdbx_audit_revision_details.provider            repository 
_pdbx_audit_revision_details.type                'Initial release' 
_pdbx_audit_revision_details.description         ? 
_pdbx_audit_revision_details.details             ? 
# 
loop_
_pdbx_audit_revision_group.ordinal 
_pdbx_audit_revision_group.revision_ordinal 
_pdbx_audit_revision_group.data_content_type 
_pdbx_audit_revision_group.group 
1 2 'Structure model' 'Data collection'      
2 2 'Structure model' 'Database references'  
3 2 'Structure model' 'Derived calculations' 
4 2 'Structure model' 'Structure summary'    
# 
loop_
_pdbx_audit_revision_category.ordinal 
_pdbx_audit_revision_category.revision_ordinal 
_pdbx_audit_revision_category.data_content_type 
_pdbx_audit_revision_category.category 
1 2 'Structure model' chem_comp_atom              
2 2 'Structure model' chem_comp_bond              
3 2 'Structure model' citation                    
4 2 'Structure model' database_2                  
5 2 'Structure model' diffrn_radiation_wavelength 
6 2 'Structure model' pdbx_entry_details          
7 2 'Structure model' pdbx_modification_feature   
8 2 'Structure model' pdbx_struct_oper_list       
# 
loop_
_pdbx_audit_revision_item.ordinal 
_pdbx_audit_revision_item.revision_ordinal 
_pdbx_audit_revision_item.data_content_type 
_pdbx_audit_revision_item.item 
1 2 'Structure model' '_citation.journal_id_CSD'                  
2 2 'Structure model' '_database_2.pdbx_DOI'                      
3 2 'Structure model' '_database_2.pdbx_database_accession'       
4 2 'Structure model' '_pdbx_struct_oper_list.symmetry_operation' 
# 
_pdbx_database_status.status_code                     REL 
_pdbx_database_status.status_code_sf                  REL 
_pdbx_database_status.status_code_mr                  ? 
_pdbx_database_status.entry_id                        5BZN 
_pdbx_database_status.recvd_initial_deposition_date   2015-06-11 
_pdbx_database_status.SG_entry                        N 
_pdbx_database_status.deposit_site                    RCSB 
_pdbx_database_status.process_site                    RCSB 
_pdbx_database_status.status_code_cs                  ? 
_pdbx_database_status.methods_development_category    ? 
_pdbx_database_status.pdb_format_compatible           Y 
_pdbx_database_status.status_code_nmr_data            ? 
# 
loop_
_pdbx_database_related.content_type 
_pdbx_database_related.db_id 
_pdbx_database_related.db_name 
_pdbx_database_related.details 
unspecified 5BZC PDB . 
unspecified 5BZE PDB . 
unspecified 5BZF PDB . 
unspecified 5BZG PDB . 
unspecified 5BZH PDB . 
unspecified 5BZI PDB . 
unspecified 5BZJ PDB . 
unspecified 5BZM PDB . 
unspecified 5BZO PDB . 
unspecified 5BZQ PDB . 
unspecified 5BZP PDB . 
unspecified 5BZR PDB . 
unspecified 5BZS PDB . 
unspecified 5BZT PDB . 
# 
loop_
_audit_author.name 
_audit_author.pdbx_ordinal 
'Liu, L.K.'    1 
'Finzel, B.C.' 2 
# 
_citation.abstract                  ? 
_citation.abstract_id_CAS           ? 
_citation.book_id_ISBN              ? 
_citation.book_publisher            ? 
_citation.book_publisher_city       ? 
_citation.book_title                ? 
_citation.coordinate_linkage        ? 
_citation.country                   ? 
_citation.database_id_Medline       ? 
_citation.details                   ? 
_citation.id                        primary 
_citation.journal_abbrev            'To Be Published' 
_citation.journal_id_ASTM           ? 
_citation.journal_id_CSD            0353 
_citation.journal_id_ISSN           ? 
_citation.journal_full              ? 
_citation.journal_issue             ? 
_citation.journal_volume            ? 
_citation.language                  ? 
_citation.page_first                ? 
_citation.page_last                 ? 
_citation.title                     'Crystal structure of the murine cd44 hyaluronan binding domain complex with a small molecule' 
_citation.year                      ? 
_citation.database_id_CSD           ? 
_citation.pdbx_database_id_DOI      ? 
_citation.pdbx_database_id_PubMed   ? 
_citation.unpublished_flag          ? 
# 
loop_
_citation_author.citation_id 
_citation_author.name 
_citation_author.ordinal 
_citation_author.identifier_ORCID 
primary 'Liu, L.K.'    1 ? 
primary 'Finzel, B.C.' 2 ? 
# 
loop_
_entity.id 
_entity.type 
_entity.src_method 
_entity.pdbx_description 
_entity.formula_weight 
_entity.pdbx_number_of_molecules 
_entity.pdbx_ec 
_entity.pdbx_mutation 
_entity.pdbx_fragment 
_entity.details 
1 polymer     man 'CD44 antigen'                                             16855.803 1  ? 'H23M; Q24N' 
'HYALURONAN BINDING DOMAIN, RESIDUES 21-171' ? 
2 non-polymer syn 'DIMETHYL SULFOXIDE'                                       78.133    1  ? ?            ? ? 
3 non-polymer syn '2-(2-methoxyethyl)-1,2,3,4-tetrahydroisoquinolin-8-amine' 206.284   2  ? ?            ? ? 
4 non-polymer syn 'SULFATE ION'                                              96.063    1  ? ?            ? ? 
5 water       nat water                                                      18.015    87 ? ?            ? ? 
# 
_entity_name_com.entity_id   1 
_entity_name_com.name        
;Extracellular matrix receptor III,ECMR-III,GP90 lymphocyte homing/adhesion receptor,HUTCH-I,Hermes antigen,Hyaluronate receptor,Lymphocyte antigen 24,Ly-24,Phagocytic glycoprotein 1,PGP-1,Phagocytic glycoprotein I,PGP-I
;
# 
_entity_poly.entity_id                      1 
_entity_poly.type                           'polypeptide(L)' 
_entity_poly.nstd_linkage                   no 
_entity_poly.nstd_monomer                   no 
_entity_poly.pdbx_seq_one_letter_code       
;MNQIDLNVTCRYAGVFHVEKNGRYSISRTEAADLCQAFNSTLPTMDQMKLALSKGFETCRYGFIEGNVVIPRIHPNAICA
ANHTGVYILVTSNTSHYDTYCFNASAPPEEDCTSVTDLPNSFDGPVTITIVNRDGTRYSKKGEYRTHQEDI
;
_entity_poly.pdbx_seq_one_letter_code_can   
;MNQIDLNVTCRYAGVFHVEKNGRYSISRTEAADLCQAFNSTLPTMDQMKLALSKGFETCRYGFIEGNVVIPRIHPNAICA
ANHTGVYILVTSNTSHYDTYCFNASAPPEEDCTSVTDLPNSFDGPVTITIVNRDGTRYSKKGEYRTHQEDI
;
_entity_poly.pdbx_strand_id                 A 
_entity_poly.pdbx_target_identifier         ? 
# 
loop_
_pdbx_entity_nonpoly.entity_id 
_pdbx_entity_nonpoly.name 
_pdbx_entity_nonpoly.comp_id 
2 'DIMETHYL SULFOXIDE'                                       DMS 
3 '2-(2-methoxyethyl)-1,2,3,4-tetrahydroisoquinolin-8-amine' 4XD 
4 'SULFATE ION'                                              SO4 
5 water                                                      HOH 
# 
loop_
_entity_poly_seq.entity_id 
_entity_poly_seq.num 
_entity_poly_seq.mon_id 
_entity_poly_seq.hetero 
1 1   MET n 
1 2   ASN n 
1 3   GLN n 
1 4   ILE n 
1 5   ASP n 
1 6   LEU n 
1 7   ASN n 
1 8   VAL n 
1 9   THR n 
1 10  CYS n 
1 11  ARG n 
1 12  TYR n 
1 13  ALA n 
1 14  GLY n 
1 15  VAL n 
1 16  PHE n 
1 17  HIS n 
1 18  VAL n 
1 19  GLU n 
1 20  LYS n 
1 21  ASN n 
1 22  GLY n 
1 23  ARG n 
1 24  TYR n 
1 25  SER n 
1 26  ILE n 
1 27  SER n 
1 28  ARG n 
1 29  THR n 
1 30  GLU n 
1 31  ALA n 
1 32  ALA n 
1 33  ASP n 
1 34  LEU n 
1 35  CYS n 
1 36  GLN n 
1 37  ALA n 
1 38  PHE n 
1 39  ASN n 
1 40  SER n 
1 41  THR n 
1 42  LEU n 
1 43  PRO n 
1 44  THR n 
1 45  MET n 
1 46  ASP n 
1 47  GLN n 
1 48  MET n 
1 49  LYS n 
1 50  LEU n 
1 51  ALA n 
1 52  LEU n 
1 53  SER n 
1 54  LYS n 
1 55  GLY n 
1 56  PHE n 
1 57  GLU n 
1 58  THR n 
1 59  CYS n 
1 60  ARG n 
1 61  TYR n 
1 62  GLY n 
1 63  PHE n 
1 64  ILE n 
1 65  GLU n 
1 66  GLY n 
1 67  ASN n 
1 68  VAL n 
1 69  VAL n 
1 70  ILE n 
1 71  PRO n 
1 72  ARG n 
1 73  ILE n 
1 74  HIS n 
1 75  PRO n 
1 76  ASN n 
1 77  ALA n 
1 78  ILE n 
1 79  CYS n 
1 80  ALA n 
1 81  ALA n 
1 82  ASN n 
1 83  HIS n 
1 84  THR n 
1 85  GLY n 
1 86  VAL n 
1 87  TYR n 
1 88  ILE n 
1 89  LEU n 
1 90  VAL n 
1 91  THR n 
1 92  SER n 
1 93  ASN n 
1 94  THR n 
1 95  SER n 
1 96  HIS n 
1 97  TYR n 
1 98  ASP n 
1 99  THR n 
1 100 TYR n 
1 101 CYS n 
1 102 PHE n 
1 103 ASN n 
1 104 ALA n 
1 105 SER n 
1 106 ALA n 
1 107 PRO n 
1 108 PRO n 
1 109 GLU n 
1 110 GLU n 
1 111 ASP n 
1 112 CYS n 
1 113 THR n 
1 114 SER n 
1 115 VAL n 
1 116 THR n 
1 117 ASP n 
1 118 LEU n 
1 119 PRO n 
1 120 ASN n 
1 121 SER n 
1 122 PHE n 
1 123 ASP n 
1 124 GLY n 
1 125 PRO n 
1 126 VAL n 
1 127 THR n 
1 128 ILE n 
1 129 THR n 
1 130 ILE n 
1 131 VAL n 
1 132 ASN n 
1 133 ARG n 
1 134 ASP n 
1 135 GLY n 
1 136 THR n 
1 137 ARG n 
1 138 TYR n 
1 139 SER n 
1 140 LYS n 
1 141 LYS n 
1 142 GLY n 
1 143 GLU n 
1 144 TYR n 
1 145 ARG n 
1 146 THR n 
1 147 HIS n 
1 148 GLN n 
1 149 GLU n 
1 150 ASP n 
1 151 ILE n 
# 
_entity_src_gen.entity_id                          1 
_entity_src_gen.pdbx_src_id                        1 
_entity_src_gen.pdbx_alt_source_flag               sample 
_entity_src_gen.pdbx_seq_type                      'Biological sequence' 
_entity_src_gen.pdbx_beg_seq_num                   1 
_entity_src_gen.pdbx_end_seq_num                   151 
_entity_src_gen.gene_src_common_name               Mouse 
_entity_src_gen.gene_src_genus                     ? 
_entity_src_gen.pdbx_gene_src_gene                 'Cd44, Ly-24' 
_entity_src_gen.gene_src_species                   ? 
_entity_src_gen.gene_src_strain                    ? 
_entity_src_gen.gene_src_tissue                    ? 
_entity_src_gen.gene_src_tissue_fraction           ? 
_entity_src_gen.gene_src_details                   ? 
_entity_src_gen.pdbx_gene_src_fragment             ? 
_entity_src_gen.pdbx_gene_src_scientific_name      'Mus musculus' 
_entity_src_gen.pdbx_gene_src_ncbi_taxonomy_id     10090 
_entity_src_gen.pdbx_gene_src_variant              ? 
_entity_src_gen.pdbx_gene_src_cell_line            ? 
_entity_src_gen.pdbx_gene_src_atcc                 ? 
_entity_src_gen.pdbx_gene_src_organ                ? 
_entity_src_gen.pdbx_gene_src_organelle            ? 
_entity_src_gen.pdbx_gene_src_cell                 ? 
_entity_src_gen.pdbx_gene_src_cellular_location    ? 
_entity_src_gen.host_org_common_name               ? 
_entity_src_gen.pdbx_host_org_scientific_name      'Escherichia coli' 
_entity_src_gen.pdbx_host_org_ncbi_taxonomy_id     469008 
_entity_src_gen.host_org_genus                     ? 
_entity_src_gen.pdbx_host_org_gene                 ? 
_entity_src_gen.pdbx_host_org_organ                ? 
_entity_src_gen.host_org_species                   ? 
_entity_src_gen.pdbx_host_org_tissue               ? 
_entity_src_gen.pdbx_host_org_tissue_fraction      ? 
_entity_src_gen.pdbx_host_org_strain               'BL21(DE3)' 
_entity_src_gen.pdbx_host_org_variant              ? 
_entity_src_gen.pdbx_host_org_cell_line            ? 
_entity_src_gen.pdbx_host_org_atcc                 ? 
_entity_src_gen.pdbx_host_org_culture_collection   ? 
_entity_src_gen.pdbx_host_org_cell                 ? 
_entity_src_gen.pdbx_host_org_organelle            ? 
_entity_src_gen.pdbx_host_org_cellular_location    ? 
_entity_src_gen.pdbx_host_org_vector_type          plasmid 
_entity_src_gen.pdbx_host_org_vector               ? 
_entity_src_gen.host_org_details                   ? 
_entity_src_gen.expression_system_id               ? 
_entity_src_gen.plasmid_name                       pMCSG7 
_entity_src_gen.plasmid_details                    ? 
_entity_src_gen.pdbx_description                   ? 
# 
loop_
_chem_comp.id 
_chem_comp.type 
_chem_comp.mon_nstd_flag 
_chem_comp.name 
_chem_comp.pdbx_synonyms 
_chem_comp.formula 
_chem_comp.formula_weight 
4XD non-polymer         . '2-(2-methoxyethyl)-1,2,3,4-tetrahydroisoquinolin-8-amine' ? 'C12 H18 N2 O'   206.284 
ALA 'L-peptide linking' y ALANINE                                                    ? 'C3 H7 N O2'     89.093  
ARG 'L-peptide linking' y ARGININE                                                   ? 'C6 H15 N4 O2 1' 175.209 
ASN 'L-peptide linking' y ASPARAGINE                                                 ? 'C4 H8 N2 O3'    132.118 
ASP 'L-peptide linking' y 'ASPARTIC ACID'                                            ? 'C4 H7 N O4'     133.103 
CYS 'L-peptide linking' y CYSTEINE                                                   ? 'C3 H7 N O2 S'   121.158 
DMS non-polymer         . 'DIMETHYL SULFOXIDE'                                       ? 'C2 H6 O S'      78.133  
GLN 'L-peptide linking' y GLUTAMINE                                                  ? 'C5 H10 N2 O3'   146.144 
GLU 'L-peptide linking' y 'GLUTAMIC ACID'                                            ? 'C5 H9 N O4'     147.129 
GLY 'peptide linking'   y GLYCINE                                                    ? 'C2 H5 N O2'     75.067  
HIS 'L-peptide linking' y HISTIDINE                                                  ? 'C6 H10 N3 O2 1' 156.162 
HOH non-polymer         . WATER                                                      ? 'H2 O'           18.015  
ILE 'L-peptide linking' y ISOLEUCINE                                                 ? 'C6 H13 N O2'    131.173 
LEU 'L-peptide linking' y LEUCINE                                                    ? 'C6 H13 N O2'    131.173 
LYS 'L-peptide linking' y LYSINE                                                     ? 'C6 H15 N2 O2 1' 147.195 
MET 'L-peptide linking' y METHIONINE                                                 ? 'C5 H11 N O2 S'  149.211 
PHE 'L-peptide linking' y PHENYLALANINE                                              ? 'C9 H11 N O2'    165.189 
PRO 'L-peptide linking' y PROLINE                                                    ? 'C5 H9 N O2'     115.130 
SER 'L-peptide linking' y SERINE                                                     ? 'C3 H7 N O3'     105.093 
SO4 non-polymer         . 'SULFATE ION'                                              ? 'O4 S -2'        96.063  
THR 'L-peptide linking' y THREONINE                                                  ? 'C4 H9 N O3'     119.119 
TYR 'L-peptide linking' y TYROSINE                                                   ? 'C9 H11 N O3'    181.189 
VAL 'L-peptide linking' y VALINE                                                     ? 'C5 H11 N O2'    117.146 
# 
loop_
_pdbx_poly_seq_scheme.asym_id 
_pdbx_poly_seq_scheme.entity_id 
_pdbx_poly_seq_scheme.seq_id 
_pdbx_poly_seq_scheme.mon_id 
_pdbx_poly_seq_scheme.ndb_seq_num 
_pdbx_poly_seq_scheme.pdb_seq_num 
_pdbx_poly_seq_scheme.auth_seq_num 
_pdbx_poly_seq_scheme.pdb_mon_id 
_pdbx_poly_seq_scheme.auth_mon_id 
_pdbx_poly_seq_scheme.pdb_strand_id 
_pdbx_poly_seq_scheme.pdb_ins_code 
_pdbx_poly_seq_scheme.hetero 
A 1 1   MET 1   23  ?   ?   ?   A . n 
A 1 2   ASN 2   24  24  ASN ASN A . n 
A 1 3   GLN 3   25  25  GLN GLN A . n 
A 1 4   ILE 4   26  26  ILE ILE A . n 
A 1 5   ASP 5   27  27  ASP ASP A . n 
A 1 6   LEU 6   28  28  LEU LEU A . n 
A 1 7   ASN 7   29  29  ASN ASN A . n 
A 1 8   VAL 8   30  30  VAL VAL A . n 
A 1 9   THR 9   31  31  THR THR A . n 
A 1 10  CYS 10  32  32  CYS CYS A . n 
A 1 11  ARG 11  33  33  ARG ARG A . n 
A 1 12  TYR 12  34  34  TYR TYR A . n 
A 1 13  ALA 13  35  35  ALA ALA A . n 
A 1 14  GLY 14  36  36  GLY GLY A . n 
A 1 15  VAL 15  37  37  VAL VAL A . n 
A 1 16  PHE 16  38  38  PHE PHE A . n 
A 1 17  HIS 17  39  39  HIS HIS A . n 
A 1 18  VAL 18  40  40  VAL VAL A . n 
A 1 19  GLU 19  41  41  GLU GLU A . n 
A 1 20  LYS 20  42  42  LYS LYS A . n 
A 1 21  ASN 21  43  43  ASN ASN A . n 
A 1 22  GLY 22  44  44  GLY GLY A . n 
A 1 23  ARG 23  45  45  ARG ARG A . n 
A 1 24  TYR 24  46  46  TYR TYR A . n 
A 1 25  SER 25  47  47  SER SER A . n 
A 1 26  ILE 26  48  48  ILE ILE A . n 
A 1 27  SER 27  49  49  SER SER A . n 
A 1 28  ARG 28  50  50  ARG ARG A . n 
A 1 29  THR 29  51  51  THR THR A . n 
A 1 30  GLU 30  52  52  GLU GLU A . n 
A 1 31  ALA 31  53  53  ALA ALA A . n 
A 1 32  ALA 32  54  54  ALA ALA A . n 
A 1 33  ASP 33  55  55  ASP ASP A . n 
A 1 34  LEU 34  56  56  LEU LEU A . n 
A 1 35  CYS 35  57  57  CYS CYS A . n 
A 1 36  GLN 36  58  58  GLN GLN A . n 
A 1 37  ALA 37  59  59  ALA ALA A . n 
A 1 38  PHE 38  60  60  PHE PHE A . n 
A 1 39  ASN 39  61  61  ASN ASN A . n 
A 1 40  SER 40  62  62  SER SER A . n 
A 1 41  THR 41  63  63  THR THR A . n 
A 1 42  LEU 42  64  64  LEU LEU A . n 
A 1 43  PRO 43  65  65  PRO PRO A . n 
A 1 44  THR 44  66  66  THR THR A . n 
A 1 45  MET 45  67  67  MET MET A . n 
A 1 46  ASP 46  68  68  ASP ASP A . n 
A 1 47  GLN 47  69  69  GLN GLN A . n 
A 1 48  MET 48  70  70  MET MET A . n 
A 1 49  LYS 49  71  71  LYS LYS A . n 
A 1 50  LEU 50  72  72  LEU LEU A . n 
A 1 51  ALA 51  73  73  ALA ALA A . n 
A 1 52  LEU 52  74  74  LEU LEU A . n 
A 1 53  SER 53  75  75  SER SER A . n 
A 1 54  LYS 54  76  76  LYS LYS A . n 
A 1 55  GLY 55  77  77  GLY GLY A . n 
A 1 56  PHE 56  78  78  PHE PHE A . n 
A 1 57  GLU 57  79  79  GLU GLU A . n 
A 1 58  THR 58  80  80  THR THR A . n 
A 1 59  CYS 59  81  81  CYS CYS A . n 
A 1 60  ARG 60  82  82  ARG ARG A . n 
A 1 61  TYR 61  83  83  TYR TYR A . n 
A 1 62  GLY 62  84  84  GLY GLY A . n 
A 1 63  PHE 63  85  85  PHE PHE A . n 
A 1 64  ILE 64  86  86  ILE ILE A . n 
A 1 65  GLU 65  87  87  GLU GLU A . n 
A 1 66  GLY 66  88  88  GLY GLY A . n 
A 1 67  ASN 67  89  89  ASN ASN A . n 
A 1 68  VAL 68  90  90  VAL VAL A . n 
A 1 69  VAL 69  91  91  VAL VAL A . n 
A 1 70  ILE 70  92  92  ILE ILE A . n 
A 1 71  PRO 71  93  93  PRO PRO A . n 
A 1 72  ARG 72  94  94  ARG ARG A . n 
A 1 73  ILE 73  95  95  ILE ILE A . n 
A 1 74  HIS 74  96  96  HIS HIS A . n 
A 1 75  PRO 75  97  97  PRO PRO A . n 
A 1 76  ASN 76  98  98  ASN ASN A . n 
A 1 77  ALA 77  99  99  ALA ALA A . n 
A 1 78  ILE 78  100 100 ILE ILE A . n 
A 1 79  CYS 79  101 101 CYS CYS A . n 
A 1 80  ALA 80  102 102 ALA ALA A . n 
A 1 81  ALA 81  103 103 ALA ALA A . n 
A 1 82  ASN 82  104 104 ASN ASN A . n 
A 1 83  HIS 83  105 105 HIS HIS A . n 
A 1 84  THR 84  106 106 THR THR A . n 
A 1 85  GLY 85  107 107 GLY GLY A . n 
A 1 86  VAL 86  108 108 VAL VAL A . n 
A 1 87  TYR 87  109 109 TYR TYR A . n 
A 1 88  ILE 88  110 110 ILE ILE A . n 
A 1 89  LEU 89  111 111 LEU LEU A . n 
A 1 90  VAL 90  112 112 VAL VAL A . n 
A 1 91  THR 91  113 113 THR THR A . n 
A 1 92  SER 92  114 114 SER SER A . n 
A 1 93  ASN 93  115 115 ASN ASN A . n 
A 1 94  THR 94  116 116 THR THR A . n 
A 1 95  SER 95  117 117 SER SER A . n 
A 1 96  HIS 96  118 118 HIS HIS A . n 
A 1 97  TYR 97  119 119 TYR TYR A . n 
A 1 98  ASP 98  120 120 ASP ASP A . n 
A 1 99  THR 99  121 121 THR THR A . n 
A 1 100 TYR 100 122 122 TYR TYR A . n 
A 1 101 CYS 101 123 123 CYS CYS A . n 
A 1 102 PHE 102 124 124 PHE PHE A . n 
A 1 103 ASN 103 125 125 ASN ASN A . n 
A 1 104 ALA 104 126 126 ALA ALA A . n 
A 1 105 SER 105 127 127 SER SER A . n 
A 1 106 ALA 106 128 128 ALA ALA A . n 
A 1 107 PRO 107 129 129 PRO PRO A . n 
A 1 108 PRO 108 130 130 PRO PRO A . n 
A 1 109 GLU 109 131 131 GLU GLU A . n 
A 1 110 GLU 110 132 132 GLU GLU A . n 
A 1 111 ASP 111 133 133 ASP ASP A . n 
A 1 112 CYS 112 134 134 CYS CYS A . n 
A 1 113 THR 113 135 135 THR THR A . n 
A 1 114 SER 114 136 136 SER SER A . n 
A 1 115 VAL 115 137 137 VAL VAL A . n 
A 1 116 THR 116 138 138 THR THR A . n 
A 1 117 ASP 117 139 139 ASP ASP A . n 
A 1 118 LEU 118 140 140 LEU LEU A . n 
A 1 119 PRO 119 141 141 PRO PRO A . n 
A 1 120 ASN 120 142 142 ASN ASN A . n 
A 1 121 SER 121 143 143 SER SER A . n 
A 1 122 PHE 122 144 144 PHE PHE A . n 
A 1 123 ASP 123 145 145 ASP ASP A . n 
A 1 124 GLY 124 146 146 GLY GLY A . n 
A 1 125 PRO 125 147 147 PRO PRO A . n 
A 1 126 VAL 126 148 148 VAL VAL A . n 
A 1 127 THR 127 149 149 THR THR A . n 
A 1 128 ILE 128 150 150 ILE ILE A . n 
A 1 129 THR 129 151 151 THR THR A . n 
A 1 130 ILE 130 152 152 ILE ILE A . n 
A 1 131 VAL 131 153 153 VAL VAL A . n 
A 1 132 ASN 132 154 154 ASN ASN A . n 
A 1 133 ARG 133 155 155 ARG ARG A . n 
A 1 134 ASP 134 156 156 ASP ASP A . n 
A 1 135 GLY 135 157 157 GLY GLY A . n 
A 1 136 THR 136 158 158 THR THR A . n 
A 1 137 ARG 137 159 159 ARG ARG A . n 
A 1 138 TYR 138 160 160 TYR TYR A . n 
A 1 139 SER 139 161 161 SER SER A . n 
A 1 140 LYS 140 162 162 LYS LYS A . n 
A 1 141 LYS 141 163 163 LYS LYS A . n 
A 1 142 GLY 142 164 164 GLY GLY A . n 
A 1 143 GLU 143 165 165 GLU GLU A . n 
A 1 144 TYR 144 166 166 TYR TYR A . n 
A 1 145 ARG 145 167 167 ARG ARG A . n 
A 1 146 THR 146 168 168 THR THR A . n 
A 1 147 HIS 147 169 169 HIS HIS A . n 
A 1 148 GLN 148 170 170 GLN GLN A . n 
A 1 149 GLU 149 171 171 GLU GLU A . n 
A 1 150 ASP 150 172 172 ASP ASP A . n 
A 1 151 ILE 151 173 173 ILE ILE A . n 
# 
loop_
_pdbx_nonpoly_scheme.asym_id 
_pdbx_nonpoly_scheme.entity_id 
_pdbx_nonpoly_scheme.mon_id 
_pdbx_nonpoly_scheme.ndb_seq_num 
_pdbx_nonpoly_scheme.pdb_seq_num 
_pdbx_nonpoly_scheme.auth_seq_num 
_pdbx_nonpoly_scheme.pdb_mon_id 
_pdbx_nonpoly_scheme.auth_mon_id 
_pdbx_nonpoly_scheme.pdb_strand_id 
_pdbx_nonpoly_scheme.pdb_ins_code 
B 2 DMS 1  201 1  DMS DMS A . 
C 3 4XD 1  202 1  4XD DRG A . 
D 3 4XD 1  203 1  4XD DRG A . 
E 4 SO4 1  204 1  SO4 SO4 A . 
F 5 HOH 1  301 2  HOH HOH A . 
F 5 HOH 2  302 4  HOH HOH A . 
F 5 HOH 3  303 5  HOH HOH A . 
F 5 HOH 4  304 34 HOH HOH A . 
F 5 HOH 5  305 4  HOH HOH A . 
F 5 HOH 6  306 9  HOH HOH A . 
F 5 HOH 7  307 74 HOH HOH A . 
F 5 HOH 8  308 3  HOH HOH A . 
F 5 HOH 9  309 7  HOH HOH A . 
F 5 HOH 10 310 14 HOH HOH A . 
F 5 HOH 11 311 64 HOH HOH A . 
F 5 HOH 12 312 1  HOH HOH A . 
F 5 HOH 13 313 22 HOH HOH A . 
F 5 HOH 14 314 20 HOH HOH A . 
F 5 HOH 15 315 33 HOH HOH A . 
F 5 HOH 16 316 52 HOH HOH A . 
F 5 HOH 17 317 73 HOH HOH A . 
F 5 HOH 18 318 6  HOH HOH A . 
F 5 HOH 19 319 12 HOH HOH A . 
F 5 HOH 20 320 55 HOH HOH A . 
F 5 HOH 21 321 6  HOH HOH A . 
F 5 HOH 22 322 19 HOH HOH A . 
F 5 HOH 23 323 9  HOH HOH A . 
F 5 HOH 24 324 51 HOH HOH A . 
F 5 HOH 25 325 2  HOH HOH A . 
F 5 HOH 26 326 13 HOH HOH A . 
F 5 HOH 27 327 11 HOH HOH A . 
F 5 HOH 28 328 28 HOH HOH A . 
F 5 HOH 29 329 3  HOH HOH A . 
F 5 HOH 30 330 18 HOH HOH A . 
F 5 HOH 31 331 12 HOH HOH A . 
F 5 HOH 32 332 68 HOH HOH A . 
F 5 HOH 33 333 53 HOH HOH A . 
F 5 HOH 34 334 30 HOH HOH A . 
F 5 HOH 35 335 35 HOH HOH A . 
F 5 HOH 36 336 11 HOH HOH A . 
F 5 HOH 37 337 46 HOH HOH A . 
F 5 HOH 38 338 75 HOH HOH A . 
F 5 HOH 39 339 8  HOH HOH A . 
F 5 HOH 40 340 54 HOH HOH A . 
F 5 HOH 41 341 67 HOH HOH A . 
F 5 HOH 42 342 10 HOH HOH A . 
F 5 HOH 43 343 69 HOH HOH A . 
F 5 HOH 44 344 60 HOH HOH A . 
F 5 HOH 45 345 5  HOH HOH A . 
F 5 HOH 46 346 26 HOH HOH A . 
F 5 HOH 47 347 65 HOH HOH A . 
F 5 HOH 48 348 59 HOH HOH A . 
F 5 HOH 49 349 1  HOH HOH A . 
F 5 HOH 50 350 49 HOH HOH A . 
F 5 HOH 51 351 76 HOH HOH A . 
F 5 HOH 52 352 31 HOH HOH A . 
F 5 HOH 53 353 48 HOH HOH A . 
F 5 HOH 54 354 29 HOH HOH A . 
F 5 HOH 55 355 37 HOH HOH A . 
F 5 HOH 56 356 38 HOH HOH A . 
F 5 HOH 57 357 42 HOH HOH A . 
F 5 HOH 58 358 57 HOH HOH A . 
F 5 HOH 59 359 58 HOH HOH A . 
F 5 HOH 60 360 15 HOH HOH A . 
F 5 HOH 61 361 17 HOH HOH A . 
F 5 HOH 62 362 32 HOH HOH A . 
F 5 HOH 63 363 40 HOH HOH A . 
F 5 HOH 64 364 23 HOH HOH A . 
F 5 HOH 65 365 47 HOH HOH A . 
F 5 HOH 66 366 43 HOH HOH A . 
F 5 HOH 67 367 70 HOH HOH A . 
F 5 HOH 68 368 45 HOH HOH A . 
F 5 HOH 69 369 16 HOH HOH A . 
F 5 HOH 70 370 56 HOH HOH A . 
F 5 HOH 71 371 36 HOH HOH A . 
F 5 HOH 72 372 27 HOH HOH A . 
F 5 HOH 73 373 44 HOH HOH A . 
F 5 HOH 74 374 7  HOH HOH A . 
F 5 HOH 75 375 25 HOH HOH A . 
F 5 HOH 76 376 21 HOH HOH A . 
F 5 HOH 77 377 24 HOH HOH A . 
F 5 HOH 78 378 10 HOH HOH A . 
F 5 HOH 79 379 63 HOH HOH A . 
F 5 HOH 80 380 66 HOH HOH A . 
F 5 HOH 81 381 72 HOH HOH A . 
F 5 HOH 82 382 39 HOH HOH A . 
F 5 HOH 83 383 41 HOH HOH A . 
F 5 HOH 84 384 62 HOH HOH A . 
F 5 HOH 85 385 61 HOH HOH A . 
F 5 HOH 86 386 50 HOH HOH A . 
F 5 HOH 87 387 71 HOH HOH A . 
# 
loop_
_software.citation_id 
_software.classification 
_software.compiler_name 
_software.compiler_version 
_software.contact_author 
_software.contact_author_email 
_software.date 
_software.description 
_software.dependencies 
_software.hardware 
_software.language 
_software.location 
_software.mods 
_software.name 
_software.os 
_software.os_version 
_software.type 
_software.version 
_software.pdbx_ordinal 
? 'data scaling'    ? ? ? ? ? ? ? ? ? ? ? SCALA       ? ? ? .     1 
? phasing           ? ? ? ? ? ? ? ? ? ? ? PHASER      ? ? ? 2.1.4 2 
? refinement        ? ? ? ? ? ? ? ? ? ? ? REFMAC      ? ? ? .     3 
? 'data extraction' ? ? ? ? ? ? ? ? ? ? ? PDB_EXTRACT ? ? ? 3.15  4 
# 
_cell.angle_alpha                  90.000 
_cell.angle_alpha_esd              ? 
_cell.angle_beta                   118.390 
_cell.angle_beta_esd               ? 
_cell.angle_gamma                  90.000 
_cell.angle_gamma_esd              ? 
_cell.entry_id                     5BZN 
_cell.details                      ? 
_cell.formula_units_Z              ? 
_cell.length_a                     30.859 
_cell.length_a_esd                 ? 
_cell.length_b                     81.913 
_cell.length_b_esd                 ? 
_cell.length_c                     32.469 
_cell.length_c_esd                 ? 
_cell.volume                       ? 
_cell.volume_esd                   ? 
_cell.Z_PDB                        2 
_cell.reciprocal_angle_alpha       ? 
_cell.reciprocal_angle_beta        ? 
_cell.reciprocal_angle_gamma       ? 
_cell.reciprocal_angle_alpha_esd   ? 
_cell.reciprocal_angle_beta_esd    ? 
_cell.reciprocal_angle_gamma_esd   ? 
_cell.reciprocal_length_a          ? 
_cell.reciprocal_length_b          ? 
_cell.reciprocal_length_c          ? 
_cell.reciprocal_length_a_esd      ? 
_cell.reciprocal_length_b_esd      ? 
_cell.reciprocal_length_c_esd      ? 
_cell.pdbx_unique_axis             ? 
# 
_symmetry.entry_id                         5BZN 
_symmetry.cell_setting                     ? 
_symmetry.Int_Tables_number                4 
_symmetry.space_group_name_Hall            ? 
_symmetry.space_group_name_H-M             'P 1 21 1' 
_symmetry.pdbx_full_space_group_name_H-M   ? 
# 
_exptl.absorpt_coefficient_mu     ? 
_exptl.absorpt_correction_T_max   ? 
_exptl.absorpt_correction_T_min   ? 
_exptl.absorpt_correction_type    ? 
_exptl.absorpt_process_details    ? 
_exptl.entry_id                   5BZN 
_exptl.crystals_number            1 
_exptl.details                    ? 
_exptl.method                     'X-RAY DIFFRACTION' 
_exptl.method_details             ? 
# 
_exptl_crystal.colour                      ? 
_exptl_crystal.density_diffrn              ? 
_exptl_crystal.density_Matthews            2.16 
_exptl_crystal.density_method              ? 
_exptl_crystal.density_percent_sol         43.02 
_exptl_crystal.description                 ? 
_exptl_crystal.F_000                       ? 
_exptl_crystal.id                          1 
_exptl_crystal.preparation                 ? 
_exptl_crystal.size_max                    ? 
_exptl_crystal.size_mid                    ? 
_exptl_crystal.size_min                    ? 
_exptl_crystal.size_rad                    ? 
_exptl_crystal.colour_lustre               ? 
_exptl_crystal.colour_modifier             ? 
_exptl_crystal.colour_primary              ? 
_exptl_crystal.density_meas                ? 
_exptl_crystal.density_meas_esd            ? 
_exptl_crystal.density_meas_gt             ? 
_exptl_crystal.density_meas_lt             ? 
_exptl_crystal.density_meas_temp           ? 
_exptl_crystal.density_meas_temp_esd       ? 
_exptl_crystal.density_meas_temp_gt        ? 
_exptl_crystal.density_meas_temp_lt        ? 
_exptl_crystal.pdbx_crystal_image_url      ? 
_exptl_crystal.pdbx_crystal_image_format   ? 
_exptl_crystal.pdbx_mosaicity              ? 
_exptl_crystal.pdbx_mosaicity_esd          ? 
# 
_exptl_crystal_grow.apparatus       ? 
_exptl_crystal_grow.atmosphere      ? 
_exptl_crystal_grow.crystal_id      1 
_exptl_crystal_grow.details         ? 
_exptl_crystal_grow.method          'VAPOR DIFFUSION, HANGING DROP' 
_exptl_crystal_grow.method_ref      ? 
_exptl_crystal_grow.pH              6.5 
_exptl_crystal_grow.pressure        ? 
_exptl_crystal_grow.pressure_esd    ? 
_exptl_crystal_grow.seeding         ? 
_exptl_crystal_grow.seeding_ref     ? 
_exptl_crystal_grow.temp            298 
_exptl_crystal_grow.temp_details    ? 
_exptl_crystal_grow.temp_esd        ? 
_exptl_crystal_grow.time            ? 
_exptl_crystal_grow.pdbx_details    'PEG MME 5000, MES, (NH4)2SO4' 
_exptl_crystal_grow.pdbx_pH_range   ? 
# 
_diffrn.ambient_environment    ? 
_diffrn.ambient_temp           100 
_diffrn.ambient_temp_details   ? 
_diffrn.ambient_temp_esd       ? 
_diffrn.crystal_id             1 
_diffrn.crystal_support        ? 
_diffrn.crystal_treatment      ? 
_diffrn.details                ? 
_diffrn.id                     1 
_diffrn.ambient_pressure       ? 
_diffrn.ambient_pressure_esd   ? 
_diffrn.ambient_pressure_gt    ? 
_diffrn.ambient_pressure_lt    ? 
_diffrn.ambient_temp_gt        ? 
_diffrn.ambient_temp_lt        ? 
# 
_diffrn_detector.details                      ? 
_diffrn_detector.detector                     PIXEL 
_diffrn_detector.diffrn_id                    1 
_diffrn_detector.type                         'DECTRIS PILATUS 6M' 
_diffrn_detector.area_resol_mean              ? 
_diffrn_detector.dtime                        ? 
_diffrn_detector.pdbx_frames_total            ? 
_diffrn_detector.pdbx_collection_time_total   ? 
_diffrn_detector.pdbx_collection_date         2013-12-15 
# 
_diffrn_radiation.collimation                      ? 
_diffrn_radiation.diffrn_id                        1 
_diffrn_radiation.filter_edge                      ? 
_diffrn_radiation.inhomogeneity                    ? 
_diffrn_radiation.monochromator                    'Si(111)' 
_diffrn_radiation.polarisn_norm                    ? 
_diffrn_radiation.polarisn_ratio                   ? 
_diffrn_radiation.probe                            ? 
_diffrn_radiation.type                             ? 
_diffrn_radiation.xray_symbol                      ? 
_diffrn_radiation.wavelength_id                    1 
_diffrn_radiation.pdbx_monochromatic_or_laue_m_l   M 
_diffrn_radiation.pdbx_wavelength_list             ? 
_diffrn_radiation.pdbx_wavelength                  ? 
_diffrn_radiation.pdbx_diffrn_protocol             'SINGLE WAVELENGTH' 
_diffrn_radiation.pdbx_analyzer                    ? 
_diffrn_radiation.pdbx_scattering_type             x-ray 
# 
_diffrn_radiation_wavelength.id           1 
_diffrn_radiation_wavelength.wavelength   1.000 
_diffrn_radiation_wavelength.wt           1.0 
# 
_diffrn_source.current                     ? 
_diffrn_source.details                     ? 
_diffrn_source.diffrn_id                   1 
_diffrn_source.power                       ? 
_diffrn_source.size                        ? 
_diffrn_source.source                      SYNCHROTRON 
_diffrn_source.target                      ? 
_diffrn_source.type                        'APS BEAMLINE 17-ID' 
_diffrn_source.voltage                     ? 
_diffrn_source.take-off_angle              ? 
_diffrn_source.pdbx_wavelength_list        1.000 
_diffrn_source.pdbx_wavelength             ? 
_diffrn_source.pdbx_synchrotron_beamline   17-ID 
_diffrn_source.pdbx_synchrotron_site       APS 
# 
_reflns.B_iso_Wilson_estimate            ? 
_reflns.entry_id                         5BZN 
_reflns.data_reduction_details           ? 
_reflns.data_reduction_method            ? 
_reflns.d_resolution_high                1.230 
_reflns.d_resolution_low                 81.913 
_reflns.details                          ? 
_reflns.limit_h_max                      ? 
_reflns.limit_h_min                      ? 
_reflns.limit_k_max                      ? 
_reflns.limit_k_min                      ? 
_reflns.limit_l_max                      ? 
_reflns.limit_l_min                      ? 
_reflns.number_all                       ? 
_reflns.number_obs                       39606 
_reflns.observed_criterion               ? 
_reflns.observed_criterion_F_max         ? 
_reflns.observed_criterion_F_min         ? 
_reflns.observed_criterion_I_max         ? 
_reflns.observed_criterion_I_min         ? 
_reflns.observed_criterion_sigma_F       ? 
_reflns.observed_criterion_sigma_I       ? 
_reflns.percent_possible_obs             96.400 
_reflns.R_free_details                   ? 
_reflns.Rmerge_F_all                     ? 
_reflns.Rmerge_F_obs                     ? 
_reflns.Friedel_coverage                 ? 
_reflns.number_gt                        ? 
_reflns.threshold_expression             ? 
_reflns.pdbx_redundancy                  3.300 
_reflns.pdbx_Rmerge_I_obs                0.066 
_reflns.pdbx_Rmerge_I_all                ? 
_reflns.pdbx_Rsym_value                  ? 
_reflns.pdbx_netI_over_av_sigmaI         ? 
_reflns.pdbx_netI_over_sigmaI            11.0 
_reflns.pdbx_res_netI_over_av_sigmaI_2   ? 
_reflns.pdbx_res_netI_over_sigmaI_2      ? 
_reflns.pdbx_chi_squared                 ? 
_reflns.pdbx_scaling_rejects             ? 
_reflns.pdbx_d_res_high_opt              ? 
_reflns.pdbx_d_res_low_opt               ? 
_reflns.pdbx_d_res_opt_method            ? 
_reflns.phase_calculation_details        ? 
_reflns.pdbx_Rrim_I_all                  ? 
_reflns.pdbx_Rpim_I_all                  ? 
_reflns.pdbx_d_opt                       ? 
_reflns.pdbx_number_measured_all         128769 
_reflns.pdbx_diffrn_id                   1 
_reflns.pdbx_ordinal                     1 
_reflns.pdbx_CC_half                     ? 
_reflns.pdbx_R_split                     ? 
# 
loop_
_reflns_shell.d_res_high 
_reflns_shell.d_res_low 
_reflns_shell.meanI_over_sigI_all 
_reflns_shell.meanI_over_sigI_obs 
_reflns_shell.number_measured_all 
_reflns_shell.number_measured_obs 
_reflns_shell.number_possible 
_reflns_shell.number_unique_all 
_reflns_shell.number_unique_obs 
_reflns_shell.percent_possible_all 
_reflns_shell.percent_possible_obs 
_reflns_shell.Rmerge_F_all 
_reflns_shell.Rmerge_F_obs 
_reflns_shell.Rmerge_I_all 
_reflns_shell.Rmerge_I_obs 
_reflns_shell.meanI_over_sigI_gt 
_reflns_shell.meanI_over_uI_all 
_reflns_shell.meanI_over_uI_gt 
_reflns_shell.number_measured_gt 
_reflns_shell.number_unique_gt 
_reflns_shell.percent_possible_gt 
_reflns_shell.Rmerge_F_gt 
_reflns_shell.Rmerge_I_gt 
_reflns_shell.pdbx_redundancy 
_reflns_shell.pdbx_Rsym_value 
_reflns_shell.pdbx_chi_squared 
_reflns_shell.pdbx_netI_over_sigmaI_all 
_reflns_shell.pdbx_netI_over_sigmaI_obs 
_reflns_shell.pdbx_Rrim_I_all 
_reflns_shell.pdbx_Rpim_I_all 
_reflns_shell.pdbx_rejects 
_reflns_shell.pdbx_ordinal 
_reflns_shell.pdbx_diffrn_id 
_reflns_shell.pdbx_CC_half 
_reflns_shell.pdbx_R_split 
1.230 1.234  ? ? 981  ? ? 365 ? 86.700 ? ? ? ? 0.358 ? ? ? ? ? ? ? ? 2.700 ? ? ? ? ? ? 0 1 1 ? ? 
5.709 81.913 ? ? 1193 ? ? 416 ? 95.400 ? ? ? ? 0.039 ? ? ? ? ? ? ? ? 2.900 ? ? ? ? ? ? 0 2 1 ? ? 
# 
_refine.aniso_B[1][1]                            -0.2000 
_refine.aniso_B[1][2]                            -0.0000 
_refine.aniso_B[1][3]                            -0.1700 
_refine.aniso_B[2][2]                            -0.0000 
_refine.aniso_B[2][3]                            -0.0000 
_refine.aniso_B[3][3]                            0.0400 
_refine.B_iso_max                                39.370 
_refine.B_iso_mean                               13.4290 
_refine.B_iso_min                                3.190 
_refine.correlation_coeff_Fo_to_Fc               0.9650 
_refine.correlation_coeff_Fo_to_Fc_free          0.9520 
_refine.details                                  
'HYDROGENS HAVE BEEN ADDED IN THE RIDING POSITIONS U VALUES      : REFINED INDIVIDUALLY' 
_refine.diff_density_max                         ? 
_refine.diff_density_max_esd                     ? 
_refine.diff_density_min                         ? 
_refine.diff_density_min_esd                     ? 
_refine.diff_density_rms                         ? 
_refine.diff_density_rms_esd                     ? 
_refine.entry_id                                 5BZN 
_refine.pdbx_refine_id                           'X-RAY DIFFRACTION' 
_refine.ls_abs_structure_details                 ? 
_refine.ls_abs_structure_Flack                   ? 
_refine.ls_abs_structure_Flack_esd               ? 
_refine.ls_abs_structure_Rogers                  ? 
_refine.ls_abs_structure_Rogers_esd              ? 
_refine.ls_d_res_high                            1.2300 
_refine.ls_d_res_low                             40.9600 
_refine.ls_extinction_coef                       ? 
_refine.ls_extinction_coef_esd                   ? 
_refine.ls_extinction_expression                 ? 
_refine.ls_extinction_method                     ? 
_refine.ls_goodness_of_fit_all                   ? 
_refine.ls_goodness_of_fit_all_esd               ? 
_refine.ls_goodness_of_fit_obs                   ? 
_refine.ls_goodness_of_fit_obs_esd               ? 
_refine.ls_hydrogen_treatment                    ? 
_refine.ls_matrix_type                           ? 
_refine.ls_number_constraints                    ? 
_refine.ls_number_parameters                     ? 
_refine.ls_number_reflns_all                     ? 
_refine.ls_number_reflns_obs                     37322 
_refine.ls_number_reflns_R_free                  2022 
_refine.ls_number_reflns_R_work                  ? 
_refine.ls_number_restraints                     ? 
_refine.ls_percent_reflns_obs                    96.3900 
_refine.ls_percent_reflns_R_free                 5.1000 
_refine.ls_R_factor_all                          ? 
_refine.ls_R_factor_obs                          0.1797 
_refine.ls_R_factor_R_free                       0.1956 
_refine.ls_R_factor_R_free_error                 ? 
_refine.ls_R_factor_R_free_error_details         ? 
_refine.ls_R_factor_R_work                       0.1788 
_refine.ls_R_Fsqd_factor_obs                     ? 
_refine.ls_R_I_factor_obs                        ? 
_refine.ls_redundancy_reflns_all                 ? 
_refine.ls_redundancy_reflns_obs                 ? 
_refine.ls_restrained_S_all                      ? 
_refine.ls_restrained_S_obs                      ? 
_refine.ls_shift_over_esd_max                    ? 
_refine.ls_shift_over_esd_mean                   ? 
_refine.ls_structure_factor_coef                 ? 
_refine.ls_weighting_details                     ? 
_refine.ls_weighting_scheme                      ? 
_refine.ls_wR_factor_all                         ? 
_refine.ls_wR_factor_obs                         ? 
_refine.ls_wR_factor_R_free                      0.2092 
_refine.ls_wR_factor_R_work                      0.1952 
_refine.occupancy_max                            ? 
_refine.occupancy_min                            ? 
_refine.solvent_model_details                    MASK 
_refine.solvent_model_param_bsol                 ? 
_refine.solvent_model_param_ksol                 ? 
_refine.ls_R_factor_gt                           ? 
_refine.ls_goodness_of_fit_gt                    ? 
_refine.ls_goodness_of_fit_ref                   ? 
_refine.ls_shift_over_su_max                     ? 
_refine.ls_shift_over_su_max_lt                  ? 
_refine.ls_shift_over_su_mean                    ? 
_refine.ls_shift_over_su_mean_lt                 ? 
_refine.pdbx_ls_sigma_I                          ? 
_refine.pdbx_ls_sigma_F                          0.000 
_refine.pdbx_ls_sigma_Fsqd                       ? 
_refine.pdbx_data_cutoff_high_absF               ? 
_refine.pdbx_data_cutoff_high_rms_absF           ? 
_refine.pdbx_data_cutoff_low_absF                ? 
_refine.pdbx_isotropic_thermal_model             ? 
_refine.pdbx_ls_cross_valid_method               THROUGHOUT 
_refine.pdbx_method_to_determine_struct          'MOLECULAR REPLACEMENT' 
_refine.pdbx_starting_model                      ? 
_refine.pdbx_stereochemistry_target_values       'MAXIMUM LIKELIHOOD' 
_refine.pdbx_R_Free_selection_details            RANDOM 
_refine.pdbx_stereochem_target_val_spec_case     ? 
_refine.pdbx_overall_ESU_R                       0.0470 
_refine.pdbx_overall_ESU_R_Free                  0.0480 
_refine.pdbx_solvent_vdw_probe_radii             1.4000 
_refine.pdbx_solvent_ion_probe_radii             0.8000 
_refine.pdbx_solvent_shrinkage_radii             0.8000 
_refine.pdbx_real_space_R                        ? 
_refine.pdbx_density_correlation                 ? 
_refine.pdbx_pd_number_of_powder_patterns        ? 
_refine.pdbx_pd_number_of_points                 ? 
_refine.pdbx_pd_meas_number_of_points            ? 
_refine.pdbx_pd_proc_ls_prof_R_factor            ? 
_refine.pdbx_pd_proc_ls_prof_wR_factor           ? 
_refine.pdbx_pd_Marquardt_correlation_coeff      ? 
_refine.pdbx_pd_Fsqrd_R_factor                   ? 
_refine.pdbx_pd_ls_matrix_band_width             ? 
_refine.pdbx_overall_phase_error                 ? 
_refine.pdbx_overall_SU_R_free_Cruickshank_DPI   ? 
_refine.pdbx_overall_SU_R_free_Blow_DPI          ? 
_refine.pdbx_overall_SU_R_Blow_DPI               ? 
_refine.pdbx_TLS_residual_ADP_flag               ? 
_refine.pdbx_diffrn_id                           1 
_refine.overall_SU_B                             0.6410 
_refine.overall_SU_ML                            0.0290 
_refine.overall_SU_R_Cruickshank_DPI             0.0472 
_refine.overall_SU_R_free                        0.0477 
_refine.overall_FOM_free_R_set                   ? 
_refine.overall_FOM_work_R_set                   0.8928 
_refine.pdbx_average_fsc_overall                 ? 
_refine.pdbx_average_fsc_work                    ? 
_refine.pdbx_average_fsc_free                    ? 
# 
_refine_hist.cycle_id                         final 
_refine_hist.pdbx_refine_id                   'X-RAY DIFFRACTION' 
_refine_hist.d_res_high                       1.2300 
_refine_hist.d_res_low                        40.9600 
_refine_hist.pdbx_number_atoms_ligand         39 
_refine_hist.number_atoms_solvent             87 
_refine_hist.number_atoms_total               1297 
_refine_hist.pdbx_number_residues_total       150 
_refine_hist.pdbx_B_iso_mean_ligand           20.79 
_refine_hist.pdbx_B_iso_mean_solvent          20.69 
_refine_hist.pdbx_number_atoms_protein        1171 
_refine_hist.pdbx_number_atoms_nucleic_acid   0 
# 
loop_
_refine_ls_restr.pdbx_refine_id 
_refine_ls_restr.criterion 
_refine_ls_restr.dev_ideal 
_refine_ls_restr.dev_ideal_target 
_refine_ls_restr.number 
_refine_ls_restr.rejects 
_refine_ls_restr.type 
_refine_ls_restr.weight 
_refine_ls_restr.pdbx_restraint_function 
'X-RAY DIFFRACTION' ? 0.010  0.021  1333 ? r_bond_refined_d       ? ? 
'X-RAY DIFFRACTION' ? 1.350  1.966  1827 ? r_angle_refined_deg    ? ? 
'X-RAY DIFFRACTION' ? 7.046  5.000  168  ? r_dihedral_angle_1_deg ? ? 
'X-RAY DIFFRACTION' ? 34.597 24.063 64   ? r_dihedral_angle_2_deg ? ? 
'X-RAY DIFFRACTION' ? 11.077 15.000 205  ? r_dihedral_angle_3_deg ? ? 
'X-RAY DIFFRACTION' ? 17.235 15.000 9    ? r_dihedral_angle_4_deg ? ? 
'X-RAY DIFFRACTION' ? 0.092  0.200  197  ? r_chiral_restr         ? ? 
'X-RAY DIFFRACTION' ? 0.007  0.021  1047 ? r_gen_planes_refined   ? ? 
'X-RAY DIFFRACTION' ? 0.760  1.500  807  ? r_mcbond_it            ? ? 
'X-RAY DIFFRACTION' ? 1.409  2.000  1327 ? r_mcangle_it           ? ? 
'X-RAY DIFFRACTION' ? 2.112  3.000  526  ? r_scbond_it            ? ? 
'X-RAY DIFFRACTION' ? 3.338  4.500  500  ? r_scangle_it           ? ? 
# 
_refine_ls_shell.pdbx_refine_id                   'X-RAY DIFFRACTION' 
_refine_ls_shell.d_res_high                       1.2300 
_refine_ls_shell.d_res_low                        1.2620 
_refine_ls_shell.number_reflns_all                2546 
_refine_ls_shell.number_reflns_obs                ? 
_refine_ls_shell.number_reflns_R_free             145 
_refine_ls_shell.number_reflns_R_work             2401 
_refine_ls_shell.percent_reflns_obs               92.1100 
_refine_ls_shell.percent_reflns_R_free            ? 
_refine_ls_shell.R_factor_all                     ? 
_refine_ls_shell.R_factor_obs                     ? 
_refine_ls_shell.R_factor_R_free                  0.2560 
_refine_ls_shell.R_factor_R_free_error            ? 
_refine_ls_shell.R_factor_R_work                  0.2300 
_refine_ls_shell.redundancy_reflns_all            ? 
_refine_ls_shell.redundancy_reflns_obs            ? 
_refine_ls_shell.wR_factor_all                    ? 
_refine_ls_shell.wR_factor_obs                    ? 
_refine_ls_shell.wR_factor_R_free                 ? 
_refine_ls_shell.wR_factor_R_work                 ? 
_refine_ls_shell.pdbx_total_number_of_bins_used   20 
_refine_ls_shell.pdbx_phase_error                 ? 
_refine_ls_shell.pdbx_fsc_work                    ? 
_refine_ls_shell.pdbx_fsc_free                    ? 
# 
_struct.entry_id                     5BZN 
_struct.title                        'Crystal structure of the murine cd44 hyaluronan binding domain complex with a small molecule' 
_struct.pdbx_model_details           ? 
_struct.pdbx_formula_weight          ? 
_struct.pdbx_formula_weight_method   ? 
_struct.pdbx_model_type_details      ? 
_struct.pdbx_CASP_flag               ? 
# 
_struct_keywords.entry_id        5BZN 
_struct_keywords.text            'Link module, PROTEIN BINDING' 
_struct_keywords.pdbx_keywords   'PROTEIN BINDING' 
# 
loop_
_struct_asym.id 
_struct_asym.pdbx_blank_PDB_chainid_flag 
_struct_asym.pdbx_modified 
_struct_asym.entity_id 
_struct_asym.details 
A N N 1 ? 
B N N 2 ? 
C N N 3 ? 
D N N 3 ? 
E N N 4 ? 
F N N 5 ? 
# 
_struct_ref.id                         1 
_struct_ref.db_name                    UNP 
_struct_ref.db_code                    CD44_MOUSE 
_struct_ref.pdbx_db_accession          P15379 
_struct_ref.pdbx_db_isoform            ? 
_struct_ref.entity_id                  1 
_struct_ref.pdbx_seq_one_letter_code   
;HQQIDLNVTCRYAGVFHVEKNGRYSISRTEAADLCQAFNSTLPTMDQMKLALSKGFETCRYGFIEGNVVIPRIHPNAICA
ANHTGVYILVTSNTSHYDTYCFNASAPPEEDCTSVTDLPNSFDGPVTITIVNRDGTRYSKKGEYRTHQEDI
;
_struct_ref.pdbx_align_begin           21 
# 
_struct_ref_seq.align_id                      1 
_struct_ref_seq.ref_id                        1 
_struct_ref_seq.pdbx_PDB_id_code              5BZN 
_struct_ref_seq.pdbx_strand_id                A 
_struct_ref_seq.seq_align_beg                 1 
_struct_ref_seq.pdbx_seq_align_beg_ins_code   ? 
_struct_ref_seq.seq_align_end                 151 
_struct_ref_seq.pdbx_seq_align_end_ins_code   ? 
_struct_ref_seq.pdbx_db_accession             P15379 
_struct_ref_seq.db_align_beg                  21 
_struct_ref_seq.pdbx_db_align_beg_ins_code    ? 
_struct_ref_seq.db_align_end                  171 
_struct_ref_seq.pdbx_db_align_end_ins_code    ? 
_struct_ref_seq.pdbx_auth_seq_align_beg       23 
_struct_ref_seq.pdbx_auth_seq_align_end       173 
# 
loop_
_struct_ref_seq_dif.align_id 
_struct_ref_seq_dif.pdbx_pdb_id_code 
_struct_ref_seq_dif.mon_id 
_struct_ref_seq_dif.pdbx_pdb_strand_id 
_struct_ref_seq_dif.seq_num 
_struct_ref_seq_dif.pdbx_pdb_ins_code 
_struct_ref_seq_dif.pdbx_seq_db_name 
_struct_ref_seq_dif.pdbx_seq_db_accession_code 
_struct_ref_seq_dif.db_mon_id 
_struct_ref_seq_dif.pdbx_seq_db_seq_num 
_struct_ref_seq_dif.details 
_struct_ref_seq_dif.pdbx_auth_seq_num 
_struct_ref_seq_dif.pdbx_ordinal 
1 5BZN MET A 1 ? UNP P15379 HIS 21 'initiating methionine' 23 1 
1 5BZN ASN A 2 ? UNP P15379 GLN 22 'engineered mutation'   24 2 
# 
_pdbx_struct_assembly.id                   1 
_pdbx_struct_assembly.details              author_and_software_defined_assembly 
_pdbx_struct_assembly.method_details       PISA 
_pdbx_struct_assembly.oligomeric_details   monomeric 
_pdbx_struct_assembly.oligomeric_count     1 
# 
_pdbx_struct_assembly_gen.assembly_id       1 
_pdbx_struct_assembly_gen.oper_expression   1 
_pdbx_struct_assembly_gen.asym_id_list      A,B,C,D,E,F 
# 
_pdbx_struct_oper_list.id                   1 
_pdbx_struct_oper_list.type                 'identity operation' 
_pdbx_struct_oper_list.name                 1_555 
_pdbx_struct_oper_list.symmetry_operation   x,y,z 
_pdbx_struct_oper_list.matrix[1][1]         1.0000000000 
_pdbx_struct_oper_list.matrix[1][2]         0.0000000000 
_pdbx_struct_oper_list.matrix[1][3]         0.0000000000 
_pdbx_struct_oper_list.vector[1]            0.0000000000 
_pdbx_struct_oper_list.matrix[2][1]         0.0000000000 
_pdbx_struct_oper_list.matrix[2][2]         1.0000000000 
_pdbx_struct_oper_list.matrix[2][3]         0.0000000000 
_pdbx_struct_oper_list.vector[2]            0.0000000000 
_pdbx_struct_oper_list.matrix[3][1]         0.0000000000 
_pdbx_struct_oper_list.matrix[3][2]         0.0000000000 
_pdbx_struct_oper_list.matrix[3][3]         1.0000000000 
_pdbx_struct_oper_list.vector[3]            0.0000000000 
# 
loop_
_struct_conf.conf_type_id 
_struct_conf.id 
_struct_conf.pdbx_PDB_helix_id 
_struct_conf.beg_label_comp_id 
_struct_conf.beg_label_asym_id 
_struct_conf.beg_label_seq_id 
_struct_conf.pdbx_beg_PDB_ins_code 
_struct_conf.end_label_comp_id 
_struct_conf.end_label_asym_id 
_struct_conf.end_label_seq_id 
_struct_conf.pdbx_end_PDB_ins_code 
_struct_conf.beg_auth_comp_id 
_struct_conf.beg_auth_asym_id 
_struct_conf.beg_auth_seq_id 
_struct_conf.end_auth_comp_id 
_struct_conf.end_auth_asym_id 
_struct_conf.end_auth_seq_id 
_struct_conf.pdbx_PDB_helix_class 
_struct_conf.details 
_struct_conf.pdbx_PDB_helix_length 
HELX_P HELX_P1 AA1 SER A 27  ? PHE A 38  ? SER A 49  PHE A 60  1 ? 12 
HELX_P HELX_P2 AA2 THR A 44  ? LYS A 54  ? THR A 66  LYS A 76  1 ? 11 
HELX_P HELX_P3 AA3 CYS A 79  ? HIS A 83  ? CYS A 101 HIS A 105 5 ? 5  
HELX_P HELX_P4 AA4 HIS A 147 ? ILE A 151 ? HIS A 169 ILE A 173 5 ? 5  
# 
_struct_conf_type.id          HELX_P 
_struct_conf_type.criteria    ? 
_struct_conf_type.reference   ? 
# 
loop_
_struct_conn.id 
_struct_conn.conn_type_id 
_struct_conn.pdbx_leaving_atom_flag 
_struct_conn.pdbx_PDB_id 
_struct_conn.ptnr1_label_asym_id 
_struct_conn.ptnr1_label_comp_id 
_struct_conn.ptnr1_label_seq_id 
_struct_conn.ptnr1_label_atom_id 
_struct_conn.pdbx_ptnr1_label_alt_id 
_struct_conn.pdbx_ptnr1_PDB_ins_code 
_struct_conn.pdbx_ptnr1_standard_comp_id 
_struct_conn.ptnr1_symmetry 
_struct_conn.ptnr2_label_asym_id 
_struct_conn.ptnr2_label_comp_id 
_struct_conn.ptnr2_label_seq_id 
_struct_conn.ptnr2_label_atom_id 
_struct_conn.pdbx_ptnr2_label_alt_id 
_struct_conn.pdbx_ptnr2_PDB_ins_code 
_struct_conn.ptnr1_auth_asym_id 
_struct_conn.ptnr1_auth_comp_id 
_struct_conn.ptnr1_auth_seq_id 
_struct_conn.ptnr2_auth_asym_id 
_struct_conn.ptnr2_auth_comp_id 
_struct_conn.ptnr2_auth_seq_id 
_struct_conn.ptnr2_symmetry 
_struct_conn.pdbx_ptnr3_label_atom_id 
_struct_conn.pdbx_ptnr3_label_seq_id 
_struct_conn.pdbx_ptnr3_label_comp_id 
_struct_conn.pdbx_ptnr3_label_asym_id 
_struct_conn.pdbx_ptnr3_label_alt_id 
_struct_conn.pdbx_ptnr3_PDB_ins_code 
_struct_conn.details 
_struct_conn.pdbx_dist_value 
_struct_conn.pdbx_value_order 
_struct_conn.pdbx_role 
disulf1 disulf ? ? A CYS 10 SG ? ? ? 1_555 A CYS 112 SG ? ? A CYS 32 A CYS 134 1_555 ? ? ? ? ? ? ? 2.049 ? ? 
disulf2 disulf ? ? A CYS 35 SG ? ? ? 1_555 A CYS 101 SG ? ? A CYS 57 A CYS 123 1_555 ? ? ? ? ? ? ? 2.098 ? ? 
disulf3 disulf ? ? A CYS 59 SG ? ? ? 1_555 A CYS 79  SG ? ? A CYS 81 A CYS 101 1_555 ? ? ? ? ? ? ? 2.031 ? ? 
# 
_struct_conn_type.id          disulf 
_struct_conn_type.criteria    ? 
_struct_conn_type.reference   ? 
# 
loop_
_pdbx_modification_feature.ordinal 
_pdbx_modification_feature.label_comp_id 
_pdbx_modification_feature.label_asym_id 
_pdbx_modification_feature.label_seq_id 
_pdbx_modification_feature.label_alt_id 
_pdbx_modification_feature.modified_residue_label_comp_id 
_pdbx_modification_feature.modified_residue_label_asym_id 
_pdbx_modification_feature.modified_residue_label_seq_id 
_pdbx_modification_feature.modified_residue_label_alt_id 
_pdbx_modification_feature.auth_comp_id 
_pdbx_modification_feature.auth_asym_id 
_pdbx_modification_feature.auth_seq_id 
_pdbx_modification_feature.PDB_ins_code 
_pdbx_modification_feature.symmetry 
_pdbx_modification_feature.modified_residue_auth_comp_id 
_pdbx_modification_feature.modified_residue_auth_asym_id 
_pdbx_modification_feature.modified_residue_auth_seq_id 
_pdbx_modification_feature.modified_residue_PDB_ins_code 
_pdbx_modification_feature.modified_residue_symmetry 
_pdbx_modification_feature.comp_id_linking_atom 
_pdbx_modification_feature.modified_residue_id_linking_atom 
_pdbx_modification_feature.modified_residue_id 
_pdbx_modification_feature.ref_pcm_id 
_pdbx_modification_feature.ref_comp_id 
_pdbx_modification_feature.type 
_pdbx_modification_feature.category 
1 CYS A 10 ? CYS A 112 ? CYS A 32 ? 1_555 CYS A 134 ? 1_555 SG SG . . . None 'Disulfide bridge' 
2 CYS A 35 ? CYS A 101 ? CYS A 57 ? 1_555 CYS A 123 ? 1_555 SG SG . . . None 'Disulfide bridge' 
3 CYS A 59 ? CYS A 79  ? CYS A 81 ? 1_555 CYS A 101 ? 1_555 SG SG . . . None 'Disulfide bridge' 
# 
loop_
_struct_sheet.id 
_struct_sheet.type 
_struct_sheet.number_strands 
_struct_sheet.details 
AA1 ? 8 ? 
AA2 ? 2 ? 
# 
loop_
_struct_sheet_order.sheet_id 
_struct_sheet_order.range_id_1 
_struct_sheet_order.range_id_2 
_struct_sheet_order.offset 
_struct_sheet_order.sense 
AA1 1 2 ? anti-parallel 
AA1 2 3 ? anti-parallel 
AA1 3 4 ? parallel      
AA1 4 5 ? anti-parallel 
AA1 5 6 ? anti-parallel 
AA1 6 7 ? parallel      
AA1 7 8 ? anti-parallel 
AA2 1 2 ? anti-parallel 
# 
loop_
_struct_sheet_range.sheet_id 
_struct_sheet_range.id 
_struct_sheet_range.beg_label_comp_id 
_struct_sheet_range.beg_label_asym_id 
_struct_sheet_range.beg_label_seq_id 
_struct_sheet_range.pdbx_beg_PDB_ins_code 
_struct_sheet_range.end_label_comp_id 
_struct_sheet_range.end_label_asym_id 
_struct_sheet_range.end_label_seq_id 
_struct_sheet_range.pdbx_end_PDB_ins_code 
_struct_sheet_range.beg_auth_comp_id 
_struct_sheet_range.beg_auth_asym_id 
_struct_sheet_range.beg_auth_seq_id 
_struct_sheet_range.end_auth_comp_id 
_struct_sheet_range.end_auth_asym_id 
_struct_sheet_range.end_auth_seq_id 
AA1 1 GLY A 85  ? ILE A 88  ? GLY A 107 ILE A 110 
AA1 2 VAL A 68  ? ARG A 72  ? VAL A 90  ARG A 94  
AA1 3 GLY A 62  ? PHE A 63  ? GLY A 84  PHE A 85  
AA1 4 ASP A 98  ? PHE A 102 ? ASP A 120 PHE A 124 
AA1 5 VAL A 15  ? LYS A 20  ? VAL A 37  LYS A 42  
AA1 6 GLN A 3   ? VAL A 8   ? GLN A 25  VAL A 30  
AA1 7 PHE A 122 ? ASN A 132 ? PHE A 144 ASN A 154 
AA1 8 ARG A 137 ? GLU A 143 ? ARG A 159 GLU A 165 
AA2 1 ARG A 11  ? TYR A 12  ? ARG A 33  TYR A 34  
AA2 2 GLU A 110 ? ASP A 111 ? GLU A 132 ASP A 133 
# 
loop_
_pdbx_struct_sheet_hbond.sheet_id 
_pdbx_struct_sheet_hbond.range_id_1 
_pdbx_struct_sheet_hbond.range_id_2 
_pdbx_struct_sheet_hbond.range_1_label_atom_id 
_pdbx_struct_sheet_hbond.range_1_label_comp_id 
_pdbx_struct_sheet_hbond.range_1_label_asym_id 
_pdbx_struct_sheet_hbond.range_1_label_seq_id 
_pdbx_struct_sheet_hbond.range_1_PDB_ins_code 
_pdbx_struct_sheet_hbond.range_1_auth_atom_id 
_pdbx_struct_sheet_hbond.range_1_auth_comp_id 
_pdbx_struct_sheet_hbond.range_1_auth_asym_id 
_pdbx_struct_sheet_hbond.range_1_auth_seq_id 
_pdbx_struct_sheet_hbond.range_2_label_atom_id 
_pdbx_struct_sheet_hbond.range_2_label_comp_id 
_pdbx_struct_sheet_hbond.range_2_label_asym_id 
_pdbx_struct_sheet_hbond.range_2_label_seq_id 
_pdbx_struct_sheet_hbond.range_2_PDB_ins_code 
_pdbx_struct_sheet_hbond.range_2_auth_atom_id 
_pdbx_struct_sheet_hbond.range_2_auth_comp_id 
_pdbx_struct_sheet_hbond.range_2_auth_asym_id 
_pdbx_struct_sheet_hbond.range_2_auth_seq_id 
AA1 1 2 O GLY A 85  ? O GLY A 107 N ARG A 72  ? N ARG A 94  
AA1 2 3 O VAL A 69  ? O VAL A 91  N GLY A 62  ? N GLY A 84  
AA1 3 4 N PHE A 63  ? N PHE A 85  O TYR A 100 ? O TYR A 122 
AA1 4 5 O THR A 99  ? O THR A 121 N VAL A 18  ? N VAL A 40  
AA1 5 6 O GLU A 19  ? O GLU A 41  N ASN A 7   ? N ASN A 29  
AA1 6 7 N LEU A 6   ? N LEU A 28  O THR A 129 ? O THR A 151 
AA1 7 8 N ILE A 128 ? N ILE A 150 O LYS A 140 ? O LYS A 162 
AA2 1 2 N ARG A 11  ? N ARG A 33  O ASP A 111 ? O ASP A 133 
# 
loop_
_struct_site.id 
_struct_site.pdbx_evidence_code 
_struct_site.pdbx_auth_asym_id 
_struct_site.pdbx_auth_comp_id 
_struct_site.pdbx_auth_seq_id 
_struct_site.pdbx_auth_ins_code 
_struct_site.pdbx_num_residues 
_struct_site.details 
AC1 Software A DMS 201 ? 9  'binding site for residue DMS A 201' 
AC2 Software A 4XD 202 ? 10 'binding site for residue 4XD A 202' 
AC3 Software A 4XD 203 ? 4  'binding site for residue 4XD A 203' 
AC4 Software A SO4 204 ? 5  'binding site for residue SO4 A 204' 
# 
loop_
_struct_site_gen.id 
_struct_site_gen.site_id 
_struct_site_gen.pdbx_num_res 
_struct_site_gen.label_comp_id 
_struct_site_gen.label_asym_id 
_struct_site_gen.label_seq_id 
_struct_site_gen.pdbx_auth_ins_code 
_struct_site_gen.auth_comp_id 
_struct_site_gen.auth_asym_id 
_struct_site_gen.auth_seq_id 
_struct_site_gen.label_atom_id 
_struct_site_gen.label_alt_id 
_struct_site_gen.symmetry 
_struct_site_gen.details 
1  AC1 9  CYS A 10  ? CYS A 32  . ? 1_555 ? 
2  AC1 9  ASN A 67  ? ASN A 89  . ? 1_554 ? 
3  AC1 9  CYS A 112 ? CYS A 134 . ? 1_555 ? 
4  AC1 9  THR A 113 ? THR A 135 . ? 1_555 ? 
5  AC1 9  SER A 114 ? SER A 136 . ? 1_555 ? 
6  AC1 9  ARG A 133 ? ARG A 155 . ? 1_555 ? 
7  AC1 9  ASP A 134 ? ASP A 156 . ? 1_555 ? 
8  AC1 9  HOH F .   ? HOH A 313 . ? 1_554 ? 
9  AC1 9  HOH F .   ? HOH A 323 . ? 1_555 ? 
10 AC2 10 ASN A 7   ? ASN A 29  . ? 1_555 ? 
11 AC2 10 VAL A 8   ? VAL A 30  . ? 1_555 ? 
12 AC2 10 HIS A 17  ? HIS A 39  . ? 1_555 ? 
13 AC2 10 GLU A 19  ? GLU A 41  . ? 1_555 ? 
14 AC2 10 ASP A 46  ? ASP A 68  . ? 1_655 ? 
15 AC2 10 VAL A 131 ? VAL A 153 . ? 1_555 ? 
16 AC2 10 ASN A 132 ? ASN A 154 . ? 1_555 ? 
17 AC2 10 ARG A 133 ? ARG A 155 . ? 1_555 ? 
18 AC2 10 HOH F .   ? HOH A 349 . ? 1_555 ? 
19 AC2 10 HOH F .   ? HOH A 361 . ? 1_555 ? 
20 AC3 4  ASP A 123 ? ASP A 145 . ? 1_555 ? 
21 AC3 4  GLY A 124 ? GLY A 146 . ? 1_555 ? 
22 AC3 4  PRO A 125 ? PRO A 147 . ? 1_555 ? 
23 AC3 4  HOH F .   ? HOH A 320 . ? 1_555 ? 
24 AC4 5  ARG A 11  ? ARG A 33  . ? 1_555 ? 
25 AC4 5  PHE A 16  ? PHE A 38  . ? 1_555 ? 
26 AC4 5  PHE A 38  ? PHE A 60  . ? 1_555 ? 
27 AC4 5  ASN A 103 ? ASN A 125 . ? 1_555 ? 
28 AC4 5  VAL A 115 ? VAL A 137 . ? 1_555 ? 
# 
_pdbx_entry_details.entry_id                   5BZN 
_pdbx_entry_details.compound_details           ? 
_pdbx_entry_details.source_details             ? 
_pdbx_entry_details.nonpolymer_details         ? 
_pdbx_entry_details.sequence_details           ? 
_pdbx_entry_details.has_ligand_of_interest     ? 
_pdbx_entry_details.has_protein_modification   Y 
# 
loop_
_pdbx_validate_close_contact.id 
_pdbx_validate_close_contact.PDB_model_num 
_pdbx_validate_close_contact.auth_atom_id_1 
_pdbx_validate_close_contact.auth_asym_id_1 
_pdbx_validate_close_contact.auth_comp_id_1 
_pdbx_validate_close_contact.auth_seq_id_1 
_pdbx_validate_close_contact.PDB_ins_code_1 
_pdbx_validate_close_contact.label_alt_id_1 
_pdbx_validate_close_contact.auth_atom_id_2 
_pdbx_validate_close_contact.auth_asym_id_2 
_pdbx_validate_close_contact.auth_comp_id_2 
_pdbx_validate_close_contact.auth_seq_id_2 
_pdbx_validate_close_contact.PDB_ins_code_2 
_pdbx_validate_close_contact.label_alt_id_2 
_pdbx_validate_close_contact.dist 
1 1 OD2 A ASP 145 ? ? CAE A 4XD 203 ? ? 2.17 
2 1 OD2 A ASP 68  ? A O   A HOH 301 ? ? 2.19 
# 
_pdbx_validate_symm_contact.id                1 
_pdbx_validate_symm_contact.PDB_model_num     1 
_pdbx_validate_symm_contact.auth_atom_id_1    O 
_pdbx_validate_symm_contact.auth_asym_id_1    A 
_pdbx_validate_symm_contact.auth_comp_id_1    HOH 
_pdbx_validate_symm_contact.auth_seq_id_1     303 
_pdbx_validate_symm_contact.PDB_ins_code_1    ? 
_pdbx_validate_symm_contact.label_alt_id_1    ? 
_pdbx_validate_symm_contact.site_symmetry_1   1_555 
_pdbx_validate_symm_contact.auth_atom_id_2    O 
_pdbx_validate_symm_contact.auth_asym_id_2    A 
_pdbx_validate_symm_contact.auth_comp_id_2    HOH 
_pdbx_validate_symm_contact.auth_seq_id_2     382 
_pdbx_validate_symm_contact.PDB_ins_code_2    ? 
_pdbx_validate_symm_contact.label_alt_id_2    ? 
_pdbx_validate_symm_contact.site_symmetry_2   1_655 
_pdbx_validate_symm_contact.dist              2.01 
# 
loop_
_pdbx_validate_torsion.id 
_pdbx_validate_torsion.PDB_model_num 
_pdbx_validate_torsion.auth_comp_id 
_pdbx_validate_torsion.auth_asym_id 
_pdbx_validate_torsion.auth_seq_id 
_pdbx_validate_torsion.PDB_ins_code 
_pdbx_validate_torsion.label_alt_id 
_pdbx_validate_torsion.phi 
_pdbx_validate_torsion.psi 
1 1 CYS A 32  ? ? -47.45  152.13  
2 1 TYR A 46  ? B -64.53  81.30   
3 1 SER A 47  ? ? -156.01 16.49   
4 1 GLU A 131 ? ? -115.05 -131.76 
# 
_phasing.method   MR 
# 
_pdbx_unobs_or_zero_occ_residues.id               1 
_pdbx_unobs_or_zero_occ_residues.PDB_model_num    1 
_pdbx_unobs_or_zero_occ_residues.polymer_flag     Y 
_pdbx_unobs_or_zero_occ_residues.occupancy_flag   1 
_pdbx_unobs_or_zero_occ_residues.auth_asym_id     A 
_pdbx_unobs_or_zero_occ_residues.auth_comp_id     MET 
_pdbx_unobs_or_zero_occ_residues.auth_seq_id      23 
_pdbx_unobs_or_zero_occ_residues.PDB_ins_code     ? 
_pdbx_unobs_or_zero_occ_residues.label_asym_id    A 
_pdbx_unobs_or_zero_occ_residues.label_comp_id    MET 
_pdbx_unobs_or_zero_occ_residues.label_seq_id     1 
# 
loop_
_chem_comp_atom.comp_id 
_chem_comp_atom.atom_id 
_chem_comp_atom.type_symbol 
_chem_comp_atom.pdbx_aromatic_flag 
_chem_comp_atom.pdbx_stereo_config 
_chem_comp_atom.pdbx_ordinal 
4XD CAI  C N N 1   
4XD CAG  C N N 2   
4XD CAM  C Y N 3   
4XD CAE  C Y N 4   
4XD CAC  C Y N 5   
4XD CAD  C Y N 6   
4XD CAL  C Y N 7   
4XD NAB  N N N 8   
4XD CAN  C Y N 9   
4XD CAJ  C N N 10  
4XD NAO  N N N 11  
4XD CAH  C N N 12  
4XD CAF  C N N 13  
4XD OAK  O N N 14  
4XD CAA  C N N 15  
4XD H1   H N N 16  
4XD H2   H N N 17  
4XD H3   H N N 18  
4XD H4   H N N 19  
4XD H5   H N N 20  
4XD H6   H N N 21  
4XD H7   H N N 22  
4XD H8   H N N 23  
4XD H9   H N N 24  
4XD H10  H N N 25  
4XD H11  H N N 26  
4XD H13  H N N 27  
4XD H14  H N N 28  
4XD H15  H N N 29  
4XD H16  H N N 30  
4XD H17  H N N 31  
4XD H18  H N N 32  
4XD H19  H N N 33  
ALA N    N N N 34  
ALA CA   C N S 35  
ALA C    C N N 36  
ALA O    O N N 37  
ALA CB   C N N 38  
ALA OXT  O N N 39  
ALA H    H N N 40  
ALA H2   H N N 41  
ALA HA   H N N 42  
ALA HB1  H N N 43  
ALA HB2  H N N 44  
ALA HB3  H N N 45  
ALA HXT  H N N 46  
ARG N    N N N 47  
ARG CA   C N S 48  
ARG C    C N N 49  
ARG O    O N N 50  
ARG CB   C N N 51  
ARG CG   C N N 52  
ARG CD   C N N 53  
ARG NE   N N N 54  
ARG CZ   C N N 55  
ARG NH1  N N N 56  
ARG NH2  N N N 57  
ARG OXT  O N N 58  
ARG H    H N N 59  
ARG H2   H N N 60  
ARG HA   H N N 61  
ARG HB2  H N N 62  
ARG HB3  H N N 63  
ARG HG2  H N N 64  
ARG HG3  H N N 65  
ARG HD2  H N N 66  
ARG HD3  H N N 67  
ARG HE   H N N 68  
ARG HH11 H N N 69  
ARG HH12 H N N 70  
ARG HH21 H N N 71  
ARG HH22 H N N 72  
ARG HXT  H N N 73  
ASN N    N N N 74  
ASN CA   C N S 75  
ASN C    C N N 76  
ASN O    O N N 77  
ASN CB   C N N 78  
ASN CG   C N N 79  
ASN OD1  O N N 80  
ASN ND2  N N N 81  
ASN OXT  O N N 82  
ASN H    H N N 83  
ASN H2   H N N 84  
ASN HA   H N N 85  
ASN HB2  H N N 86  
ASN HB3  H N N 87  
ASN HD21 H N N 88  
ASN HD22 H N N 89  
ASN HXT  H N N 90  
ASP N    N N N 91  
ASP CA   C N S 92  
ASP C    C N N 93  
ASP O    O N N 94  
ASP CB   C N N 95  
ASP CG   C N N 96  
ASP OD1  O N N 97  
ASP OD2  O N N 98  
ASP OXT  O N N 99  
ASP H    H N N 100 
ASP H2   H N N 101 
ASP HA   H N N 102 
ASP HB2  H N N 103 
ASP HB3  H N N 104 
ASP HD2  H N N 105 
ASP HXT  H N N 106 
CYS N    N N N 107 
CYS CA   C N R 108 
CYS C    C N N 109 
CYS O    O N N 110 
CYS CB   C N N 111 
CYS SG   S N N 112 
CYS OXT  O N N 113 
CYS H    H N N 114 
CYS H2   H N N 115 
CYS HA   H N N 116 
CYS HB2  H N N 117 
CYS HB3  H N N 118 
CYS HG   H N N 119 
CYS HXT  H N N 120 
DMS S    S N N 121 
DMS O    O N N 122 
DMS C1   C N N 123 
DMS C2   C N N 124 
DMS H11  H N N 125 
DMS H12  H N N 126 
DMS H13  H N N 127 
DMS H21  H N N 128 
DMS H22  H N N 129 
DMS H23  H N N 130 
GLN N    N N N 131 
GLN CA   C N S 132 
GLN C    C N N 133 
GLN O    O N N 134 
GLN CB   C N N 135 
GLN CG   C N N 136 
GLN CD   C N N 137 
GLN OE1  O N N 138 
GLN NE2  N N N 139 
GLN OXT  O N N 140 
GLN H    H N N 141 
GLN H2   H N N 142 
GLN HA   H N N 143 
GLN HB2  H N N 144 
GLN HB3  H N N 145 
GLN HG2  H N N 146 
GLN HG3  H N N 147 
GLN HE21 H N N 148 
GLN HE22 H N N 149 
GLN HXT  H N N 150 
GLU N    N N N 151 
GLU CA   C N S 152 
GLU C    C N N 153 
GLU O    O N N 154 
GLU CB   C N N 155 
GLU CG   C N N 156 
GLU CD   C N N 157 
GLU OE1  O N N 158 
GLU OE2  O N N 159 
GLU OXT  O N N 160 
GLU H    H N N 161 
GLU H2   H N N 162 
GLU HA   H N N 163 
GLU HB2  H N N 164 
GLU HB3  H N N 165 
GLU HG2  H N N 166 
GLU HG3  H N N 167 
GLU HE2  H N N 168 
GLU HXT  H N N 169 
GLY N    N N N 170 
GLY CA   C N N 171 
GLY C    C N N 172 
GLY O    O N N 173 
GLY OXT  O N N 174 
GLY H    H N N 175 
GLY H2   H N N 176 
GLY HA2  H N N 177 
GLY HA3  H N N 178 
GLY HXT  H N N 179 
HIS N    N N N 180 
HIS CA   C N S 181 
HIS C    C N N 182 
HIS O    O N N 183 
HIS CB   C N N 184 
HIS CG   C Y N 185 
HIS ND1  N Y N 186 
HIS CD2  C Y N 187 
HIS CE1  C Y N 188 
HIS NE2  N Y N 189 
HIS OXT  O N N 190 
HIS H    H N N 191 
HIS H2   H N N 192 
HIS HA   H N N 193 
HIS HB2  H N N 194 
HIS HB3  H N N 195 
HIS HD1  H N N 196 
HIS HD2  H N N 197 
HIS HE1  H N N 198 
HIS HE2  H N N 199 
HIS HXT  H N N 200 
HOH O    O N N 201 
HOH H1   H N N 202 
HOH H2   H N N 203 
ILE N    N N N 204 
ILE CA   C N S 205 
ILE C    C N N 206 
ILE O    O N N 207 
ILE CB   C N S 208 
ILE CG1  C N N 209 
ILE CG2  C N N 210 
ILE CD1  C N N 211 
ILE OXT  O N N 212 
ILE H    H N N 213 
ILE H2   H N N 214 
ILE HA   H N N 215 
ILE HB   H N N 216 
ILE HG12 H N N 217 
ILE HG13 H N N 218 
ILE HG21 H N N 219 
ILE HG22 H N N 220 
ILE HG23 H N N 221 
ILE HD11 H N N 222 
ILE HD12 H N N 223 
ILE HD13 H N N 224 
ILE HXT  H N N 225 
LEU N    N N N 226 
LEU CA   C N S 227 
LEU C    C N N 228 
LEU O    O N N 229 
LEU CB   C N N 230 
LEU CG   C N N 231 
LEU CD1  C N N 232 
LEU CD2  C N N 233 
LEU OXT  O N N 234 
LEU H    H N N 235 
LEU H2   H N N 236 
LEU HA   H N N 237 
LEU HB2  H N N 238 
LEU HB3  H N N 239 
LEU HG   H N N 240 
LEU HD11 H N N 241 
LEU HD12 H N N 242 
LEU HD13 H N N 243 
LEU HD21 H N N 244 
LEU HD22 H N N 245 
LEU HD23 H N N 246 
LEU HXT  H N N 247 
LYS N    N N N 248 
LYS CA   C N S 249 
LYS C    C N N 250 
LYS O    O N N 251 
LYS CB   C N N 252 
LYS CG   C N N 253 
LYS CD   C N N 254 
LYS CE   C N N 255 
LYS NZ   N N N 256 
LYS OXT  O N N 257 
LYS H    H N N 258 
LYS H2   H N N 259 
LYS HA   H N N 260 
LYS HB2  H N N 261 
LYS HB3  H N N 262 
LYS HG2  H N N 263 
LYS HG3  H N N 264 
LYS HD2  H N N 265 
LYS HD3  H N N 266 
LYS HE2  H N N 267 
LYS HE3  H N N 268 
LYS HZ1  H N N 269 
LYS HZ2  H N N 270 
LYS HZ3  H N N 271 
LYS HXT  H N N 272 
MET N    N N N 273 
MET CA   C N S 274 
MET C    C N N 275 
MET O    O N N 276 
MET CB   C N N 277 
MET CG   C N N 278 
MET SD   S N N 279 
MET CE   C N N 280 
MET OXT  O N N 281 
MET H    H N N 282 
MET H2   H N N 283 
MET HA   H N N 284 
MET HB2  H N N 285 
MET HB3  H N N 286 
MET HG2  H N N 287 
MET HG3  H N N 288 
MET HE1  H N N 289 
MET HE2  H N N 290 
MET HE3  H N N 291 
MET HXT  H N N 292 
PHE N    N N N 293 
PHE CA   C N S 294 
PHE C    C N N 295 
PHE O    O N N 296 
PHE CB   C N N 297 
PHE CG   C Y N 298 
PHE CD1  C Y N 299 
PHE CD2  C Y N 300 
PHE CE1  C Y N 301 
PHE CE2  C Y N 302 
PHE CZ   C Y N 303 
PHE OXT  O N N 304 
PHE H    H N N 305 
PHE H2   H N N 306 
PHE HA   H N N 307 
PHE HB2  H N N 308 
PHE HB3  H N N 309 
PHE HD1  H N N 310 
PHE HD2  H N N 311 
PHE HE1  H N N 312 
PHE HE2  H N N 313 
PHE HZ   H N N 314 
PHE HXT  H N N 315 
PRO N    N N N 316 
PRO CA   C N S 317 
PRO C    C N N 318 
PRO O    O N N 319 
PRO CB   C N N 320 
PRO CG   C N N 321 
PRO CD   C N N 322 
PRO OXT  O N N 323 
PRO H    H N N 324 
PRO HA   H N N 325 
PRO HB2  H N N 326 
PRO HB3  H N N 327 
PRO HG2  H N N 328 
PRO HG3  H N N 329 
PRO HD2  H N N 330 
PRO HD3  H N N 331 
PRO HXT  H N N 332 
SER N    N N N 333 
SER CA   C N S 334 
SER C    C N N 335 
SER O    O N N 336 
SER CB   C N N 337 
SER OG   O N N 338 
SER OXT  O N N 339 
SER H    H N N 340 
SER H2   H N N 341 
SER HA   H N N 342 
SER HB2  H N N 343 
SER HB3  H N N 344 
SER HG   H N N 345 
SER HXT  H N N 346 
SO4 S    S N N 347 
SO4 O1   O N N 348 
SO4 O2   O N N 349 
SO4 O3   O N N 350 
SO4 O4   O N N 351 
THR N    N N N 352 
THR CA   C N S 353 
THR C    C N N 354 
THR O    O N N 355 
THR CB   C N R 356 
THR OG1  O N N 357 
THR CG2  C N N 358 
THR OXT  O N N 359 
THR H    H N N 360 
THR H2   H N N 361 
THR HA   H N N 362 
THR HB   H N N 363 
THR HG1  H N N 364 
THR HG21 H N N 365 
THR HG22 H N N 366 
THR HG23 H N N 367 
THR HXT  H N N 368 
TYR N    N N N 369 
TYR CA   C N S 370 
TYR C    C N N 371 
TYR O    O N N 372 
TYR CB   C N N 373 
TYR CG   C Y N 374 
TYR CD1  C Y N 375 
TYR CD2  C Y N 376 
TYR CE1  C Y N 377 
TYR CE2  C Y N 378 
TYR CZ   C Y N 379 
TYR OH   O N N 380 
TYR OXT  O N N 381 
TYR H    H N N 382 
TYR H2   H N N 383 
TYR HA   H N N 384 
TYR HB2  H N N 385 
TYR HB3  H N N 386 
TYR HD1  H N N 387 
TYR HD2  H N N 388 
TYR HE1  H N N 389 
TYR HE2  H N N 390 
TYR HH   H N N 391 
TYR HXT  H N N 392 
VAL N    N N N 393 
VAL CA   C N S 394 
VAL C    C N N 395 
VAL O    O N N 396 
VAL CB   C N N 397 
VAL CG1  C N N 398 
VAL CG2  C N N 399 
VAL OXT  O N N 400 
VAL H    H N N 401 
VAL H2   H N N 402 
VAL HA   H N N 403 
VAL HB   H N N 404 
VAL HG11 H N N 405 
VAL HG12 H N N 406 
VAL HG13 H N N 407 
VAL HG21 H N N 408 
VAL HG22 H N N 409 
VAL HG23 H N N 410 
VAL HXT  H N N 411 
# 
loop_
_chem_comp_bond.comp_id 
_chem_comp_bond.atom_id_1 
_chem_comp_bond.atom_id_2 
_chem_comp_bond.value_order 
_chem_comp_bond.pdbx_aromatic_flag 
_chem_comp_bond.pdbx_stereo_config 
_chem_comp_bond.pdbx_ordinal 
4XD CAD CAC  doub Y N 1   
4XD CAD CAL  sing Y N 2   
4XD CAC CAE  sing Y N 3   
4XD NAB CAL  sing N N 4   
4XD CAL CAN  doub Y N 5   
4XD CAE CAM  doub Y N 6   
4XD CAN CAM  sing Y N 7   
4XD CAN CAJ  sing N N 8   
4XD CAM CAG  sing N N 9   
4XD CAJ NAO  sing N N 10  
4XD CAG CAI  sing N N 11  
4XD CAI NAO  sing N N 12  
4XD OAK CAA  sing N N 13  
4XD OAK CAF  sing N N 14  
4XD NAO CAH  sing N N 15  
4XD CAH CAF  sing N N 16  
4XD CAI H1   sing N N 17  
4XD CAI H2   sing N N 18  
4XD CAG H3   sing N N 19  
4XD CAG H4   sing N N 20  
4XD CAE H5   sing N N 21  
4XD CAC H6   sing N N 22  
4XD CAD H7   sing N N 23  
4XD NAB H8   sing N N 24  
4XD NAB H9   sing N N 25  
4XD CAJ H10  sing N N 26  
4XD CAJ H11  sing N N 27  
4XD CAH H13  sing N N 28  
4XD CAH H14  sing N N 29  
4XD CAF H15  sing N N 30  
4XD CAF H16  sing N N 31  
4XD CAA H17  sing N N 32  
4XD CAA H18  sing N N 33  
4XD CAA H19  sing N N 34  
ALA N   CA   sing N N 35  
ALA N   H    sing N N 36  
ALA N   H2   sing N N 37  
ALA CA  C    sing N N 38  
ALA CA  CB   sing N N 39  
ALA CA  HA   sing N N 40  
ALA C   O    doub N N 41  
ALA C   OXT  sing N N 42  
ALA CB  HB1  sing N N 43  
ALA CB  HB2  sing N N 44  
ALA CB  HB3  sing N N 45  
ALA OXT HXT  sing N N 46  
ARG N   CA   sing N N 47  
ARG N   H    sing N N 48  
ARG N   H2   sing N N 49  
ARG CA  C    sing N N 50  
ARG CA  CB   sing N N 51  
ARG CA  HA   sing N N 52  
ARG C   O    doub N N 53  
ARG C   OXT  sing N N 54  
ARG CB  CG   sing N N 55  
ARG CB  HB2  sing N N 56  
ARG CB  HB3  sing N N 57  
ARG CG  CD   sing N N 58  
ARG CG  HG2  sing N N 59  
ARG CG  HG3  sing N N 60  
ARG CD  NE   sing N N 61  
ARG CD  HD2  sing N N 62  
ARG CD  HD3  sing N N 63  
ARG NE  CZ   sing N N 64  
ARG NE  HE   sing N N 65  
ARG CZ  NH1  sing N N 66  
ARG CZ  NH2  doub N N 67  
ARG NH1 HH11 sing N N 68  
ARG NH1 HH12 sing N N 69  
ARG NH2 HH21 sing N N 70  
ARG NH2 HH22 sing N N 71  
ARG OXT HXT  sing N N 72  
ASN N   CA   sing N N 73  
ASN N   H    sing N N 74  
ASN N   H2   sing N N 75  
ASN CA  C    sing N N 76  
ASN CA  CB   sing N N 77  
ASN CA  HA   sing N N 78  
ASN C   O    doub N N 79  
ASN C   OXT  sing N N 80  
ASN CB  CG   sing N N 81  
ASN CB  HB2  sing N N 82  
ASN CB  HB3  sing N N 83  
ASN CG  OD1  doub N N 84  
ASN CG  ND2  sing N N 85  
ASN ND2 HD21 sing N N 86  
ASN ND2 HD22 sing N N 87  
ASN OXT HXT  sing N N 88  
ASP N   CA   sing N N 89  
ASP N   H    sing N N 90  
ASP N   H2   sing N N 91  
ASP CA  C    sing N N 92  
ASP CA  CB   sing N N 93  
ASP CA  HA   sing N N 94  
ASP C   O    doub N N 95  
ASP C   OXT  sing N N 96  
ASP CB  CG   sing N N 97  
ASP CB  HB2  sing N N 98  
ASP CB  HB3  sing N N 99  
ASP CG  OD1  doub N N 100 
ASP CG  OD2  sing N N 101 
ASP OD2 HD2  sing N N 102 
ASP OXT HXT  sing N N 103 
CYS N   CA   sing N N 104 
CYS N   H    sing N N 105 
CYS N   H2   sing N N 106 
CYS CA  C    sing N N 107 
CYS CA  CB   sing N N 108 
CYS CA  HA   sing N N 109 
CYS C   O    doub N N 110 
CYS C   OXT  sing N N 111 
CYS CB  SG   sing N N 112 
CYS CB  HB2  sing N N 113 
CYS CB  HB3  sing N N 114 
CYS SG  HG   sing N N 115 
CYS OXT HXT  sing N N 116 
DMS S   O    doub N N 117 
DMS S   C1   sing N N 118 
DMS S   C2   sing N N 119 
DMS C1  H11  sing N N 120 
DMS C1  H12  sing N N 121 
DMS C1  H13  sing N N 122 
DMS C2  H21  sing N N 123 
DMS C2  H22  sing N N 124 
DMS C2  H23  sing N N 125 
GLN N   CA   sing N N 126 
GLN N   H    sing N N 127 
GLN N   H2   sing N N 128 
GLN CA  C    sing N N 129 
GLN CA  CB   sing N N 130 
GLN CA  HA   sing N N 131 
GLN C   O    doub N N 132 
GLN C   OXT  sing N N 133 
GLN CB  CG   sing N N 134 
GLN CB  HB2  sing N N 135 
GLN CB  HB3  sing N N 136 
GLN CG  CD   sing N N 137 
GLN CG  HG2  sing N N 138 
GLN CG  HG3  sing N N 139 
GLN CD  OE1  doub N N 140 
GLN CD  NE2  sing N N 141 
GLN NE2 HE21 sing N N 142 
GLN NE2 HE22 sing N N 143 
GLN OXT HXT  sing N N 144 
GLU N   CA   sing N N 145 
GLU N   H    sing N N 146 
GLU N   H2   sing N N 147 
GLU CA  C    sing N N 148 
GLU CA  CB   sing N N 149 
GLU CA  HA   sing N N 150 
GLU C   O    doub N N 151 
GLU C   OXT  sing N N 152 
GLU CB  CG   sing N N 153 
GLU CB  HB2  sing N N 154 
GLU CB  HB3  sing N N 155 
GLU CG  CD   sing N N 156 
GLU CG  HG2  sing N N 157 
GLU CG  HG3  sing N N 158 
GLU CD  OE1  doub N N 159 
GLU CD  OE2  sing N N 160 
GLU OE2 HE2  sing N N 161 
GLU OXT HXT  sing N N 162 
GLY N   CA   sing N N 163 
GLY N   H    sing N N 164 
GLY N   H2   sing N N 165 
GLY CA  C    sing N N 166 
GLY CA  HA2  sing N N 167 
GLY CA  HA3  sing N N 168 
GLY C   O    doub N N 169 
GLY C   OXT  sing N N 170 
GLY OXT HXT  sing N N 171 
HIS N   CA   sing N N 172 
HIS N   H    sing N N 173 
HIS N   H2   sing N N 174 
HIS CA  C    sing N N 175 
HIS CA  CB   sing N N 176 
HIS CA  HA   sing N N 177 
HIS C   O    doub N N 178 
HIS C   OXT  sing N N 179 
HIS CB  CG   sing N N 180 
HIS CB  HB2  sing N N 181 
HIS CB  HB3  sing N N 182 
HIS CG  ND1  sing Y N 183 
HIS CG  CD2  doub Y N 184 
HIS ND1 CE1  doub Y N 185 
HIS ND1 HD1  sing N N 186 
HIS CD2 NE2  sing Y N 187 
HIS CD2 HD2  sing N N 188 
HIS CE1 NE2  sing Y N 189 
HIS CE1 HE1  sing N N 190 
HIS NE2 HE2  sing N N 191 
HIS OXT HXT  sing N N 192 
HOH O   H1   sing N N 193 
HOH O   H2   sing N N 194 
ILE N   CA   sing N N 195 
ILE N   H    sing N N 196 
ILE N   H2   sing N N 197 
ILE CA  C    sing N N 198 
ILE CA  CB   sing N N 199 
ILE CA  HA   sing N N 200 
ILE C   O    doub N N 201 
ILE C   OXT  sing N N 202 
ILE CB  CG1  sing N N 203 
ILE CB  CG2  sing N N 204 
ILE CB  HB   sing N N 205 
ILE CG1 CD1  sing N N 206 
ILE CG1 HG12 sing N N 207 
ILE CG1 HG13 sing N N 208 
ILE CG2 HG21 sing N N 209 
ILE CG2 HG22 sing N N 210 
ILE CG2 HG23 sing N N 211 
ILE CD1 HD11 sing N N 212 
ILE CD1 HD12 sing N N 213 
ILE CD1 HD13 sing N N 214 
ILE OXT HXT  sing N N 215 
LEU N   CA   sing N N 216 
LEU N   H    sing N N 217 
LEU N   H2   sing N N 218 
LEU CA  C    sing N N 219 
LEU CA  CB   sing N N 220 
LEU CA  HA   sing N N 221 
LEU C   O    doub N N 222 
LEU C   OXT  sing N N 223 
LEU CB  CG   sing N N 224 
LEU CB  HB2  sing N N 225 
LEU CB  HB3  sing N N 226 
LEU CG  CD1  sing N N 227 
LEU CG  CD2  sing N N 228 
LEU CG  HG   sing N N 229 
LEU CD1 HD11 sing N N 230 
LEU CD1 HD12 sing N N 231 
LEU CD1 HD13 sing N N 232 
LEU CD2 HD21 sing N N 233 
LEU CD2 HD22 sing N N 234 
LEU CD2 HD23 sing N N 235 
LEU OXT HXT  sing N N 236 
LYS N   CA   sing N N 237 
LYS N   H    sing N N 238 
LYS N   H2   sing N N 239 
LYS CA  C    sing N N 240 
LYS CA  CB   sing N N 241 
LYS CA  HA   sing N N 242 
LYS C   O    doub N N 243 
LYS C   OXT  sing N N 244 
LYS CB  CG   sing N N 245 
LYS CB  HB2  sing N N 246 
LYS CB  HB3  sing N N 247 
LYS CG  CD   sing N N 248 
LYS CG  HG2  sing N N 249 
LYS CG  HG3  sing N N 250 
LYS CD  CE   sing N N 251 
LYS CD  HD2  sing N N 252 
LYS CD  HD3  sing N N 253 
LYS CE  NZ   sing N N 254 
LYS CE  HE2  sing N N 255 
LYS CE  HE3  sing N N 256 
LYS NZ  HZ1  sing N N 257 
LYS NZ  HZ2  sing N N 258 
LYS NZ  HZ3  sing N N 259 
LYS OXT HXT  sing N N 260 
MET N   CA   sing N N 261 
MET N   H    sing N N 262 
MET N   H2   sing N N 263 
MET CA  C    sing N N 264 
MET CA  CB   sing N N 265 
MET CA  HA   sing N N 266 
MET C   O    doub N N 267 
MET C   OXT  sing N N 268 
MET CB  CG   sing N N 269 
MET CB  HB2  sing N N 270 
MET CB  HB3  sing N N 271 
MET CG  SD   sing N N 272 
MET CG  HG2  sing N N 273 
MET CG  HG3  sing N N 274 
MET SD  CE   sing N N 275 
MET CE  HE1  sing N N 276 
MET CE  HE2  sing N N 277 
MET CE  HE3  sing N N 278 
MET OXT HXT  sing N N 279 
PHE N   CA   sing N N 280 
PHE N   H    sing N N 281 
PHE N   H2   sing N N 282 
PHE CA  C    sing N N 283 
PHE CA  CB   sing N N 284 
PHE CA  HA   sing N N 285 
PHE C   O    doub N N 286 
PHE C   OXT  sing N N 287 
PHE CB  CG   sing N N 288 
PHE CB  HB2  sing N N 289 
PHE CB  HB3  sing N N 290 
PHE CG  CD1  doub Y N 291 
PHE CG  CD2  sing Y N 292 
PHE CD1 CE1  sing Y N 293 
PHE CD1 HD1  sing N N 294 
PHE CD2 CE2  doub Y N 295 
PHE CD2 HD2  sing N N 296 
PHE CE1 CZ   doub Y N 297 
PHE CE1 HE1  sing N N 298 
PHE CE2 CZ   sing Y N 299 
PHE CE2 HE2  sing N N 300 
PHE CZ  HZ   sing N N 301 
PHE OXT HXT  sing N N 302 
PRO N   CA   sing N N 303 
PRO N   CD   sing N N 304 
PRO N   H    sing N N 305 
PRO CA  C    sing N N 306 
PRO CA  CB   sing N N 307 
PRO CA  HA   sing N N 308 
PRO C   O    doub N N 309 
PRO C   OXT  sing N N 310 
PRO CB  CG   sing N N 311 
PRO CB  HB2  sing N N 312 
PRO CB  HB3  sing N N 313 
PRO CG  CD   sing N N 314 
PRO CG  HG2  sing N N 315 
PRO CG  HG3  sing N N 316 
PRO CD  HD2  sing N N 317 
PRO CD  HD3  sing N N 318 
PRO OXT HXT  sing N N 319 
SER N   CA   sing N N 320 
SER N   H    sing N N 321 
SER N   H2   sing N N 322 
SER CA  C    sing N N 323 
SER CA  CB   sing N N 324 
SER CA  HA   sing N N 325 
SER C   O    doub N N 326 
SER C   OXT  sing N N 327 
SER CB  OG   sing N N 328 
SER CB  HB2  sing N N 329 
SER CB  HB3  sing N N 330 
SER OG  HG   sing N N 331 
SER OXT HXT  sing N N 332 
SO4 S   O1   doub N N 333 
SO4 S   O2   doub N N 334 
SO4 S   O3   sing N N 335 
SO4 S   O4   sing N N 336 
THR N   CA   sing N N 337 
THR N   H    sing N N 338 
THR N   H2   sing N N 339 
THR CA  C    sing N N 340 
THR CA  CB   sing N N 341 
THR CA  HA   sing N N 342 
THR C   O    doub N N 343 
THR C   OXT  sing N N 344 
THR CB  OG1  sing N N 345 
THR CB  CG2  sing N N 346 
THR CB  HB   sing N N 347 
THR OG1 HG1  sing N N 348 
THR CG2 HG21 sing N N 349 
THR CG2 HG22 sing N N 350 
THR CG2 HG23 sing N N 351 
THR OXT HXT  sing N N 352 
TYR N   CA   sing N N 353 
TYR N   H    sing N N 354 
TYR N   H2   sing N N 355 
TYR CA  C    sing N N 356 
TYR CA  CB   sing N N 357 
TYR CA  HA   sing N N 358 
TYR C   O    doub N N 359 
TYR C   OXT  sing N N 360 
TYR CB  CG   sing N N 361 
TYR CB  HB2  sing N N 362 
TYR CB  HB3  sing N N 363 
TYR CG  CD1  doub Y N 364 
TYR CG  CD2  sing Y N 365 
TYR CD1 CE1  sing Y N 366 
TYR CD1 HD1  sing N N 367 
TYR CD2 CE2  doub Y N 368 
TYR CD2 HD2  sing N N 369 
TYR CE1 CZ   doub Y N 370 
TYR CE1 HE1  sing N N 371 
TYR CE2 CZ   sing Y N 372 
TYR CE2 HE2  sing N N 373 
TYR CZ  OH   sing N N 374 
TYR OH  HH   sing N N 375 
TYR OXT HXT  sing N N 376 
VAL N   CA   sing N N 377 
VAL N   H    sing N N 378 
VAL N   H2   sing N N 379 
VAL CA  C    sing N N 380 
VAL CA  CB   sing N N 381 
VAL CA  HA   sing N N 382 
VAL C   O    doub N N 383 
VAL C   OXT  sing N N 384 
VAL CB  CG1  sing N N 385 
VAL CB  CG2  sing N N 386 
VAL CB  HB   sing N N 387 
VAL CG1 HG11 sing N N 388 
VAL CG1 HG12 sing N N 389 
VAL CG1 HG13 sing N N 390 
VAL CG2 HG21 sing N N 391 
VAL CG2 HG22 sing N N 392 
VAL CG2 HG23 sing N N 393 
VAL OXT HXT  sing N N 394 
# 
_atom_sites.entry_id                    5BZN 
_atom_sites.fract_transf_matrix[1][1]   0.01083922 
_atom_sites.fract_transf_matrix[1][2]   0.01272302 
_atom_sites.fract_transf_matrix[1][3]   -0.03282363 
_atom_sites.fract_transf_matrix[2][1]   0.00054468 
_atom_sites.fract_transf_matrix[2][2]   0.01130977 
_atom_sites.fract_transf_matrix[2][3]   0.00456373 
_atom_sites.fract_transf_matrix[3][1]   0.03430044 
_atom_sites.fract_transf_matrix[3][2]   0.00113643 
_atom_sites.fract_transf_matrix[3][3]   -0.00691000 
_atom_sites.fract_transf_vector[1]      0.088832 
_atom_sites.fract_transf_vector[2]      -0.006034 
_atom_sites.fract_transf_vector[3]      0.080047 
# 
loop_
_atom_type.symbol 
C 
N 
O 
S 
# 
loop_
_atom_site.group_PDB 
_atom_site.id 
_atom_site.type_symbol 
_atom_site.label_atom_id 
_atom_site.label_alt_id 
_atom_site.label_comp_id 
_atom_site.label_asym_id 
_atom_site.label_entity_id 
_atom_site.label_seq_id 
_atom_site.pdbx_PDB_ins_code 
_atom_site.Cartn_x 
_atom_site.Cartn_y 
_atom_site.Cartn_z 
_atom_site.occupancy 
_atom_site.B_iso_or_equiv 
_atom_site.pdbx_formal_charge 
_atom_site.auth_seq_id 
_atom_site.auth_comp_id 
_atom_site.auth_asym_id 
_atom_site.auth_atom_id 
_atom_site.pdbx_PDB_model_num 
ATOM   1    N N   . ASN A 1 2   ? -0.377  20.022  -9.863  1.00 24.43 ? 24  ASN A N   1 
ATOM   2    C CA  . ASN A 1 2   ? 0.051   19.424  -8.569  1.00 23.65 ? 24  ASN A CA  1 
ATOM   3    C C   . ASN A 1 2   ? -0.972  18.388  -8.123  1.00 22.58 ? 24  ASN A C   1 
ATOM   4    O O   . ASN A 1 2   ? -1.906  18.694  -7.364  1.00 22.24 ? 24  ASN A O   1 
ATOM   5    C CB  . ASN A 1 2   ? 0.221   20.508  -7.499  1.00 24.16 ? 24  ASN A CB  1 
ATOM   6    C CG  . ASN A 1 2   ? 1.269   20.145  -6.459  1.00 25.52 ? 24  ASN A CG  1 
ATOM   7    O OD1 . ASN A 1 2   ? 1.726   18.998  -6.382  1.00 28.39 ? 24  ASN A OD1 1 
ATOM   8    N ND2 . ASN A 1 2   ? 1.666   21.125  -5.660  1.00 26.68 ? 24  ASN A ND2 1 
ATOM   9    N N   . GLN A 1 3   ? -0.790  17.163  -8.612  1.00 21.28 ? 25  GLN A N   1 
ATOM   10   C CA  . GLN A 1 3   ? -1.800  16.125  -8.480  1.00 20.33 ? 25  GLN A CA  1 
ATOM   11   C C   . GLN A 1 3   ? -1.130  14.779  -8.257  1.00 18.70 ? 25  GLN A C   1 
ATOM   12   O O   . GLN A 1 3   ? -0.103  14.485  -8.866  1.00 18.82 ? 25  GLN A O   1 
ATOM   13   C CB  . GLN A 1 3   ? -2.655  16.078  -9.749  1.00 21.02 ? 25  GLN A CB  1 
ATOM   14   C CG  . GLN A 1 3   ? -4.093  15.628  -9.541  1.00 23.37 ? 25  GLN A CG  1 
ATOM   15   C CD  . GLN A 1 3   ? -4.230  14.127  -9.436  1.00 27.39 ? 25  GLN A CD  1 
ATOM   16   O OE1 . GLN A 1 3   ? -3.672  13.379  -10.247 1.00 29.75 ? 25  GLN A OE1 1 
ATOM   17   N NE2 . GLN A 1 3   ? -4.983  13.672  -8.433  1.00 27.17 ? 25  GLN A NE2 1 
ATOM   18   N N   . ILE A 1 4   ? -1.711  13.979  -7.362  1.00 16.35 ? 26  ILE A N   1 
ATOM   19   C CA  . ILE A 1 4   ? -1.215  12.625  -7.064  1.00 14.66 ? 26  ILE A CA  1 
ATOM   20   C C   . ILE A 1 4   ? -2.399  11.658  -7.060  1.00 13.88 ? 26  ILE A C   1 
ATOM   21   O O   . ILE A 1 4   ? -3.392  11.909  -6.368  1.00 13.74 ? 26  ILE A O   1 
ATOM   22   C CB  . ILE A 1 4   ? -0.519  12.564  -5.683  1.00 14.55 ? 26  ILE A CB  1 
ATOM   23   C CG1 . ILE A 1 4   ? 0.777   13.392  -5.684  1.00 15.90 ? 26  ILE A CG1 1 
ATOM   24   C CG2 . ILE A 1 4   ? -0.221  11.107  -5.285  1.00 15.51 ? 26  ILE A CG2 1 
ATOM   25   C CD1 . ILE A 1 4   ? 1.407   13.534  -4.311  1.00 19.51 ? 26  ILE A CD1 1 
ATOM   26   N N   . ASP A 1 5   ? -2.303  10.576  -7.840  1.00 12.73 ? 27  ASP A N   1 
ATOM   27   C CA  . ASP A 1 5   ? -3.262  9.459   -7.780  1.00 12.20 ? 27  ASP A CA  1 
ATOM   28   C C   . ASP A 1 5   ? -2.720  8.405   -6.812  1.00 9.72  ? 27  ASP A C   1 
ATOM   29   O O   . ASP A 1 5   ? -1.549  7.997   -6.932  1.00 10.39 ? 27  ASP A O   1 
ATOM   30   C CB  . ASP A 1 5   ? -3.399  8.749   -9.135  1.00 14.08 ? 27  ASP A CB  1 
ATOM   31   C CG  . ASP A 1 5   ? -4.417  9.376   -10.076 1.00 17.46 ? 27  ASP A CG  1 
ATOM   32   O OD1 . ASP A 1 5   ? -5.148  10.314  -9.707  1.00 20.10 ? 27  ASP A OD1 1 
ATOM   33   O OD2 . ASP A 1 5   ? -4.459  8.891   -11.229 1.00 22.85 ? 27  ASP A OD2 1 
ATOM   34   N N   . LEU A 1 6   ? -3.572  7.962   -5.895  1.00 9.15  ? 28  LEU A N   1 
ATOM   35   C CA  . LEU A 1 6   ? -3.258  6.841   -4.992  1.00 8.81  ? 28  LEU A CA  1 
ATOM   36   C C   . LEU A 1 6   ? -4.217  5.718   -5.312  1.00 8.23  ? 28  LEU A C   1 
ATOM   37   O O   . LEU A 1 6   ? -5.397  5.811   -4.981  1.00 9.19  ? 28  LEU A O   1 
ATOM   38   C CB  . LEU A 1 6   ? -3.401  7.264   -3.524  1.00 9.32  ? 28  LEU A CB  1 
ATOM   39   C CG  . LEU A 1 6   ? -2.460  8.392   -3.076  1.00 10.11 ? 28  LEU A CG  1 
ATOM   40   C CD1 . LEU A 1 6   ? -2.790  8.806   -1.656  1.00 12.55 ? 28  LEU A CD1 1 
ATOM   41   C CD2 . LEU A 1 6   ? -0.998  8.007   -3.213  1.00 10.85 ? 28  LEU A CD2 1 
ATOM   42   N N   . ASN A 1 7   ? -3.724  4.671   -5.970  1.00 7.24  ? 29  ASN A N   1 
ATOM   43   C CA  . ASN A 1 7   ? -4.562  3.534   -6.348  1.00 7.09  ? 29  ASN A CA  1 
ATOM   44   C C   . ASN A 1 7   ? -4.545  2.526   -5.214  1.00 6.70  ? 29  ASN A C   1 
ATOM   45   O O   . ASN A 1 7   ? -3.452  2.090   -4.807  1.00 7.45  ? 29  ASN A O   1 
ATOM   46   C CB  . ASN A 1 7   ? -4.014  2.873   -7.606  1.00 7.79  ? 29  ASN A CB  1 
ATOM   47   C CG  . ASN A 1 7   ? -3.942  3.808   -8.785  1.00 9.61  ? 29  ASN A CG  1 
ATOM   48   O OD1 . ASN A 1 7   ? -4.704  4.767   -8.894  1.00 10.46 ? 29  ASN A OD1 1 
ATOM   49   N ND2 . ASN A 1 7   ? -3.029  3.501   -9.707  1.00 11.83 ? 29  ASN A ND2 1 
ATOM   50   N N   . VAL A 1 8   ? -5.704  2.152   -4.691  1.00 6.83  ? 30  VAL A N   1 
ATOM   51   C CA  . VAL A 1 8   ? -5.788  1.342   -3.475  1.00 7.34  ? 30  VAL A CA  1 
ATOM   52   C C   . VAL A 1 8   ? -6.521  0.051   -3.761  1.00 6.79  ? 30  VAL A C   1 
ATOM   53   O O   . VAL A 1 8   ? -7.489  0.027   -4.541  1.00 7.78  ? 30  VAL A O   1 
ATOM   54   C CB  . VAL A 1 8   ? -6.457  2.126   -2.322  1.00 7.66  ? 30  VAL A CB  1 
ATOM   55   C CG1 . VAL A 1 8   ? -5.692  3.392   -1.999  1.00 10.19 ? 30  VAL A CG1 1 
ATOM   56   C CG2 . VAL A 1 8   ? -7.910  2.461   -2.631  1.00 9.67  ? 30  VAL A CG2 1 
ATOM   57   N N   . THR A 1 9   ? -6.105  -1.028  -3.109  1.00 7.22  ? 31  THR A N   1 
ATOM   58   C CA  . THR A 1 9   ? -6.798  -2.302  -3.218  1.00 7.27  ? 31  THR A CA  1 
ATOM   59   C C   . THR A 1 9   ? -7.847  -2.496  -2.121  1.00 7.48  ? 31  THR A C   1 
ATOM   60   O O   . THR A 1 9   ? -7.932  -1.735  -1.154  1.00 7.72  ? 31  THR A O   1 
ATOM   61   C CB  . THR A 1 9   ? -5.811  -3.494  -3.131  1.00 7.25  ? 31  THR A CB  1 
ATOM   62   O OG1 . THR A 1 9   ? -5.219  -3.534  -1.827  1.00 6.50  ? 31  THR A OG1 1 
ATOM   63   C CG2 . THR A 1 9   ? -4.715  -3.377  -4.170  1.00 8.40  ? 31  THR A CG2 1 
ATOM   64   N N   . CYS A 1 10  ? -8.624  -3.562  -2.288  1.00 7.03  ? 32  CYS A N   1 
ATOM   65   C CA  . CYS A 1 10  ? -9.347  -4.180  -1.197  1.00 6.93  ? 32  CYS A CA  1 
ATOM   66   C C   . CYS A 1 10  ? -8.437  -4.385  0.008   1.00 6.54  ? 32  CYS A C   1 
ATOM   67   O O   . CYS A 1 10  ? -7.211  -4.554  -0.131  1.00 7.13  ? 32  CYS A O   1 
ATOM   68   C CB  . CYS A 1 10  ? -9.837  -5.571  -1.629  1.00 7.32  ? 32  CYS A CB  1 
ATOM   69   S SG  . CYS A 1 10  ? -10.971 -5.621  -3.000  1.00 11.79 ? 32  CYS A SG  1 
ATOM   70   N N   . ARG A 1 11  ? -9.046  -4.385  1.191   1.00 6.21  ? 33  ARG A N   1 
ATOM   71   C CA  . ARG A 1 11  ? -8.319  -4.715  2.433   1.00 6.70  ? 33  ARG A CA  1 
ATOM   72   C C   . ARG A 1 11  ? -8.541  -6.179  2.759   1.00 6.69  ? 33  ARG A C   1 
ATOM   73   O O   . ARG A 1 11  ? -9.658  -6.713  2.574   1.00 8.29  ? 33  ARG A O   1 
ATOM   74   C CB  . ARG A 1 11  ? -8.788  -3.865  3.617   1.00 6.99  ? 33  ARG A CB  1 
ATOM   75   C CG  . ARG A 1 11  ? -8.142  -2.482  3.704   1.00 7.63  ? 33  ARG A CG  1 
ATOM   76   C CD  . ARG A 1 11  ? -8.552  -1.579  2.560   1.00 7.96  ? 33  ARG A CD  1 
ATOM   77   N NE  . ARG A 1 11  ? -9.987  -1.318  2.642   1.00 7.64  ? 33  ARG A NE  1 
ATOM   78   C CZ  . ARG A 1 11  ? -10.809 -1.107  1.618   1.00 7.94  ? 33  ARG A CZ  1 
ATOM   79   N NH1 . ARG A 1 11  ? -12.085 -0.851  1.868   1.00 9.55  ? 33  ARG A NH1 1 
ATOM   80   N NH2 . ARG A 1 11  ? -10.371 -1.122  0.360   1.00 9.21  ? 33  ARG A NH2 1 
ATOM   81   N N   . TYR A 1 12  ? -7.502  -6.824  3.271   1.00 6.67  ? 34  TYR A N   1 
ATOM   82   C CA  . TYR A 1 12  ? -7.583  -8.214  3.729   1.00 6.72  ? 34  TYR A CA  1 
ATOM   83   C C   . TYR A 1 12  ? -7.023  -8.267  5.113   1.00 5.89  ? 34  TYR A C   1 
ATOM   84   O O   . TYR A 1 12  ? -5.833  -8.020  5.291   1.00 6.08  ? 34  TYR A O   1 
ATOM   85   C CB  . TYR A 1 12  ? -6.750  -9.108  2.814   1.00 7.58  ? 34  TYR A CB  1 
ATOM   86   C CG  . TYR A 1 12  ? -7.396  -9.271  1.476   1.00 9.72  ? 34  TYR A CG  1 
ATOM   87   C CD1 . TYR A 1 12  ? -8.265  -10.331 1.240   1.00 11.87 ? 34  TYR A CD1 1 
ATOM   88   C CD2 . TYR A 1 12  ? -7.176  -8.358  0.450   1.00 12.37 ? 34  TYR A CD2 1 
ATOM   89   C CE1 . TYR A 1 12  ? -8.872  -10.498 0.013   1.00 16.49 ? 34  TYR A CE1 1 
ATOM   90   C CE2 . TYR A 1 12  ? -7.809  -8.507  -0.782  1.00 15.29 ? 34  TYR A CE2 1 
ATOM   91   C CZ  . TYR A 1 12  ? -8.639  -9.579  -0.981  1.00 14.34 ? 34  TYR A CZ  1 
ATOM   92   O OH  . TYR A 1 12  ? -9.274  -9.746  -2.206  1.00 21.16 ? 34  TYR A OH  1 
ATOM   93   N N   . ALA A 1 13  ? -7.851  -8.551  6.119   1.00 5.99  ? 35  ALA A N   1 
ATOM   94   C CA  . ALA A 1 13  ? -7.396  -8.436  7.499   1.00 6.15  ? 35  ALA A CA  1 
ATOM   95   C C   . ALA A 1 13  ? -6.676  -7.102  7.740   1.00 5.82  ? 35  ALA A C   1 
ATOM   96   O O   . ALA A 1 13  ? -5.664  -7.042  8.430   1.00 6.31  ? 35  ALA A O   1 
ATOM   97   C CB  . ALA A 1 13  ? -6.532  -9.646  7.900   1.00 7.56  ? 35  ALA A CB  1 
ATOM   98   N N   . GLY A 1 14  ? -7.226  -6.034  7.160   1.00 6.40  ? 36  GLY A N   1 
ATOM   99   C CA  . GLY A 1 14  ? -6.689  -4.708  7.343   1.00 6.61  ? 36  GLY A CA  1 
ATOM   100  C C   . GLY A 1 14  ? -5.543  -4.303  6.452   1.00 6.00  ? 36  GLY A C   1 
ATOM   101  O O   . GLY A 1 14  ? -5.178  -3.122  6.441   1.00 6.62  ? 36  GLY A O   1 
ATOM   102  N N   . VAL A 1 15  ? -4.989  -5.257  5.709   1.00 6.00  ? 37  VAL A N   1 
ATOM   103  C CA  . VAL A 1 15  ? -3.834  -4.966  4.865   1.00 6.16  ? 37  VAL A CA  1 
ATOM   104  C C   . VAL A 1 15  ? -4.282  -4.618  3.447   1.00 5.86  ? 37  VAL A C   1 
ATOM   105  O O   . VAL A 1 15  ? -5.171  -5.273  2.886   1.00 5.93  ? 37  VAL A O   1 
ATOM   106  C CB  . VAL A 1 15  ? -2.840  -6.148  4.875   1.00 5.92  ? 37  VAL A CB  1 
ATOM   107  C CG1 . VAL A 1 15  ? -1.637  -5.846  3.983   1.00 7.06  ? 37  VAL A CG1 1 
ATOM   108  C CG2 . VAL A 1 15  ? -2.382  -6.446  6.301   1.00 6.76  ? 37  VAL A CG2 1 
ATOM   109  N N   . PHE A 1 16  ? -3.688  -3.569  2.880   1.00 5.92  ? 38  PHE A N   1 
ATOM   110  C CA  . PHE A 1 16  ? -3.987  -3.159  1.512   1.00 5.79  ? 38  PHE A CA  1 
ATOM   111  C C   . PHE A 1 16  ? -2.724  -2.673  0.832   1.00 5.52  ? 38  PHE A C   1 
ATOM   112  O O   . PHE A 1 16  ? -1.717  -2.391  1.495   1.00 6.20  ? 38  PHE A O   1 
ATOM   113  C CB  . PHE A 1 16  ? -5.150  -2.135  1.444   1.00 5.99  ? 38  PHE A CB  1 
ATOM   114  C CG  . PHE A 1 16  ? -4.910  -0.833  2.174   1.00 6.50  ? 38  PHE A CG  1 
ATOM   115  C CD1 . PHE A 1 16  ? -4.661  0.338   1.452   1.00 8.38  ? 38  PHE A CD1 1 
ATOM   116  C CD2 . PHE A 1 16  ? -4.957  -0.770  3.571   1.00 6.97  ? 38  PHE A CD2 1 
ATOM   117  C CE1 . PHE A 1 16  ? -4.492  1.546   2.115   1.00 9.58  ? 38  PHE A CE1 1 
ATOM   118  C CE2 . PHE A 1 16  ? -4.773  0.447   4.227   1.00 7.54  ? 38  PHE A CE2 1 
ATOM   119  C CZ  . PHE A 1 16  ? -4.542  1.604   3.482   1.00 9.28  ? 38  PHE A CZ  1 
ATOM   120  N N   . HIS A 1 17  ? -2.766  -2.588  -0.494  1.00 5.62  ? 39  HIS A N   1 
ATOM   121  C CA  . HIS A 1 17  ? -1.684  -2.098  -1.338  1.00 5.60  ? 39  HIS A CA  1 
ATOM   122  C C   . HIS A 1 17  ? -2.063  -0.724  -1.859  1.00 5.80  ? 39  HIS A C   1 
ATOM   123  O O   . HIS A 1 17  ? -3.230  -0.465  -2.200  1.00 5.76  ? 39  HIS A O   1 
ATOM   124  C CB  . HIS A 1 17  ? -1.466  -3.113  -2.467  1.00 5.92  ? 39  HIS A CB  1 
ATOM   125  C CG  . HIS A 1 17  ? -0.604  -2.632  -3.585  1.00 6.29  ? 39  HIS A CG  1 
ATOM   126  N ND1 . HIS A 1 17  ? -1.096  -1.910  -4.651  1.00 8.37  ? 39  HIS A ND1 1 
ATOM   127  C CD2 . HIS A 1 17  ? 0.714   -2.811  -3.830  1.00 7.26  ? 39  HIS A CD2 1 
ATOM   128  C CE1 . HIS A 1 17  ? -0.116  -1.664  -5.501  1.00 7.87  ? 39  HIS A CE1 1 
ATOM   129  N NE2 . HIS A 1 17  ? 0.992   -2.212  -5.031  1.00 6.82  ? 39  HIS A NE2 1 
ATOM   130  N N   . VAL A 1 18  ? -1.054  0.141   -1.909  1.00 5.97  ? 40  VAL A N   1 
ATOM   131  C CA  . VAL A 1 18  ? -1.177  1.466   -2.495  1.00 6.71  ? 40  VAL A CA  1 
ATOM   132  C C   . VAL A 1 18  ? -0.056  1.658   -3.505  1.00 6.74  ? 40  VAL A C   1 
ATOM   133  O O   . VAL A 1 18  ? 1.121   1.406   -3.225  1.00 7.00  ? 40  VAL A O   1 
ATOM   134  C CB  . VAL A 1 18  ? -1.058  2.583   -1.435  1.00 7.41  ? 40  VAL A CB  1 
ATOM   135  C CG1 . VAL A 1 18  ? -1.383  3.947   -2.066  1.00 9.75  ? 40  VAL A CG1 1 
ATOM   136  C CG2 . VAL A 1 18  ? -1.974  2.322   -0.256  1.00 9.34  ? 40  VAL A CG2 1 
ATOM   137  N N   . GLU A 1 19  ? -0.421  2.124   -4.691  1.00 7.58  ? 41  GLU A N   1 
ATOM   138  C CA  . GLU A 1 19  ? 0.564   2.631   -5.645  1.00 8.69  ? 41  GLU A CA  1 
ATOM   139  C C   . GLU A 1 19  ? 0.317   4.088   -5.944  1.00 8.55  ? 41  GLU A C   1 
ATOM   140  O O   . GLU A 1 19  ? -0.827  4.528   -6.031  1.00 8.52  ? 41  GLU A O   1 
ATOM   141  C CB  . GLU A 1 19  ? 0.591   1.808   -6.909  1.00 10.81 ? 41  GLU A CB  1 
ATOM   142  C CG  . GLU A 1 19  ? -0.677  1.769   -7.612  1.00 13.67 ? 41  GLU A CG  1 
ATOM   143  C CD  . GLU A 1 19  ? -0.674  0.799   -8.775  1.00 16.17 ? 41  GLU A CD  1 
ATOM   144  O OE1 . GLU A 1 19  ? 0.338   0.084   -8.981  1.00 18.65 ? 41  GLU A OE1 1 
ATOM   145  O OE2 . GLU A 1 19  ? -1.697  0.745   -9.490  1.00 16.83 ? 41  GLU A OE2 1 
ATOM   146  N N   . LYS A 1 20  ? 1.411   4.822   -6.079  1.00 8.43  ? 42  LYS A N   1 
ATOM   147  C CA  . LYS A 1 20  ? 1.362   6.246   -6.368  1.00 10.26 ? 42  LYS A CA  1 
ATOM   148  C C   . LYS A 1 20  ? 1.547   6.429   -7.869  1.00 10.55 ? 42  LYS A C   1 
ATOM   149  O O   . LYS A 1 20  ? 2.595   6.071   -8.432  1.00 11.99 ? 42  LYS A O   1 
ATOM   150  C CB  . LYS A 1 20  ? 2.469   6.956   -5.600  1.00 11.43 ? 42  LYS A CB  1 
ATOM   151  C CG  . LYS A 1 20  ? 2.490   8.465   -5.793  1.00 13.77 ? 42  LYS A CG  1 
ATOM   152  C CD  . LYS A 1 20  ? 3.623   9.104   -5.007  1.00 18.37 ? 42  LYS A CD  1 
ATOM   153  C CE  . LYS A 1 20  ? 4.958   8.971   -5.704  1.00 21.28 ? 42  LYS A CE  1 
ATOM   154  N NZ  . LYS A 1 20  ? 6.022   9.727   -4.967  1.00 24.54 ? 42  LYS A NZ  1 
ATOM   155  N N   . ASN A 1 21  ? 0.520   6.976   -8.524  1.00 11.34 ? 43  ASN A N   1 
ATOM   156  C CA  . ASN A 1 21  ? 0.551   7.248   -9.979  1.00 13.28 ? 43  ASN A CA  1 
ATOM   157  C C   . ASN A 1 21  ? 0.725   5.985   -10.843 1.00 14.41 ? 43  ASN A C   1 
ATOM   158  O O   . ASN A 1 21  ? 1.156   6.065   -11.999 1.00 16.57 ? 43  ASN A O   1 
ATOM   159  C CB  . ASN A 1 21  ? 1.571   8.356   -10.309 1.00 13.64 ? 43  ASN A CB  1 
ATOM   160  C CG  . ASN A 1 21  ? 1.203   9.686   -9.664  1.00 13.42 ? 43  ASN A CG  1 
ATOM   161  O OD1 . ASN A 1 21  ? 0.024   10.036  -9.573  1.00 14.20 ? 43  ASN A OD1 1 
ATOM   162  N ND2 . ASN A 1 21  ? 2.200   10.408  -9.181  1.00 16.00 ? 43  ASN A ND2 1 
ATOM   163  N N   . GLY A 1 22  ? 0.377   4.822   -10.277 1.00 15.92 ? 44  GLY A N   1 
ATOM   164  C CA  . GLY A 1 22  ? 0.362   3.548   -10.998 1.00 16.36 ? 44  GLY A CA  1 
ATOM   165  C C   . GLY A 1 22  ? 1.720   3.021   -11.445 1.00 16.17 ? 44  GLY A C   1 
ATOM   166  O O   . GLY A 1 22  ? 1.785   2.187   -12.369 1.00 17.82 ? 44  GLY A O   1 
ATOM   167  N N   . ARG A 1 23  ? 2.795   3.474   -10.793 1.00 15.61 ? 45  ARG A N   1 
ATOM   168  C CA  . ARG A 1 23  ? 4.152   3.010   -11.101 1.00 14.64 ? 45  ARG A CA  1 
ATOM   169  C C   . ARG A 1 23  ? 4.989   3.026   -9.811  1.00 13.37 ? 45  ARG A C   1 
ATOM   170  O O   . ARG A 1 23  ? 4.709   3.843   -8.903  1.00 14.24 ? 45  ARG A O   1 
ATOM   171  C CB  . ARG A 1 23  ? 4.803   3.932   -12.138 1.00 16.14 ? 45  ARG A CB  1 
ATOM   172  C CG  . ARG A 1 23  ? 4.880   5.400   -11.707 1.00 18.77 ? 45  ARG A CG  1 
ATOM   173  C CD  . ARG A 1 23  ? 5.357   6.309   -12.838 1.00 25.16 ? 45  ARG A CD  1 
ATOM   174  N NE  . ARG A 1 23  ? 5.700   7.650   -12.356 1.00 29.94 ? 45  ARG A NE  1 
ATOM   175  C CZ  . ARG A 1 23  ? 4.935   8.734   -12.491 1.00 32.43 ? 45  ARG A CZ  1 
ATOM   176  N NH1 . ARG A 1 23  ? 3.755   8.665   -13.103 1.00 32.96 ? 45  ARG A NH1 1 
ATOM   177  N NH2 . ARG A 1 23  ? 5.358   9.902   -12.018 1.00 34.19 ? 45  ARG A NH2 1 
ATOM   178  N N   A TYR A 1 24  ? 5.964   2.123   -9.730  0.50 12.43 ? 46  TYR A N   1 
ATOM   179  N N   B TYR A 1 24  ? 6.057   2.212   -9.767  0.50 12.54 ? 46  TYR A N   1 
ATOM   180  C CA  A TYR A 1 24  ? 6.853   2.045   -8.567  0.50 11.36 ? 46  TYR A CA  1 
ATOM   181  C CA  B TYR A 1 24  ? 6.932   1.991   -8.560  0.50 11.60 ? 46  TYR A CA  1 
ATOM   182  C C   A TYR A 1 24  ? 7.473   3.417   -8.362  0.50 10.46 ? 46  TYR A C   1 
ATOM   183  C C   B TYR A 1 24  ? 7.731   3.211   -8.053  0.50 10.83 ? 46  TYR A C   1 
ATOM   184  O O   A TYR A 1 24  ? 8.281   3.871   -9.180  0.50 9.91  ? 46  TYR A O   1 
ATOM   185  O O   B TYR A 1 24  ? 8.940   3.299   -8.303  0.50 10.61 ? 46  TYR A O   1 
ATOM   186  C CB  A TYR A 1 24  ? 7.974   1.027   -8.797  0.50 11.16 ? 46  TYR A CB  1 
ATOM   187  C CB  B TYR A 1 24  ? 7.988   0.915   -8.868  0.50 11.36 ? 46  TYR A CB  1 
ATOM   188  C CG  A TYR A 1 24  ? 7.565   -0.433  -8.770  0.50 9.80  ? 46  TYR A CG  1 
ATOM   189  C CG  B TYR A 1 24  ? 7.561   -0.540  -8.810  0.50 9.88  ? 46  TYR A CG  1 
ATOM   190  C CD1 A TYR A 1 24  ? 6.838   -0.957  -7.706  0.50 10.01 ? 46  TYR A CD1 1 
ATOM   191  C CD1 B TYR A 1 24  ? 6.834   -1.042  -7.735  0.50 9.90  ? 46  TYR A CD1 1 
ATOM   192  C CD2 A TYR A 1 24  ? 7.943   -1.293  -9.794  0.50 10.75 ? 46  TYR A CD2 1 
ATOM   193  C CD2 B TYR A 1 24  ? 7.941   -1.427  -9.815  0.50 10.61 ? 46  TYR A CD2 1 
ATOM   194  C CE1 A TYR A 1 24  ? 6.480   -2.286  -7.676  0.50 9.31  ? 46  TYR A CE1 1 
ATOM   195  C CE1 B TYR A 1 24  ? 6.467   -2.368  -7.684  0.50 9.47  ? 46  TYR A CE1 1 
ATOM   196  C CE2 A TYR A 1 24  ? 7.596   -2.621  -9.772  0.50 9.40  ? 46  TYR A CE2 1 
ATOM   197  C CE2 B TYR A 1 24  ? 7.586   -2.751  -9.772  0.50 9.91  ? 46  TYR A CE2 1 
ATOM   198  C CZ  A TYR A 1 24  ? 6.859   -3.119  -8.705  0.50 9.83  ? 46  TYR A CZ  1 
ATOM   199  C CZ  B TYR A 1 24  ? 6.845   -3.223  -8.698  0.50 9.68  ? 46  TYR A CZ  1 
ATOM   200  O OH  A TYR A 1 24  ? 6.500   -4.444  -8.669  0.50 10.26 ? 46  TYR A OH  1 
ATOM   201  O OH  B TYR A 1 24  ? 6.481   -4.543  -8.643  0.50 10.47 ? 46  TYR A OH  1 
ATOM   202  N N   . SER A 1 25  ? 7.100   4.092   -7.286  1.00 9.68  ? 47  SER A N   1 
ATOM   203  C CA  . SER A 1 25  ? 7.601   5.471   -7.085  1.00 10.20 ? 47  SER A CA  1 
ATOM   204  C C   . SER A 1 25  ? 7.625   5.969   -5.659  1.00 10.28 ? 47  SER A C   1 
ATOM   205  O O   . SER A 1 25  ? 7.739   7.173   -5.417  1.00 10.20 ? 47  SER A O   1 
ATOM   206  C CB  . SER A 1 25  ? 6.823   6.458   -7.958  1.00 12.00 ? 47  SER A CB  1 
ATOM   207  O OG  . SER A 1 25  ? 5.465   6.390   -7.623  1.00 13.44 ? 47  SER A OG  1 
ATOM   208  N N   . ILE A 1 26  ? 7.528   5.064   -4.702  1.00 8.35  ? 48  ILE A N   1 
ATOM   209  C CA  . ILE A 1 26  ? 7.436   5.429   -3.290  1.00 8.67  ? 48  ILE A CA  1 
ATOM   210  C C   . ILE A 1 26  ? 8.741   5.015   -2.586  1.00 8.65  ? 48  ILE A C   1 
ATOM   211  O O   . ILE A 1 26  ? 9.148   3.870   -2.688  1.00 8.60  ? 48  ILE A O   1 
ATOM   212  C CB  . ILE A 1 26  ? 6.174   4.736   -2.643  1.00 7.74  ? 48  ILE A CB  1 
ATOM   213  C CG1 . ILE A 1 26  ? 4.910   5.069   -3.435  1.00 8.97  ? 48  ILE A CG1 1 
ATOM   214  C CG2 . ILE A 1 26  ? 6.068   5.030   -1.161  1.00 10.98 ? 48  ILE A CG2 1 
ATOM   215  C CD1 . ILE A 1 26  ? 3.684   4.311   -2.959  1.00 9.60  ? 48  ILE A CD1 1 
ATOM   216  N N   . SER A 1 27  ? 9.381   5.924   -1.851  1.00 8.90  ? 49  SER A N   1 
ATOM   217  C CA  . SER A 1 27  ? 10.519  5.559   -1.000  1.00 10.23 ? 49  SER A CA  1 
ATOM   218  C C   . SER A 1 27  ? 10.034  5.019   0.331   1.00 10.45 ? 49  SER A C   1 
ATOM   219  O O   . SER A 1 27  ? 8.851   5.135   0.674   1.00 9.73  ? 49  SER A O   1 
ATOM   220  C CB  . SER A 1 27  ? 11.392  6.767   -0.708  1.00 11.05 ? 49  SER A CB  1 
ATOM   221  O OG  . SER A 1 27  ? 10.727  7.623   0.209   1.00 13.63 ? 49  SER A OG  1 
ATOM   222  N N   A ARG A 1 28  ? 10.956  4.455   1.102   0.50 10.59 ? 50  ARG A N   1 
ATOM   223  N N   B ARG A 1 28  ? 10.948  4.452   1.109   0.50 10.58 ? 50  ARG A N   1 
ATOM   224  C CA  A ARG A 1 28  ? 10.612  3.909   2.405   0.50 11.54 ? 50  ARG A CA  1 
ATOM   225  C CA  B ARG A 1 28  ? 10.571  3.903   2.406   0.50 11.49 ? 50  ARG A CA  1 
ATOM   226  C C   A ARG A 1 28  ? 10.024  4.980   3.353   0.50 11.89 ? 50  ARG A C   1 
ATOM   227  C C   B ARG A 1 28  ? 10.010  4.986   3.355   0.50 11.86 ? 50  ARG A C   1 
ATOM   228  O O   A ARG A 1 28  ? 9.041   4.723   4.054   0.50 11.52 ? 50  ARG A O   1 
ATOM   229  O O   B ARG A 1 28  ? 9.027   4.740   4.061   0.50 11.46 ? 50  ARG A O   1 
ATOM   230  C CB  A ARG A 1 28  ? 11.830  3.213   3.018   0.50 12.56 ? 50  ARG A CB  1 
ATOM   231  C CB  B ARG A 1 28  ? 11.741  3.139   3.033   0.50 12.47 ? 50  ARG A CB  1 
ATOM   232  C CG  A ARG A 1 28  ? 11.648  2.779   4.449   0.50 14.54 ? 50  ARG A CG  1 
ATOM   233  C CG  B ARG A 1 28  ? 11.419  2.463   4.352   0.50 14.35 ? 50  ARG A CG  1 
ATOM   234  C CD  A ARG A 1 28  ? 10.476  1.839   4.596   0.50 16.21 ? 50  ARG A CD  1 
ATOM   235  C CD  B ARG A 1 28  ? 10.363  1.378   4.209   0.50 16.93 ? 50  ARG A CD  1 
ATOM   236  N NE  A ARG A 1 28  ? 10.448  1.276   5.934   0.50 17.34 ? 50  ARG A NE  1 
ATOM   237  N NE  B ARG A 1 28  ? 10.235  0.654   5.464   0.50 17.01 ? 50  ARG A NE  1 
ATOM   238  C CZ  A ARG A 1 28  ? 10.016  1.936   6.995   0.50 17.66 ? 50  ARG A CZ  1 
ATOM   239  C CZ  B ARG A 1 28  ? 10.498  -0.637  5.654   0.50 16.27 ? 50  ARG A CZ  1 
ATOM   240  N NH1 A ARG A 1 28  ? 9.555   3.171   6.854   0.50 17.35 ? 50  ARG A NH1 1 
ATOM   241  N NH1 B ARG A 1 28  ? 10.359  -1.111  6.875   0.50 18.78 ? 50  ARG A NH1 1 
ATOM   242  N NH2 A ARG A 1 28  ? 10.029  1.357   8.185   0.50 17.57 ? 50  ARG A NH2 1 
ATOM   243  N NH2 B ARG A 1 28  ? 10.881  -1.462  4.664   0.50 11.56 ? 50  ARG A NH2 1 
ATOM   244  N N   . THR A 1 29  ? 10.600  6.184   3.345   1.00 12.21 ? 51  THR A N   1 
ATOM   245  C CA  . THR A 1 29  ? 10.084  7.285   4.184   1.00 13.33 ? 51  THR A CA  1 
ATOM   246  C C   . THR A 1 29  ? 8.718   7.764   3.731   1.00 12.19 ? 51  THR A C   1 
ATOM   247  O O   . THR A 1 29  ? 7.844   7.987   4.563   1.00 12.63 ? 51  THR A O   1 
ATOM   248  C CB  . THR A 1 29  ? 11.054  8.465   4.298   1.00 14.40 ? 51  THR A CB  1 
ATOM   249  O OG1 . THR A 1 29  ? 11.426  8.915   2.993   1.00 16.62 ? 51  THR A OG1 1 
ATOM   250  C CG2 . THR A 1 29  ? 12.291  8.061   5.088   1.00 17.08 ? 51  THR A CG2 1 
ATOM   251  N N   . GLU A 1 30  ? 8.513   7.880   2.421   1.00 11.04 ? 52  GLU A N   1 
ATOM   252  C CA  . GLU A 1 30  ? 7.228   8.270   1.894   1.00 11.24 ? 52  GLU A CA  1 
ATOM   253  C C   . GLU A 1 30  ? 6.162   7.223   2.193   1.00 10.45 ? 52  GLU A C   1 
ATOM   254  O O   . GLU A 1 30  ? 5.025   7.577   2.469   1.00 10.65 ? 52  GLU A O   1 
ATOM   255  C CB  . GLU A 1 30  ? 7.304   8.533   0.395   1.00 11.98 ? 52  GLU A CB  1 
ATOM   256  C CG  . GLU A 1 30  ? 6.004   9.044   -0.173  1.00 14.44 ? 52  GLU A CG  1 
ATOM   257  C CD  . GLU A 1 30  ? 6.081   9.321   -1.643  1.00 18.30 ? 52  GLU A CD  1 
ATOM   258  O OE1 . GLU A 1 30  ? 7.086   8.907   -2.272  1.00 22.91 ? 52  GLU A OE1 1 
ATOM   259  O OE2 . GLU A 1 30  ? 5.129   9.935   -2.162  1.00 17.55 ? 52  GLU A OE2 1 
ATOM   260  N N   . ALA A 1 31  ? 6.543   5.951   2.170   1.00 9.86  ? 53  ALA A N   1 
ATOM   261  C CA  . ALA A 1 31  ? 5.605   4.869   2.447   1.00 9.47  ? 53  ALA A CA  1 
ATOM   262  C C   . ALA A 1 31  ? 5.042   4.984   3.861   1.00 9.31  ? 53  ALA A C   1 
ATOM   263  O O   . ALA A 1 31  ? 3.838   4.854   4.076   1.00 9.08  ? 53  ALA A O   1 
ATOM   264  C CB  . ALA A 1 31  ? 6.294   3.536   2.245   1.00 9.16  ? 53  ALA A CB  1 
ATOM   265  N N   . ALA A 1 32  ? 5.928   5.217   4.826   1.00 9.88  ? 54  ALA A N   1 
ATOM   266  C CA  . ALA A 1 32  ? 5.481   5.384   6.203   1.00 10.32 ? 54  ALA A CA  1 
ATOM   267  C C   . ALA A 1 32  ? 4.511   6.571   6.329   1.00 10.83 ? 54  ALA A C   1 
ATOM   268  O O   . ALA A 1 32  ? 3.475   6.482   6.994   1.00 10.42 ? 54  ALA A O   1 
ATOM   269  C CB  . ALA A 1 32  ? 6.666   5.531   7.131   1.00 11.45 ? 54  ALA A CB  1 
ATOM   270  N N   . ASP A 1 33  ? 4.831   7.665   5.645   1.00 10.49 ? 55  ASP A N   1 
ATOM   271  C CA  . ASP A 1 33  ? 3.975   8.852   5.684   1.00 10.50 ? 55  ASP A CA  1 
ATOM   272  C C   . ASP A 1 33  ? 2.630   8.621   5.006   1.00 9.42  ? 55  ASP A C   1 
ATOM   273  O O   . ASP A 1 33  ? 1.579   9.088   5.484   1.00 9.54  ? 55  ASP A O   1 
ATOM   274  C CB  . ASP A 1 33  ? 4.684   10.053  5.057   1.00 11.88 ? 55  ASP A CB  1 
ATOM   275  C CG  . ASP A 1 33  ? 5.821   10.583  5.912   1.00 14.32 ? 55  ASP A CG  1 
ATOM   276  O OD1 . ASP A 1 33  ? 5.936   10.202  7.095   1.00 17.72 ? 55  ASP A OD1 1 
ATOM   277  O OD2 . ASP A 1 33  ? 6.607   11.387  5.373   1.00 16.14 ? 55  ASP A OD2 1 
ATOM   278  N N   . LEU A 1 34  ? 2.655   7.888   3.892   1.00 9.26  ? 56  LEU A N   1 
ATOM   279  C CA  . LEU A 1 34  ? 1.453   7.552   3.173   1.00 9.28  ? 56  LEU A CA  1 
ATOM   280  C C   . LEU A 1 34  ? 0.537   6.688   4.041   1.00 8.57  ? 56  LEU A C   1 
ATOM   281  O O   . LEU A 1 34  ? -0.664  6.983   4.177   1.00 9.52  ? 56  LEU A O   1 
ATOM   282  C CB  . LEU A 1 34  ? 1.821   6.846   1.880   1.00 10.68 ? 56  LEU A CB  1 
ATOM   283  C CG  . LEU A 1 34  ? 0.668   6.561   0.945   1.00 12.10 ? 56  LEU A CG  1 
ATOM   284  C CD1 . LEU A 1 34  ? -0.188  7.810   0.728   1.00 15.78 ? 56  LEU A CD1 1 
ATOM   285  C CD2 . LEU A 1 34  ? 1.212   6.054   -0.374  1.00 13.60 ? 56  LEU A CD2 1 
ATOM   286  N N   . CYS A 1 35  ? 1.076   5.622   4.632   1.00 8.31  ? 57  CYS A N   1 
ATOM   287  C CA  . CYS A 1 35  ? 0.240   4.853   5.536   1.00 8.62  ? 57  CYS A CA  1 
ATOM   288  C C   . CYS A 1 35  ? -0.315  5.690   6.695   1.00 9.28  ? 57  CYS A C   1 
ATOM   289  O O   . CYS A 1 35  ? -1.494  5.554   7.023   1.00 9.24  ? 57  CYS A O   1 
ATOM   290  C CB  . CYS A 1 35  ? 0.962   3.616   6.055   1.00 9.33  ? 57  CYS A CB  1 
ATOM   291  S SG  . CYS A 1 35  ? 1.460   2.416   4.797   1.00 10.24 ? 57  CYS A SG  1 
ATOM   292  N N   A GLN A 1 36  ? 0.520   6.537   7.291   0.50 9.34  ? 58  GLN A N   1 
ATOM   293  N N   B GLN A 1 36  ? 0.524   6.533   7.296   0.50 9.40  ? 58  GLN A N   1 
ATOM   294  C CA  A GLN A 1 36  ? 0.048   7.424   8.357   0.50 10.15 ? 58  GLN A CA  1 
ATOM   295  C CA  B GLN A 1 36  ? 0.068   7.446   8.356   0.50 10.21 ? 58  GLN A CA  1 
ATOM   296  C C   A GLN A 1 36  ? -1.158  8.268   7.916   0.50 9.84  ? 58  GLN A C   1 
ATOM   297  C C   B GLN A 1 36  ? -1.154  8.267   7.915   0.50 9.89  ? 58  GLN A C   1 
ATOM   298  O O   A GLN A 1 36  ? -2.104  8.470   8.691   0.50 10.45 ? 58  GLN A O   1 
ATOM   299  O O   B GLN A 1 36  ? -2.107  8.449   8.687   0.50 10.46 ? 58  GLN A O   1 
ATOM   300  C CB  A GLN A 1 36  ? 1.176   8.310   8.892   0.50 10.46 ? 58  GLN A CB  1 
ATOM   301  C CB  B GLN A 1 36  ? 1.206   8.363   8.830   0.50 10.66 ? 58  GLN A CB  1 
ATOM   302  C CG  A GLN A 1 36  ? 0.808   9.013   10.193  0.50 12.97 ? 58  GLN A CG  1 
ATOM   303  C CG  B GLN A 1 36  ? 0.772   9.462   9.807   0.50 12.91 ? 58  GLN A CG  1 
ATOM   304  C CD  A GLN A 1 36  ? 1.983   9.717   10.834  0.50 16.39 ? 58  GLN A CD  1 
ATOM   305  C CD  B GLN A 1 36  ? 0.249   8.923   11.133  0.50 16.23 ? 58  GLN A CD  1 
ATOM   306  O OE1 A GLN A 1 36  ? 1.821   10.758  11.464  0.50 19.53 ? 58  GLN A OE1 1 
ATOM   307  O OE1 B GLN A 1 36  ? -0.440  9.626   11.874  0.50 19.45 ? 58  GLN A OE1 1 
ATOM   308  N NE2 A GLN A 1 36  ? 3.176   9.162   10.664  0.50 17.62 ? 58  GLN A NE2 1 
ATOM   309  N NE2 B GLN A 1 36  ? 0.592   7.683   11.446  0.50 17.49 ? 58  GLN A NE2 1 
ATOM   310  N N   . ALA A 1 37  ? -1.146  8.718   6.662   1.00 9.47  ? 59  ALA A N   1 
ATOM   311  C CA  . ALA A 1 37  ? -2.243  9.516   6.127   1.00 9.96  ? 59  ALA A CA  1 
ATOM   312  C C   . ALA A 1 37  ? -3.557  8.738   6.008   1.00 9.86  ? 59  ALA A C   1 
ATOM   313  O O   . ALA A 1 37  ? -4.647  9.318   6.050   1.00 9.61  ? 59  ALA A O   1 
ATOM   314  C CB  . ALA A 1 37  ? -1.859  10.145  4.799   1.00 10.38 ? 59  ALA A CB  1 
ATOM   315  N N   . PHE A 1 38  ? -3.451  7.410   5.852   1.00 9.71  ? 60  PHE A N   1 
ATOM   316  C CA  . PHE A 1 38  ? -4.602  6.507   5.891   1.00 10.54 ? 60  PHE A CA  1 
ATOM   317  C C   . PHE A 1 38  ? -4.888  6.003   7.318   1.00 10.87 ? 60  PHE A C   1 
ATOM   318  O O   . PHE A 1 38  ? -5.593  4.996   7.476   1.00 11.55 ? 60  PHE A O   1 
ATOM   319  C CB  . PHE A 1 38  ? -4.374  5.276   4.985   1.00 10.73 ? 60  PHE A CB  1 
ATOM   320  C CG  . PHE A 1 38  ? -4.523  5.540   3.508   1.00 9.54  ? 60  PHE A CG  1 
ATOM   321  C CD1 . PHE A 1 38  ? -5.780  5.649   2.944   1.00 11.66 ? 60  PHE A CD1 1 
ATOM   322  C CD2 . PHE A 1 38  ? -3.405  5.601   2.672   1.00 9.80  ? 60  PHE A CD2 1 
ATOM   323  C CE1 . PHE A 1 38  ? -5.924  5.859   1.579   1.00 11.15 ? 60  PHE A CE1 1 
ATOM   324  C CE2 . PHE A 1 38  ? -3.541  5.803   1.316   1.00 9.38  ? 60  PHE A CE2 1 
ATOM   325  C CZ  . PHE A 1 38  ? -4.804  5.939   0.764   1.00 10.34 ? 60  PHE A CZ  1 
ATOM   326  N N   . ASN A 1 39  ? -4.340  6.656   8.346   1.00 10.63 ? 61  ASN A N   1 
ATOM   327  C CA  . ASN A 1 39  ? -4.499  6.169   9.720   1.00 11.66 ? 61  ASN A CA  1 
ATOM   328  C C   . ASN A 1 39  ? -4.070  4.708   9.860   1.00 11.11 ? 61  ASN A C   1 
ATOM   329  O O   . ASN A 1 39  ? -4.692  3.914   10.567  1.00 12.08 ? 61  ASN A O   1 
ATOM   330  C CB  . ASN A 1 39  ? -5.928  6.403   10.238  1.00 12.76 ? 61  ASN A CB  1 
ATOM   331  C CG  . ASN A 1 39  ? -6.154  7.826   10.730  1.00 15.82 ? 61  ASN A CG  1 
ATOM   332  O OD1 . ASN A 1 39  ? -5.228  8.510   11.172  1.00 19.86 ? 61  ASN A OD1 1 
ATOM   333  N ND2 . ASN A 1 39  ? -7.399  8.268   10.671  1.00 19.04 ? 61  ASN A ND2 1 
ATOM   334  N N   . SER A 1 40  ? -2.971  4.380   9.186   1.00 9.77  ? 62  SER A N   1 
ATOM   335  C CA  . SER A 1 40  ? -2.484  3.027   9.052   1.00 9.36  ? 62  SER A CA  1 
ATOM   336  C C   . SER A 1 40  ? -0.993  3.007   9.306   1.00 9.73  ? 62  SER A C   1 
ATOM   337  O O   . SER A 1 40  ? -0.350  4.054   9.421   1.00 10.37 ? 62  SER A O   1 
ATOM   338  C CB  . SER A 1 40  ? -2.792  2.547   7.642   1.00 8.74  ? 62  SER A CB  1 
ATOM   339  O OG  . SER A 1 40  ? -4.174  2.446   7.412   1.00 10.19 ? 62  SER A OG  1 
ATOM   340  N N   . THR A 1 41  ? -0.434  1.812   9.389   1.00 9.00  ? 63  THR A N   1 
ATOM   341  C CA  . THR A 1 41  ? 1.002   1.630   9.582   1.00 9.63  ? 63  THR A CA  1 
ATOM   342  C C   . THR A 1 41  ? 1.549   0.675   8.527   1.00 9.09  ? 63  THR A C   1 
ATOM   343  O O   . THR A 1 41  ? 0.767   -0.041  7.874   1.00 10.16 ? 63  THR A O   1 
ATOM   344  C CB  . THR A 1 41  ? 1.293   1.014   10.967  1.00 10.16 ? 63  THR A CB  1 
ATOM   345  O OG1 . THR A 1 41  ? 0.491   -0.157  11.165  1.00 11.91 ? 63  THR A OG1 1 
ATOM   346  C CG2 . THR A 1 41  ? 1.019   2.014   12.088  1.00 13.22 ? 63  THR A CG2 1 
ATOM   347  N N   . LEU A 1 42  ? 2.864   0.620   8.351   1.00 8.40  ? 64  LEU A N   1 
ATOM   348  C CA  . LEU A 1 42  ? 3.426   -0.431  7.520   1.00 8.47  ? 64  LEU A CA  1 
ATOM   349  C C   . LEU A 1 42  ? 3.161   -1.769  8.201   1.00 8.05  ? 64  LEU A C   1 
ATOM   350  O O   . LEU A 1 42  ? 3.404   -1.907  9.402   1.00 8.70  ? 64  LEU A O   1 
ATOM   351  C CB  . LEU A 1 42  ? 4.921   -0.237  7.381   1.00 9.19  ? 64  LEU A CB  1 
ATOM   352  C CG  . LEU A 1 42  ? 5.311   0.936   6.494   1.00 9.32  ? 64  LEU A CG  1 
ATOM   353  C CD1 . LEU A 1 42  ? 6.791   1.196   6.618   1.00 14.62 ? 64  LEU A CD1 1 
ATOM   354  C CD2 . LEU A 1 42  ? 4.939   0.692   5.054   1.00 11.47 ? 64  LEU A CD2 1 
ATOM   355  N N   . PRO A 1 43  ? 2.678   -2.776  7.456   1.00 7.80  ? 65  PRO A N   1 
ATOM   356  C CA  . PRO A 1 43  ? 2.348   -4.053  8.093   1.00 7.37  ? 65  PRO A CA  1 
ATOM   357  C C   . PRO A 1 43  ? 3.597   -4.762  8.605   1.00 6.82  ? 65  PRO A C   1 
ATOM   358  O O   . PRO A 1 43  ? 4.682   -4.617  8.056   1.00 7.95  ? 65  PRO A O   1 
ATOM   359  C CB  . PRO A 1 43  ? 1.726   -4.869  6.955   1.00 7.42  ? 65  PRO A CB  1 
ATOM   360  C CG  . PRO A 1 43  ? 1.347   -3.880  5.913   1.00 8.09  ? 65  PRO A CG  1 
ATOM   361  C CD  . PRO A 1 43  ? 2.292   -2.745  6.033   1.00 7.65  ? 65  PRO A CD  1 
ATOM   362  N N   . THR A 1 44  ? 3.425   -5.537  9.670   1.00 7.09  ? 66  THR A N   1 
ATOM   363  C CA  . THR A 1 44  ? 4.448   -6.504  10.030  1.00 7.93  ? 66  THR A CA  1 
ATOM   364  C C   . THR A 1 44  ? 4.332   -7.725  9.113   1.00 7.48  ? 66  THR A C   1 
ATOM   365  O O   . THR A 1 44  ? 3.302   -7.937  8.445   1.00 7.55  ? 66  THR A O   1 
ATOM   366  C CB  . THR A 1 44  ? 4.289   -6.980  11.471  1.00 8.02  ? 66  THR A CB  1 
ATOM   367  O OG1 . THR A 1 44  ? 3.046   -7.680  11.588  1.00 9.27  ? 66  THR A OG1 1 
ATOM   368  C CG2 . THR A 1 44  ? 4.333   -5.797  12.443  1.00 10.58 ? 66  THR A CG2 1 
ATOM   369  N N   . MET A 1 45  ? 5.362   -8.558  9.121   1.00 7.67  ? 67  MET A N   1 
ATOM   370  C CA  . MET A 1 45  ? 5.327   -9.804  8.384   1.00 8.40  ? 67  MET A CA  1 
ATOM   371  C C   . MET A 1 45  ? 4.162   -10.690 8.829   1.00 8.23  ? 67  MET A C   1 
ATOM   372  O O   . MET A 1 45  ? 3.484   -11.287 7.993   1.00 8.16  ? 67  MET A O   1 
ATOM   373  C CB  . MET A 1 45  ? 6.659   -10.549 8.510   1.00 8.99  ? 67  MET A CB  1 
ATOM   374  C CG  . MET A 1 45  ? 6.674   -11.896 7.790   1.00 11.68 ? 67  MET A CG  1 
ATOM   375  S SD  . MET A 1 45  ? 6.375   -11.784 6.009   1.00 14.68 ? 67  MET A SD  1 
ATOM   376  C CE  . MET A 1 45  ? 7.899   -11.072 5.491   1.00 17.31 ? 67  MET A CE  1 
ATOM   377  N N   A ASP A 1 46  ? 3.930   -10.777 10.140  0.50 8.33  ? 68  ASP A N   1 
ATOM   378  N N   B ASP A 1 46  ? 3.923   -10.787 10.132  0.50 8.34  ? 68  ASP A N   1 
ATOM   379  C CA  A ASP A 1 46  ? 2.796   -11.547 10.662  0.50 8.68  ? 68  ASP A CA  1 
ATOM   380  C CA  B ASP A 1 46  ? 2.793   -11.584 10.601  0.50 8.67  ? 68  ASP A CA  1 
ATOM   381  C C   A ASP A 1 46  ? 1.464   -11.026 10.128  0.50 7.66  ? 68  ASP A C   1 
ATOM   382  C C   B ASP A 1 46  ? 1.442   -11.030 10.142  0.50 7.68  ? 68  ASP A C   1 
ATOM   383  O O   A ASP A 1 46  ? 0.618   -11.807 9.718   0.50 7.59  ? 68  ASP A O   1 
ATOM   384  O O   B ASP A 1 46  ? 0.556   -11.800 9.798   0.50 7.68  ? 68  ASP A O   1 
ATOM   385  C CB  A ASP A 1 46  ? 2.779   -11.562 12.201  0.50 9.16  ? 68  ASP A CB  1 
ATOM   386  C CB  B ASP A 1 46  ? 2.831   -11.765 12.120  0.50 9.22  ? 68  ASP A CB  1 
ATOM   387  C CG  A ASP A 1 46  ? 1.844   -12.625 12.766  0.50 11.22 ? 68  ASP A CG  1 
ATOM   388  C CG  B ASP A 1 46  ? 3.839   -12.814 12.557  0.50 11.54 ? 68  ASP A CG  1 
ATOM   389  O OD1 A ASP A 1 46  ? 2.187   -13.823 12.686  0.50 15.28 ? 68  ASP A OD1 1 
ATOM   390  O OD1 B ASP A 1 46  ? 4.248   -13.642 11.712  0.50 14.15 ? 68  ASP A OD1 1 
ATOM   391  O OD2 A ASP A 1 46  ? 0.772   -12.264 13.292  0.50 12.50 ? 68  ASP A OD2 1 
ATOM   392  O OD2 B ASP A 1 46  ? 4.199   -12.819 13.752  0.50 15.67 ? 68  ASP A OD2 1 
ATOM   393  N N   . GLN A 1 47  ? 1.291   -9.707  10.135  1.00 7.39  ? 69  GLN A N   1 
ATOM   394  C CA  . GLN A 1 47  ? 0.070   -9.103  9.578   1.00 6.56  ? 69  GLN A CA  1 
ATOM   395  C C   . GLN A 1 47  ? -0.104  -9.434  8.104   1.00 5.89  ? 69  GLN A C   1 
ATOM   396  O O   . GLN A 1 47  ? -1.219  -9.758  7.661   1.00 6.19  ? 69  GLN A O   1 
ATOM   397  C CB  . GLN A 1 47  ? 0.046   -7.596  9.829   1.00 6.46  ? 69  GLN A CB  1 
ATOM   398  C CG  . GLN A 1 47  ? -0.157  -7.274  11.289  1.00 7.52  ? 69  GLN A CG  1 
ATOM   399  C CD  . GLN A 1 47  ? 0.194   -5.848  11.635  1.00 8.20  ? 69  GLN A CD  1 
ATOM   400  O OE1 . GLN A 1 47  ? 0.803   -5.108  10.863  1.00 8.62  ? 69  GLN A OE1 1 
ATOM   401  N NE2 . GLN A 1 47  ? -0.192  -5.448  12.831  1.00 11.62 ? 69  GLN A NE2 1 
ATOM   402  N N   A MET A 1 48  ? 0.980   -9.380  7.341   0.50 5.89  ? 70  MET A N   1 
ATOM   403  N N   B MET A 1 48  ? 0.985   -9.367  7.339   0.50 6.84  ? 70  MET A N   1 
ATOM   404  C CA  A MET A 1 48  ? 0.908   -9.705  5.921   0.50 5.69  ? 70  MET A CA  1 
ATOM   405  C CA  B MET A 1 48  ? 0.956   -9.746  5.922   0.50 7.61  ? 70  MET A CA  1 
ATOM   406  C C   A MET A 1 48  ? 0.614   -11.202 5.662   0.50 6.38  ? 70  MET A C   1 
ATOM   407  C C   B MET A 1 48  ? 0.544   -11.195 5.722   0.50 7.43  ? 70  MET A C   1 
ATOM   408  O O   A MET A 1 48  ? -0.109  -11.569 4.738   0.50 5.91  ? 70  MET A O   1 
ATOM   409  O O   B MET A 1 48  ? -0.288  -11.517 4.881   0.50 6.89  ? 70  MET A O   1 
ATOM   410  C CB  A MET A 1 48  ? 2.194   -9.248  5.226   0.50 5.65  ? 70  MET A CB  1 
ATOM   411  C CB  B MET A 1 48  ? 2.333   -9.556  5.289   0.50 8.36  ? 70  MET A CB  1 
ATOM   412  C CG  A MET A 1 48  ? 2.265   -9.636  3.764   0.50 3.19  ? 70  MET A CG  1 
ATOM   413  C CG  B MET A 1 48  ? 2.707   -8.126  5.062   0.50 11.43 ? 70  MET A CG  1 
ATOM   414  S SD  A MET A 1 48  ? 1.038   -8.798  2.763   0.50 3.79  ? 70  MET A SD  1 
ATOM   415  S SD  B MET A 1 48  ? 1.603   -7.259  3.941   0.50 14.23 ? 70  MET A SD  1 
ATOM   416  C CE  A MET A 1 48  ? 1.748   -7.161  2.687   0.50 4.47  ? 70  MET A CE  1 
ATOM   417  C CE  B MET A 1 48  ? 2.047   -7.912  2.326   0.50 14.25 ? 70  MET A CE  1 
ATOM   418  N N   . LYS A 1 49  ? 1.145   -12.083 6.501   1.00 6.89  ? 71  LYS A N   1 
ATOM   419  C CA  . LYS A 1 49  ? 0.849   -13.503 6.368   1.00 7.48  ? 71  LYS A CA  1 
ATOM   420  C C   . LYS A 1 49  ? -0.625  -13.783 6.635   1.00 7.04  ? 71  LYS A C   1 
ATOM   421  O O   . LYS A 1 49  ? -1.237  -14.575 5.933   1.00 7.42  ? 71  LYS A O   1 
ATOM   422  C CB  . LYS A 1 49  ? 1.743   -14.336 7.286   1.00 8.13  ? 71  LYS A CB  1 
ATOM   423  C CG  . LYS A 1 49  ? 3.171   -14.445 6.758   1.00 10.15 ? 71  LYS A CG  1 
ATOM   424  C CD  . LYS A 1 49  ? 4.117   -15.162 7.730   1.00 14.46 ? 71  LYS A CD  1 
ATOM   425  C CE  . LYS A 1 49  ? 5.523   -15.334 7.141   1.00 16.97 ? 71  LYS A CE  1 
ATOM   426  N NZ  . LYS A 1 49  ? 6.468   -16.058 8.052   1.00 20.60 ? 71  LYS A NZ  1 
ATOM   427  N N   . LEU A 1 50  ? -1.203  -13.116 7.631   1.00 7.33  ? 72  LEU A N   1 
ATOM   428  C CA  . LEU A 1 50  ? -2.621  -13.314 7.887   1.00 7.81  ? 72  LEU A CA  1 
ATOM   429  C C   . LEU A 1 50  ? -3.480  -12.777 6.730   1.00 7.02  ? 72  LEU A C   1 
ATOM   430  O O   . LEU A 1 50  ? -4.419  -13.431 6.300   1.00 7.47  ? 72  LEU A O   1 
ATOM   431  C CB  . LEU A 1 50  ? -3.052  -12.713 9.229   1.00 8.51  ? 72  LEU A CB  1 
ATOM   432  C CG  . LEU A 1 50  ? -4.461  -13.188 9.635   1.00 10.84 ? 72  LEU A CG  1 
ATOM   433  C CD1 . LEU A 1 50  ? -4.506  -14.671 9.994   1.00 13.23 ? 72  LEU A CD1 1 
ATOM   434  C CD2 . LEU A 1 50  ? -5.022  -12.347 10.774  1.00 12.72 ? 72  LEU A CD2 1 
ATOM   435  N N   . ALA A 1 51  ? -3.114  -11.611 6.195   1.00 6.50  ? 73  ALA A N   1 
ATOM   436  C CA  . ALA A 1 51  ? -3.807  -11.045 5.030   1.00 6.90  ? 73  ALA A CA  1 
ATOM   437  C C   . ALA A 1 51  ? -3.791  -12.015 3.846   1.00 7.08  ? 73  ALA A C   1 
ATOM   438  O O   . ALA A 1 51  ? -4.821  -12.254 3.198   1.00 6.76  ? 73  ALA A O   1 
ATOM   439  C CB  . ALA A 1 51  ? -3.172  -9.720  4.635   1.00 6.83  ? 73  ALA A CB  1 
ATOM   440  N N   A LEU A 1 52  ? -2.613  -12.564 3.558   0.50 7.81  ? 74  LEU A N   1 
ATOM   441  N N   B LEU A 1 52  ? -2.624  -12.578 3.565   0.50 7.61  ? 74  LEU A N   1 
ATOM   442  C CA  A LEU A 1 52  ? -2.462  -13.591 2.534   0.50 8.42  ? 74  LEU A CA  1 
ATOM   443  C CA  B LEU A 1 52  ? -2.506  -13.556 2.500   0.50 8.00  ? 74  LEU A CA  1 
ATOM   444  C C   A LEU A 1 52  ? -3.465  -14.730 2.732   0.50 8.87  ? 74  LEU A C   1 
ATOM   445  C C   B LEU A 1 52  ? -3.448  -14.752 2.722   0.50 8.68  ? 74  LEU A C   1 
ATOM   446  O O   A LEU A 1 52  ? -4.161  -15.155 1.793   0.50 8.64  ? 74  LEU A O   1 
ATOM   447  O O   B LEU A 1 52  ? -4.108  -15.223 1.783   0.50 8.56  ? 74  LEU A O   1 
ATOM   448  C CB  A LEU A 1 52  ? -1.036  -14.125 2.579   0.50 8.89  ? 74  LEU A CB  1 
ATOM   449  C CB  B LEU A 1 52  ? -1.049  -13.971 2.362   0.50 8.05  ? 74  LEU A CB  1 
ATOM   450  C CG  A LEU A 1 52  ? -0.675  -15.225 1.583   0.50 10.17 ? 74  LEU A CG  1 
ATOM   451  C CG  B LEU A 1 52  ? -0.663  -14.776 1.126   0.50 8.20  ? 74  LEU A CG  1 
ATOM   452  C CD1 A LEU A 1 52  ? -0.389  -14.602 0.242   0.50 12.67 ? 74  LEU A CD1 1 
ATOM   453  C CD1 B LEU A 1 52  ? 0.829   -14.646 0.901   0.50 7.82  ? 74  LEU A CD1 1 
ATOM   454  C CD2 A LEU A 1 52  ? 0.541   -15.969 2.072   0.50 12.28 ? 74  LEU A CD2 1 
ATOM   455  C CD2 B LEU A 1 52  ? -1.069  -16.222 1.327   0.50 8.41  ? 74  LEU A CD2 1 
ATOM   456  N N   . SER A 1 53  ? -3.557  -15.216 3.967   1.00 8.54  ? 75  SER A N   1 
ATOM   457  C CA  . SER A 1 53  ? -4.471  -16.326 4.292   1.00 9.82  ? 75  SER A CA  1 
ATOM   458  C C   . SER A 1 53  ? -5.950  -15.986 4.063   1.00 10.78 ? 75  SER A C   1 
ATOM   459  O O   . SER A 1 53  ? -6.774  -16.893 3.917   1.00 11.73 ? 75  SER A O   1 
ATOM   460  C CB  . SER A 1 53  ? -4.233  -16.817 5.729   1.00 11.13 ? 75  SER A CB  1 
ATOM   461  O OG  . SER A 1 53  ? -4.871  -16.007 6.689   1.00 12.07 ? 75  SER A OG  1 
ATOM   462  N N   . LYS A 1 54  ? -6.289  -14.702 4.059   1.00 9.89  ? 76  LYS A N   1 
ATOM   463  C CA  . LYS A 1 54  ? -7.646  -14.237 3.779   1.00 10.72 ? 76  LYS A CA  1 
ATOM   464  C C   . LYS A 1 54  ? -7.899  -13.960 2.305   1.00 10.45 ? 76  LYS A C   1 
ATOM   465  O O   . LYS A 1 54  ? -8.999  -13.553 1.941   1.00 12.46 ? 76  LYS A O   1 
ATOM   466  C CB  . LYS A 1 54  ? -7.947  -12.970 4.593   1.00 11.39 ? 76  LYS A CB  1 
ATOM   467  C CG  . LYS A 1 54  ? -7.755  -13.102 6.098   1.00 12.76 ? 76  LYS A CG  1 
ATOM   468  C CD  . LYS A 1 54  ? -8.648  -14.139 6.725   1.00 16.16 ? 76  LYS A CD  1 
ATOM   469  C CE  . LYS A 1 54  ? -8.497  -14.108 8.244   1.00 17.07 ? 76  LYS A CE  1 
ATOM   470  N NZ  . LYS A 1 54  ? -9.168  -15.278 8.888   1.00 20.19 ? 76  LYS A NZ  1 
ATOM   471  N N   . GLY A 1 55  ? -6.893  -14.168 1.458   1.00 9.96  ? 77  GLY A N   1 
ATOM   472  C CA  . GLY A 1 55  ? -7.097  -13.974 0.030   1.00 9.72  ? 77  GLY A CA  1 
ATOM   473  C C   . GLY A 1 55  ? -6.288  -12.881 -0.644  1.00 9.31  ? 77  GLY A C   1 
ATOM   474  O O   . GLY A 1 55  ? -6.466  -12.653 -1.836  1.00 9.91  ? 77  GLY A O   1 
ATOM   475  N N   . PHE A 1 56  ? -5.355  -12.246 0.075   1.00 7.80  ? 78  PHE A N   1 
ATOM   476  C CA  . PHE A 1 56  ? -4.592  -11.140 -0.502  1.00 7.54  ? 78  PHE A CA  1 
ATOM   477  C C   . PHE A 1 56  ? -3.427  -11.619 -1.358  1.00 7.41  ? 78  PHE A C   1 
ATOM   478  O O   . PHE A 1 56  ? -2.547  -12.318 -0.859  1.00 8.21  ? 78  PHE A O   1 
ATOM   479  C CB  . PHE A 1 56  ? -4.042  -10.275 0.633   1.00 7.55  ? 78  PHE A CB  1 
ATOM   480  C CG  . PHE A 1 56  ? -3.452  -8.939  0.202   1.00 7.81  ? 78  PHE A CG  1 
ATOM   481  C CD1 . PHE A 1 56  ? -4.063  -8.136  -0.771  1.00 9.87  ? 78  PHE A CD1 1 
ATOM   482  C CD2 . PHE A 1 56  ? -2.312  -8.459  0.840   1.00 8.50  ? 78  PHE A CD2 1 
ATOM   483  C CE1 . PHE A 1 56  ? -3.524  -6.890  -1.107  1.00 9.61  ? 78  PHE A CE1 1 
ATOM   484  C CE2 . PHE A 1 56  ? -1.783  -7.227  0.498   1.00 8.39  ? 78  PHE A CE2 1 
ATOM   485  C CZ  . PHE A 1 56  ? -2.400  -6.436  -0.463  1.00 8.07  ? 78  PHE A CZ  1 
ATOM   486  N N   . GLU A 1 57  ? -3.365  -11.179 -2.614  1.00 7.29  ? 79  GLU A N   1 
ATOM   487  C CA  . GLU A 1 57  ? -2.164  -11.332 -3.417  1.00 7.93  ? 79  GLU A CA  1 
ATOM   488  C C   . GLU A 1 57  ? -2.058  -10.179 -4.390  1.00 7.57  ? 79  GLU A C   1 
ATOM   489  O O   . GLU A 1 57  ? -3.097  -9.576  -4.778  1.00 8.02  ? 79  GLU A O   1 
ATOM   490  C CB  . GLU A 1 57  ? -2.105  -12.683 -4.133  1.00 8.27  ? 79  GLU A CB  1 
ATOM   491  C CG  . GLU A 1 57  ? -3.151  -12.914 -5.210  1.00 12.09 ? 79  GLU A CG  1 
ATOM   492  C CD  . GLU A 1 57  ? -2.865  -14.175 -6.061  1.00 11.61 ? 79  GLU A CD  1 
ATOM   493  O OE1 . GLU A 1 57  ? -1.826  -14.848 -5.909  1.00 11.89 ? 79  GLU A OE1 1 
ATOM   494  O OE2 . GLU A 1 57  ? -3.671  -14.473 -6.956  1.00 11.36 ? 79  GLU A OE2 1 
ATOM   495  N N   . THR A 1 58  ? -0.828  -9.820  -4.734  1.00 7.18  ? 80  THR A N   1 
ATOM   496  C CA  . THR A 1 58  ? -0.603  -8.835  -5.796  1.00 7.86  ? 80  THR A CA  1 
ATOM   497  C C   . THR A 1 58  ? 0.543   -9.341  -6.642  1.00 8.04  ? 80  THR A C   1 
ATOM   498  O O   . THR A 1 58  ? 1.185   -10.333 -6.321  1.00 8.32  ? 80  THR A O   1 
ATOM   499  C CB  . THR A 1 58  ? -0.182  -7.462  -5.248  1.00 7.89  ? 80  THR A CB  1 
ATOM   500  O OG1 . THR A 1 58  ? 1.179   -7.538  -4.820  1.00 7.43  ? 80  THR A OG1 1 
ATOM   501  C CG2 . THR A 1 58  ? -1.077  -7.005  -4.091  1.00 8.32  ? 80  THR A CG2 1 
ATOM   502  N N   . CYS A 1 59  ? 0.857   -8.598  -7.697  1.00 8.20  ? 81  CYS A N   1 
ATOM   503  C CA  . CYS A 1 59  ? 2.064   -8.826  -8.453  1.00 9.87  ? 81  CYS A CA  1 
ATOM   504  C C   . CYS A 1 59  ? 2.983   -7.627  -8.362  1.00 9.13  ? 81  CYS A C   1 
ATOM   505  O O   . CYS A 1 59  ? 3.625   -7.255  -9.348  1.00 10.71 ? 81  CYS A O   1 
ATOM   506  C CB  . CYS A 1 59  ? 1.748   -9.155  -9.919  1.00 11.23 ? 81  CYS A CB  1 
ATOM   507  S SG  . CYS A 1 59  ? 3.148   -9.822  -10.899 1.00 16.13 ? 81  CYS A SG  1 
ATOM   508  N N   . ARG A 1 60  ? 3.061   -7.016  -7.176  1.00 8.59  ? 82  ARG A N   1 
ATOM   509  C CA  . ARG A 1 60  ? 3.837   -5.788  -6.972  1.00 7.98  ? 82  ARG A CA  1 
ATOM   510  C C   . ARG A 1 60  ? 4.704   -5.858  -5.743  1.00 7.37  ? 82  ARG A C   1 
ATOM   511  O O   . ARG A 1 60  ? 4.234   -6.223  -4.651  1.00 8.23  ? 82  ARG A O   1 
ATOM   512  C CB  . ARG A 1 60  ? 2.914   -4.580  -6.773  1.00 8.26  ? 82  ARG A CB  1 
ATOM   513  C CG  . ARG A 1 60  ? 1.944   -4.290  -7.905  1.00 9.25  ? 82  ARG A CG  1 
ATOM   514  C CD  . ARG A 1 60  ? 2.658   -4.030  -9.182  1.00 11.28 ? 82  ARG A CD  1 
ATOM   515  N NE  . ARG A 1 60  ? 3.241   -2.711  -9.282  1.00 15.47 ? 82  ARG A NE  1 
ATOM   516  C CZ  . ARG A 1 60  ? 3.986   -2.358  -10.327 1.00 14.63 ? 82  ARG A CZ  1 
ATOM   517  N NH1 . ARG A 1 60  ? 4.232   -3.250  -11.283 1.00 17.75 ? 82  ARG A NH1 1 
ATOM   518  N NH2 . ARG A 1 60  ? 4.498   -1.146  -10.411 1.00 16.68 ? 82  ARG A NH2 1 
ATOM   519  N N   . TYR A 1 61  ? 5.956   -5.455  -5.889  1.00 7.47  ? 83  TYR A N   1 
ATOM   520  C CA  . TYR A 1 61  ? 6.806   -5.231  -4.733  1.00 7.41  ? 83  TYR A CA  1 
ATOM   521  C C   . TYR A 1 61  ? 6.293   -4.051  -3.928  1.00 6.86  ? 83  TYR A C   1 
ATOM   522  O O   . TYR A 1 61  ? 6.011   -2.979  -4.491  1.00 7.89  ? 83  TYR A O   1 
ATOM   523  C CB  . TYR A 1 61  ? 8.199   -4.855  -5.193  1.00 8.75  ? 83  TYR A CB  1 
ATOM   524  C CG  . TYR A 1 61  ? 8.977   -5.939  -5.858  1.00 10.98 ? 83  TYR A CG  1 
ATOM   525  C CD1 . TYR A 1 61  ? 9.361   -7.073  -5.148  1.00 13.29 ? 83  TYR A CD1 1 
ATOM   526  C CD2 . TYR A 1 61  ? 9.411   -5.789  -7.178  1.00 14.02 ? 83  TYR A CD2 1 
ATOM   527  C CE1 . TYR A 1 61  ? 10.118  -8.080  -5.761  1.00 17.02 ? 83  TYR A CE1 1 
ATOM   528  C CE2 . TYR A 1 61  ? 10.170  -6.779  -7.797  1.00 18.56 ? 83  TYR A CE2 1 
ATOM   529  C CZ  . TYR A 1 61  ? 10.512  -7.919  -7.080  1.00 17.52 ? 83  TYR A CZ  1 
ATOM   530  O OH  . TYR A 1 61  ? 11.265  -8.900  -7.695  1.00 23.43 ? 83  TYR A OH  1 
ATOM   531  N N   . GLY A 1 62  ? 6.205   -4.209  -2.613  1.00 6.63  ? 84  GLY A N   1 
ATOM   532  C CA  . GLY A 1 62  ? 5.855   -3.084  -1.759  1.00 6.30  ? 84  GLY A CA  1 
ATOM   533  C C   . GLY A 1 62  ? 6.473   -3.204  -0.383  1.00 5.80  ? 84  GLY A C   1 
ATOM   534  O O   . GLY A 1 62  ? 6.728   -4.314  0.118   1.00 6.18  ? 84  GLY A O   1 
ATOM   535  N N   . PHE A 1 63  ? 6.683   -2.058  0.252   1.00 5.85  ? 85  PHE A N   1 
ATOM   536  C CA  . PHE A 1 63  ? 7.202   -2.027  1.615   1.00 6.73  ? 85  PHE A CA  1 
ATOM   537  C C   . PHE A 1 63  ? 6.252   -2.611  2.622   1.00 6.75  ? 85  PHE A C   1 
ATOM   538  O O   . PHE A 1 63  ? 5.031   -2.356  2.589   1.00 6.42  ? 85  PHE A O   1 
ATOM   539  C CB  . PHE A 1 63  ? 7.472   -0.599  2.079   1.00 7.64  ? 85  PHE A CB  1 
ATOM   540  C CG  . PHE A 1 63  ? 8.431   0.120   1.230   1.00 8.07  ? 85  PHE A CG  1 
ATOM   541  C CD1 . PHE A 1 63  ? 9.775   -0.115  1.318   1.00 10.29 ? 85  PHE A CD1 1 
ATOM   542  C CD2 . PHE A 1 63  ? 7.972   1.045   0.314   1.00 10.02 ? 85  PHE A CD2 1 
ATOM   543  C CE1 . PHE A 1 63  ? 10.661  0.601   0.501   1.00 10.88 ? 85  PHE A CE1 1 
ATOM   544  C CE2 . PHE A 1 63  ? 8.832   1.743   -0.481  1.00 13.02 ? 85  PHE A CE2 1 
ATOM   545  C CZ  . PHE A 1 63  ? 10.166  1.509   -0.402  1.00 9.77  ? 85  PHE A CZ  1 
ATOM   546  N N   . ILE A 1 64  ? 6.827   -3.390  3.535   1.00 7.13  ? 86  ILE A N   1 
ATOM   547  C CA  . ILE A 1 64  ? 6.248   -3.643  4.835   1.00 7.28  ? 86  ILE A CA  1 
ATOM   548  C C   . ILE A 1 64  ? 7.268   -3.160  5.843   1.00 7.89  ? 86  ILE A C   1 
ATOM   549  O O   . ILE A 1 64  ? 8.245   -2.527  5.463   1.00 9.52  ? 86  ILE A O   1 
ATOM   550  C CB  . ILE A 1 64  ? 5.858   -5.119  5.050   1.00 7.29  ? 86  ILE A CB  1 
ATOM   551  C CG1 . ILE A 1 64  ? 7.085   -6.042  5.006   1.00 7.75  ? 86  ILE A CG1 1 
ATOM   552  C CG2 . ILE A 1 64  ? 4.788   -5.529  4.049   1.00 7.42  ? 86  ILE A CG2 1 
ATOM   553  C CD1 . ILE A 1 64  ? 6.812   -7.457  5.550   1.00 10.02 ? 86  ILE A CD1 1 
ATOM   554  N N   . GLU A 1 65  ? 7.015   -3.371  7.130   1.00 8.09  ? 87  GLU A N   1 
ATOM   555  C CA  . GLU A 1 65  ? 8.008   -3.017  8.141   1.00 10.98 ? 87  GLU A CA  1 
ATOM   556  C C   . GLU A 1 65  ? 9.208   -3.963  8.006   1.00 12.09 ? 87  GLU A C   1 
ATOM   557  O O   . GLU A 1 65  ? 9.081   -5.176  8.189   1.00 14.24 ? 87  GLU A O   1 
ATOM   558  C CB  . GLU A 1 65  ? 7.410   -3.120  9.533   1.00 10.88 ? 87  GLU A CB  1 
ATOM   559  C CG  . GLU A 1 65  ? 8.343   -2.591  10.629  1.00 15.20 ? 87  GLU A CG  1 
ATOM   560  C CD  . GLU A 1 65  ? 8.598   -1.091  10.530  1.00 18.73 ? 87  GLU A CD  1 
ATOM   561  O OE1 . GLU A 1 65  ? 7.635   -0.309  10.376  1.00 20.58 ? 87  GLU A OE1 1 
ATOM   562  O OE2 . GLU A 1 65  ? 9.778   -0.681  10.618  1.00 24.34 ? 87  GLU A OE2 1 
ATOM   563  N N   . GLY A 1 66  ? 10.352  -3.405  7.649   1.00 11.45 ? 88  GLY A N   1 
ATOM   564  C CA  . GLY A 1 66  ? 11.566  -4.180  7.601   1.00 10.63 ? 88  GLY A CA  1 
ATOM   565  C C   . GLY A 1 66  ? 11.959  -4.763  6.262   1.00 9.82  ? 88  GLY A C   1 
ATOM   566  O O   . GLY A 1 66  ? 13.144  -4.979  6.049   1.00 10.95 ? 88  GLY A O   1 
ATOM   567  N N   . ASN A 1 67  ? 11.012  -5.079  5.375   1.00 8.97  ? 89  ASN A N   1 
ATOM   568  C CA  . ASN A 1 67  ? 11.336  -5.692  4.060   1.00 7.84  ? 89  ASN A CA  1 
ATOM   569  C C   . ASN A 1 67  ? 10.462  -5.145  2.936   1.00 6.71  ? 89  ASN A C   1 
ATOM   570  O O   . ASN A 1 67  ? 9.522   -4.379  3.177   1.00 7.61  ? 89  ASN A O   1 
ATOM   571  C CB  . ASN A 1 67  ? 11.205  -7.231  4.125   1.00 8.34  ? 89  ASN A CB  1 
ATOM   572  C CG  . ASN A 1 67  ? 12.318  -7.864  4.926   1.00 9.33  ? 89  ASN A CG  1 
ATOM   573  O OD1 . ASN A 1 67  ? 12.130  -8.232  6.086   1.00 9.60  ? 89  ASN A OD1 1 
ATOM   574  N ND2 . ASN A 1 67  ? 13.484  -7.988  4.330   1.00 11.16 ? 89  ASN A ND2 1 
ATOM   575  N N   . VAL A 1 68  ? 10.801  -5.562  1.726   1.00 6.28  ? 90  VAL A N   1 
ATOM   576  C CA  . VAL A 1 68  ? 9.986   -5.312  0.545   1.00 6.70  ? 90  VAL A CA  1 
ATOM   577  C C   . VAL A 1 68  ? 9.500   -6.692  0.121   1.00 6.57  ? 90  VAL A C   1 
ATOM   578  O O   . VAL A 1 68  ? 10.321  -7.619  -0.005  1.00 7.69  ? 90  VAL A O   1 
ATOM   579  C CB  . VAL A 1 68  ? 10.829  -4.683  -0.580  1.00 6.30  ? 90  VAL A CB  1 
ATOM   580  C CG1 . VAL A 1 68  ? 10.007  -4.571  -1.861  1.00 8.55  ? 90  VAL A CG1 1 
ATOM   581  C CG2 . VAL A 1 68  ? 11.320  -3.311  -0.116  1.00 8.55  ? 90  VAL A CG2 1 
ATOM   582  N N   . VAL A 1 69  ? 8.198   -6.831  -0.142  1.00 6.27  ? 91  VAL A N   1 
ATOM   583  C CA  . VAL A 1 69  ? 7.595   -8.155  -0.348  1.00 6.92  ? 91  VAL A CA  1 
ATOM   584  C C   . VAL A 1 69  ? 6.543   -8.142  -1.447  1.00 6.91  ? 91  VAL A C   1 
ATOM   585  O O   . VAL A 1 69  ? 6.056   -7.085  -1.883  1.00 7.47  ? 91  VAL A O   1 
ATOM   586  C CB  . VAL A 1 69  ? 6.952   -8.693  0.956   1.00 7.29  ? 91  VAL A CB  1 
ATOM   587  C CG1 . VAL A 1 69  ? 7.983   -8.708  2.085   1.00 7.92  ? 91  VAL A CG1 1 
ATOM   588  C CG2 . VAL A 1 69  ? 5.694   -7.890  1.348   1.00 8.77  ? 91  VAL A CG2 1 
ATOM   589  N N   . ILE A 1 70  ? 6.167   -9.354  -1.864  1.00 6.95  ? 92  ILE A N   1 
ATOM   590  C CA  . ILE A 1 70  ? 4.994   -9.588  -2.720  1.00 8.12  ? 92  ILE A CA  1 
ATOM   591  C C   . ILE A 1 70  ? 4.208   -10.754 -2.125  1.00 7.72  ? 92  ILE A C   1 
ATOM   592  O O   . ILE A 1 70  ? 4.727   -11.865 -2.054  1.00 8.04  ? 92  ILE A O   1 
ATOM   593  C CB  . ILE A 1 70  ? 5.344   -9.974  -4.181  1.00 8.70  ? 92  ILE A CB  1 
ATOM   594  C CG1 . ILE A 1 70  ? 6.322   -8.987  -4.798  1.00 10.25 ? 92  ILE A CG1 1 
ATOM   595  C CG2 . ILE A 1 70  ? 4.080   -10.049 -5.030  1.00 9.16  ? 92  ILE A CG2 1 
ATOM   596  C CD1 . ILE A 1 70  ? 6.758   -9.330  -6.205  1.00 13.75 ? 92  ILE A CD1 1 
ATOM   597  N N   . PRO A 1 71  ? 2.950   -10.533 -1.721  1.00 7.27  ? 93  PRO A N   1 
ATOM   598  C CA  . PRO A 1 71  ? 2.127   -11.657 -1.278  1.00 7.22  ? 93  PRO A CA  1 
ATOM   599  C C   . PRO A 1 71  ? 1.613   -12.434 -2.486  1.00 6.92  ? 93  PRO A C   1 
ATOM   600  O O   . PRO A 1 71  ? 1.024   -11.853 -3.412  1.00 7.40  ? 93  PRO A O   1 
ATOM   601  C CB  . PRO A 1 71  ? 0.968   -10.974 -0.515  1.00 7.55  ? 93  PRO A CB  1 
ATOM   602  C CG  . PRO A 1 71  ? 0.851   -9.619  -1.160  1.00 7.66  ? 93  PRO A CG  1 
ATOM   603  C CD  . PRO A 1 71  ? 2.212   -9.253  -1.708  1.00 8.05  ? 93  PRO A CD  1 
ATOM   604  N N   . ARG A 1 72  ? 1.829   -13.746 -2.471  1.00 7.88  ? 94  ARG A N   1 
ATOM   605  C CA  . ARG A 1 72  ? 1.417   -14.616 -3.589  1.00 8.34  ? 94  ARG A CA  1 
ATOM   606  C C   . ARG A 1 72  ? 0.600   -15.800 -3.111  1.00 9.12  ? 94  ARG A C   1 
ATOM   607  O O   . ARG A 1 72  ? 1.041   -16.543 -2.236  1.00 9.34  ? 94  ARG A O   1 
ATOM   608  C CB  . ARG A 1 72  ? 2.639   -15.181 -4.334  1.00 9.41  ? 94  ARG A CB  1 
ATOM   609  C CG  . ARG A 1 72  ? 3.467   -14.151 -5.089  1.00 10.19 ? 94  ARG A CG  1 
ATOM   610  C CD  . ARG A 1 72  ? 2.654   -13.367 -6.085  1.00 10.14 ? 94  ARG A CD  1 
ATOM   611  N NE  . ARG A 1 72  ? 2.022   -14.236 -7.080  1.00 10.57 ? 94  ARG A NE  1 
ATOM   612  C CZ  . ARG A 1 72  ? 1.004   -13.869 -7.844  1.00 11.08 ? 94  ARG A CZ  1 
ATOM   613  N NH1 . ARG A 1 72  ? 0.527   -12.629 -7.788  1.00 13.23 ? 94  ARG A NH1 1 
ATOM   614  N NH2 . ARG A 1 72  ? 0.503   -14.728 -8.731  1.00 13.94 ? 94  ARG A NH2 1 
ATOM   615  N N   . ILE A 1 73  ? -0.568  -15.984 -3.696  1.00 9.14  ? 95  ILE A N   1 
ATOM   616  C CA  . ILE A 1 73  ? -1.362  -17.180 -3.430  1.00 10.57 ? 95  ILE A CA  1 
ATOM   617  C C   . ILE A 1 73  ? -1.154  -18.201 -4.548  1.00 11.52 ? 95  ILE A C   1 
ATOM   618  O O   . ILE A 1 73  ? -0.818  -19.355 -4.286  1.00 11.96 ? 95  ILE A O   1 
ATOM   619  C CB  . ILE A 1 73  ? -2.835  -16.832 -3.249  1.00 10.81 ? 95  ILE A CB  1 
ATOM   620  C CG1 . ILE A 1 73  ? -3.008  -16.032 -1.954  1.00 10.87 ? 95  ILE A CG1 1 
ATOM   621  C CG2 . ILE A 1 73  ? -3.690  -18.103 -3.222  1.00 12.04 ? 95  ILE A CG2 1 
ATOM   622  C CD1 . ILE A 1 73  ? -4.351  -15.382 -1.799  1.00 12.37 ? 95  ILE A CD1 1 
ATOM   623  N N   . HIS A 1 74  ? -1.317  -17.756 -5.793  1.00 11.74 ? 96  HIS A N   1 
ATOM   624  C CA  . HIS A 1 74  ? -1.165  -18.625 -6.965  1.00 13.80 ? 96  HIS A CA  1 
ATOM   625  C C   . HIS A 1 74  ? 0.219   -18.444 -7.586  1.00 15.18 ? 96  HIS A C   1 
ATOM   626  O O   . HIS A 1 74  ? 0.712   -17.314 -7.711  1.00 15.81 ? 96  HIS A O   1 
ATOM   627  C CB  . HIS A 1 74  ? -2.253  -18.308 -7.994  1.00 14.89 ? 96  HIS A CB  1 
ATOM   628  C CG  . HIS A 1 74  ? -3.638  -18.388 -7.441  1.00 16.13 ? 96  HIS A CG  1 
ATOM   629  N ND1 . HIS A 1 74  ? -4.309  -17.287 -6.953  1.00 18.34 ? 96  HIS A ND1 1 
ATOM   630  C CD2 . HIS A 1 74  ? -4.469  -19.443 -7.267  1.00 18.26 ? 96  HIS A CD2 1 
ATOM   631  C CE1 . HIS A 1 74  ? -5.496  -17.659 -6.511  1.00 18.84 ? 96  HIS A CE1 1 
ATOM   632  N NE2 . HIS A 1 74  ? -5.618  -18.963 -6.691  1.00 19.74 ? 96  HIS A NE2 1 
ATOM   633  N N   . PRO A 1 75  ? 0.883   -19.548 -7.962  1.00 15.11 ? 97  PRO A N   1 
ATOM   634  C CA  . PRO A 1 75  ? 2.187   -19.377 -8.600  1.00 16.38 ? 97  PRO A CA  1 
ATOM   635  C C   . PRO A 1 75  ? 2.040   -18.811 -10.015 1.00 17.22 ? 97  PRO A C   1 
ATOM   636  O O   . PRO A 1 75  ? 1.197   -19.258 -10.791 1.00 18.23 ? 97  PRO A O   1 
ATOM   637  C CB  . PRO A 1 75  ? 2.767   -20.796 -8.627  1.00 16.87 ? 97  PRO A CB  1 
ATOM   638  C CG  . PRO A 1 75  ? 1.606   -21.697 -8.455  1.00 16.55 ? 97  PRO A CG  1 
ATOM   639  C CD  . PRO A 1 75  ? 0.549   -20.965 -7.716  1.00 15.49 ? 97  PRO A CD  1 
ATOM   640  N N   . ASN A 1 76  ? 2.826   -17.786 -10.314 1.00 17.65 ? 98  ASN A N   1 
ATOM   641  C CA  . ASN A 1 76  ? 2.863   -17.168 -11.637 1.00 18.86 ? 98  ASN A CA  1 
ATOM   642  C C   . ASN A 1 76  ? 4.323   -16.867 -11.949 1.00 18.95 ? 98  ASN A C   1 
ATOM   643  O O   . ASN A 1 76  ? 5.021   -16.259 -11.140 1.00 18.63 ? 98  ASN A O   1 
ATOM   644  C CB  . ASN A 1 76  ? 2.005   -15.898 -11.639 1.00 19.61 ? 98  ASN A CB  1 
ATOM   645  C CG  . ASN A 1 76  ? 1.838   -15.284 -13.026 1.00 21.67 ? 98  ASN A CG  1 
ATOM   646  O OD1 . ASN A 1 76  ? 2.771   -15.238 -13.822 1.00 25.50 ? 98  ASN A OD1 1 
ATOM   647  N ND2 . ASN A 1 76  ? 0.640   -14.782 -13.303 1.00 25.64 ? 98  ASN A ND2 1 
ATOM   648  N N   . ALA A 1 77  ? 4.790   -17.331 -13.106 1.00 19.80 ? 99  ALA A N   1 
ATOM   649  C CA  . ALA A 1 77  ? 6.204   -17.237 -13.470 1.00 20.70 ? 99  ALA A CA  1 
ATOM   650  C C   . ALA A 1 77  ? 6.751   -15.810 -13.499 1.00 21.01 ? 99  ALA A C   1 
ATOM   651  O O   . ALA A 1 77  ? 7.939   -15.603 -13.265 1.00 21.95 ? 99  ALA A O   1 
ATOM   652  C CB  . ALA A 1 77  ? 6.453   -17.929 -14.814 1.00 21.03 ? 99  ALA A CB  1 
ATOM   653  N N   . ILE A 1 78  ? 5.887   -14.843 -13.789 1.00 21.18 ? 100 ILE A N   1 
ATOM   654  C CA  . ILE A 1 78  ? 6.303   -13.428 -13.860 1.00 22.03 ? 100 ILE A CA  1 
ATOM   655  C C   . ILE A 1 78  ? 5.942   -12.591 -12.621 1.00 21.65 ? 100 ILE A C   1 
ATOM   656  O O   . ILE A 1 78  ? 6.076   -11.361 -12.630 1.00 22.34 ? 100 ILE A O   1 
ATOM   657  C CB  . ILE A 1 78  ? 5.787   -12.729 -15.143 1.00 22.38 ? 100 ILE A CB  1 
ATOM   658  C CG1 . ILE A 1 78  ? 4.256   -12.646 -15.138 1.00 23.11 ? 100 ILE A CG1 1 
ATOM   659  C CG2 . ILE A 1 78  ? 6.337   -13.432 -16.390 1.00 24.02 ? 100 ILE A CG2 1 
ATOM   660  C CD1 . ILE A 1 78  ? 3.678   -11.536 -16.025 1.00 25.82 ? 100 ILE A CD1 1 
ATOM   661  N N   . CYS A 1 79  ? 5.486   -13.257 -11.563 1.00 20.94 ? 101 CYS A N   1 
ATOM   662  C CA  . CYS A 1 79  ? 5.224   -12.606 -10.279 1.00 20.29 ? 101 CYS A CA  1 
ATOM   663  C C   . CYS A 1 79  ? 5.975   -13.348 -9.193  1.00 20.71 ? 101 CYS A C   1 
ATOM   664  O O   . CYS A 1 79  ? 5.593   -14.461 -8.822  1.00 20.58 ? 101 CYS A O   1 
ATOM   665  C CB  . CYS A 1 79  ? 3.730   -12.621 -9.954  1.00 19.89 ? 101 CYS A CB  1 
ATOM   666  S SG  . CYS A 1 79  ? 2.683   -11.785 -11.136 1.00 18.75 ? 101 CYS A SG  1 
ATOM   667  N N   . ALA A 1 80  ? 7.047   -12.737 -8.693  1.00 20.51 ? 102 ALA A N   1 
ATOM   668  C CA  . ALA A 1 80  ? 7.865   -13.308 -7.612  1.00 21.46 ? 102 ALA A CA  1 
ATOM   669  C C   . ALA A 1 80  ? 8.488   -14.652 -8.000  1.00 21.93 ? 102 ALA A C   1 
ATOM   670  O O   . ALA A 1 80  ? 8.603   -15.563 -7.179  1.00 21.90 ? 102 ALA A O   1 
ATOM   671  C CB  . ALA A 1 80  ? 7.044   -13.430 -6.313  1.00 21.19 ? 102 ALA A CB  1 
ATOM   672  N N   . ALA A 1 81  ? 8.878   -14.766 -9.269  1.00 22.90 ? 103 ALA A N   1 
ATOM   673  C CA  . ALA A 1 81  ? 9.563   -15.957 -9.790  1.00 23.13 ? 103 ALA A CA  1 
ATOM   674  C C   . ALA A 1 81  ? 8.838   -17.260 -9.435  1.00 22.92 ? 103 ALA A C   1 
ATOM   675  O O   . ALA A 1 81  ? 9.461   -18.243 -9.027  1.00 23.43 ? 103 ALA A O   1 
ATOM   676  C CB  . ALA A 1 81  ? 11.022  -15.988 -9.316  1.00 23.59 ? 103 ALA A CB  1 
ATOM   677  N N   . ASN A 1 82  ? 7.514   -17.245 -9.586  1.00 22.34 ? 104 ASN A N   1 
ATOM   678  C CA  . ASN A 1 82  ? 6.669   -18.418 -9.380  1.00 21.37 ? 104 ASN A CA  1 
ATOM   679  C C   . ASN A 1 82  ? 6.508   -18.883 -7.919  1.00 20.65 ? 104 ASN A C   1 
ATOM   680  O O   . ASN A 1 82  ? 5.935   -19.937 -7.659  1.00 20.85 ? 104 ASN A O   1 
ATOM   681  C CB  . ASN A 1 82  ? 7.131   -19.572 -10.284 1.00 21.87 ? 104 ASN A CB  1 
ATOM   682  C CG  . ASN A 1 82  ? 5.983   -20.374 -10.826 1.00 21.67 ? 104 ASN A CG  1 
ATOM   683  O OD1 . ASN A 1 82  ? 5.015   -19.828 -11.347 1.00 22.76 ? 104 ASN A OD1 1 
ATOM   684  N ND2 . ASN A 1 82  ? 6.092   -21.694 -10.730 1.00 25.54 ? 104 ASN A ND2 1 
ATOM   685  N N   . HIS A 1 83  ? 6.977   -18.080 -6.967  1.00 19.55 ? 105 HIS A N   1 
ATOM   686  C CA  . HIS A 1 83  ? 6.834   -18.425 -5.552  1.00 18.22 ? 105 HIS A CA  1 
ATOM   687  C C   . HIS A 1 83  ? 5.395   -18.238 -5.062  1.00 16.70 ? 105 HIS A C   1 
ATOM   688  O O   . HIS A 1 83  ? 4.603   -17.514 -5.670  1.00 16.15 ? 105 HIS A O   1 
ATOM   689  C CB  . HIS A 1 83  ? 7.800   -17.607 -4.681  1.00 19.38 ? 105 HIS A CB  1 
ATOM   690  C CG  . HIS A 1 83  ? 9.224   -18.068 -4.755  1.00 21.56 ? 105 HIS A CG  1 
ATOM   691  N ND1 . HIS A 1 83  ? 10.127  -17.556 -5.662  1.00 23.28 ? 105 HIS A ND1 1 
ATOM   692  C CD2 . HIS A 1 83  ? 9.901   -18.987 -4.026  1.00 24.00 ? 105 HIS A CD2 1 
ATOM   693  C CE1 . HIS A 1 83  ? 11.297  -18.148 -5.498  1.00 24.71 ? 105 HIS A CE1 1 
ATOM   694  N NE2 . HIS A 1 83  ? 11.187  -19.020 -4.511  1.00 26.52 ? 105 HIS A NE2 1 
ATOM   695  N N   . THR A 1 84  ? 5.055   -18.944 -3.987  1.00 15.44 ? 106 THR A N   1 
ATOM   696  C CA  . THR A 1 84  ? 3.834   -18.654 -3.230  1.00 15.31 ? 106 THR A CA  1 
ATOM   697  C C   . THR A 1 84  ? 4.215   -18.273 -1.806  1.00 14.51 ? 106 THR A C   1 
ATOM   698  O O   . THR A 1 84  ? 5.348   -18.504 -1.375  1.00 15.63 ? 106 THR A O   1 
ATOM   699  C CB  . THR A 1 84  ? 2.846   -19.837 -3.208  1.00 15.89 ? 106 THR A CB  1 
ATOM   700  O OG1 . THR A 1 84  ? 3.426   -20.935 -2.496  1.00 17.66 ? 106 THR A OG1 1 
ATOM   701  C CG2 . THR A 1 84  ? 2.465   -20.269 -4.619  1.00 16.70 ? 106 THR A CG2 1 
ATOM   702  N N   . GLY A 1 85  ? 3.272   -17.672 -1.082  1.00 12.59 ? 107 GLY A N   1 
ATOM   703  C CA  . GLY A 1 85  ? 3.526   -17.167 0.263   1.00 11.53 ? 107 GLY A CA  1 
ATOM   704  C C   . GLY A 1 85  ? 3.959   -15.718 0.182   1.00 10.30 ? 107 GLY A C   1 
ATOM   705  O O   . GLY A 1 85  ? 3.845   -15.093 -0.875  1.00 9.85  ? 107 GLY A O   1 
ATOM   706  N N   . VAL A 1 86  ? 4.451   -15.174 1.285   1.00 10.49 ? 108 VAL A N   1 
ATOM   707  C CA  . VAL A 1 86  ? 4.965   -13.813 1.264   1.00 10.49 ? 108 VAL A CA  1 
ATOM   708  C C   . VAL A 1 86  ? 6.396   -13.847 0.744   1.00 10.44 ? 108 VAL A C   1 
ATOM   709  O O   . VAL A 1 86  ? 7.329   -14.237 1.464   1.00 13.00 ? 108 VAL A O   1 
ATOM   710  C CB  . VAL A 1 86  ? 4.890   -13.148 2.650   1.00 10.45 ? 108 VAL A CB  1 
ATOM   711  C CG1 . VAL A 1 86  ? 5.374   -11.707 2.575   1.00 10.59 ? 108 VAL A CG1 1 
ATOM   712  C CG2 . VAL A 1 86  ? 3.486   -13.188 3.186   1.00 11.10 ? 108 VAL A CG2 1 
ATOM   713  N N   . TYR A 1 87  ? 6.588   -13.442 -0.503  1.00 9.61  ? 109 TYR A N   1 
ATOM   714  C CA  . TYR A 1 87  ? 7.903   -13.483 -1.123  1.00 10.03 ? 109 TYR A CA  1 
ATOM   715  C C   . TYR A 1 87  ? 8.694   -12.253 -0.708  1.00 9.35  ? 109 TYR A C   1 
ATOM   716  O O   . TYR A 1 87  ? 8.218   -11.129 -0.854  1.00 9.81  ? 109 TYR A O   1 
ATOM   717  C CB  . TYR A 1 87  ? 7.779   -13.536 -2.637  1.00 11.22 ? 109 TYR A CB  1 
ATOM   718  C CG  . TYR A 1 87  ? 9.103   -13.460 -3.360  1.00 14.67 ? 109 TYR A CG  1 
ATOM   719  C CD1 . TYR A 1 87  ? 9.946   -14.573 -3.446  1.00 17.54 ? 109 TYR A CD1 1 
ATOM   720  C CD2 . TYR A 1 87  ? 9.516   -12.272 -3.952  1.00 17.83 ? 109 TYR A CD2 1 
ATOM   721  C CE1 . TYR A 1 87  ? 11.184  -14.485 -4.115  1.00 21.31 ? 109 TYR A CE1 1 
ATOM   722  C CE2 . TYR A 1 87  ? 10.737  -12.171 -4.615  1.00 21.10 ? 109 TYR A CE2 1 
ATOM   723  C CZ  . TYR A 1 87  ? 11.558  -13.279 -4.697  1.00 22.53 ? 109 TYR A CZ  1 
ATOM   724  O OH  . TYR A 1 87  ? 12.762  -13.172 -5.363  1.00 26.76 ? 109 TYR A OH  1 
ATOM   725  N N   . ILE A 1 88  ? 9.904   -12.451 -0.214  1.00 9.94  ? 110 ILE A N   1 
ATOM   726  C CA  . ILE A 1 88  ? 10.760  -11.356 0.236   1.00 10.33 ? 110 ILE A CA  1 
ATOM   727  C C   . ILE A 1 88  ? 11.767  -11.007 -0.842  1.00 10.20 ? 110 ILE A C   1 
ATOM   728  O O   . ILE A 1 88  ? 12.524  -11.874 -1.289  1.00 9.75  ? 110 ILE A O   1 
ATOM   729  C CB  . ILE A 1 88  ? 11.489  -11.705 1.539   1.00 10.65 ? 110 ILE A CB  1 
ATOM   730  C CG1 . ILE A 1 88  ? 10.472  -11.999 2.633   1.00 11.93 ? 110 ILE A CG1 1 
ATOM   731  C CG2 . ILE A 1 88  ? 12.412  -10.556 1.973   1.00 12.10 ? 110 ILE A CG2 1 
ATOM   732  C CD1 . ILE A 1 88  ? 11.047  -12.784 3.785   1.00 14.09 ? 110 ILE A CD1 1 
ATOM   733  N N   . LEU A 1 89  ? 11.801  -9.744  -1.260  1.00 8.80  ? 111 LEU A N   1 
ATOM   734  C CA  . LEU A 1 89  ? 12.834  -9.286  -2.179  1.00 9.10  ? 111 LEU A CA  1 
ATOM   735  C C   . LEU A 1 89  ? 14.187  -9.310  -1.503  1.00 9.55  ? 111 LEU A C   1 
ATOM   736  O O   . LEU A 1 89  ? 14.364  -8.739  -0.436  1.00 10.00 ? 111 LEU A O   1 
ATOM   737  C CB  . LEU A 1 89  ? 12.510  -7.869  -2.680  1.00 10.17 ? 111 LEU A CB  1 
ATOM   738  C CG  . LEU A 1 89  ? 13.536  -7.181  -3.587  1.00 9.47  ? 111 LEU A CG  1 
ATOM   739  C CD1 . LEU A 1 89  ? 13.713  -7.896  -4.891  1.00 11.83 ? 111 LEU A CD1 1 
ATOM   740  C CD2 . LEU A 1 89  ? 13.086  -5.738  -3.812  1.00 11.72 ? 111 LEU A CD2 1 
ATOM   741  N N   . VAL A 1 90  ? 15.134  -9.986  -2.141  1.00 8.71  ? 112 VAL A N   1 
ATOM   742  C CA  . VAL A 1 90  ? 16.475  -10.113 -1.595  1.00 9.34  ? 112 VAL A CA  1 
ATOM   743  C C   . VAL A 1 90  ? 17.449  -9.099  -2.212  1.00 8.67  ? 112 VAL A C   1 
ATOM   744  O O   . VAL A 1 90  ? 18.094  -8.356  -1.482  1.00 9.84  ? 112 VAL A O   1 
ATOM   745  C CB  . VAL A 1 90  ? 16.998  -11.560 -1.725  1.00 9.59  ? 112 VAL A CB  1 
ATOM   746  C CG1 . VAL A 1 90  ? 18.431  -11.679 -1.188  1.00 11.05 ? 112 VAL A CG1 1 
ATOM   747  C CG2 . VAL A 1 90  ? 16.059  -12.530 -0.994  1.00 11.03 ? 112 VAL A CG2 1 
ATOM   748  N N   . THR A 1 91  ? 17.538  -9.048  -3.540  1.00 8.73  ? 113 THR A N   1 
ATOM   749  C CA  . THR A 1 91  ? 18.598  -8.307  -4.214  1.00 9.04  ? 113 THR A CA  1 
ATOM   750  C C   . THR A 1 91  ? 17.992  -7.312  -5.179  1.00 7.86  ? 113 THR A C   1 
ATOM   751  O O   . THR A 1 91  ? 17.304  -7.703  -6.143  1.00 8.93  ? 113 THR A O   1 
ATOM   752  C CB  . THR A 1 91  ? 19.524  -9.263  -4.992  1.00 10.19 ? 113 THR A CB  1 
ATOM   753  O OG1 . THR A 1 91  ? 20.063  -10.241 -4.097  1.00 12.63 ? 113 THR A OG1 1 
ATOM   754  C CG2 . THR A 1 91  ? 20.666  -8.523  -5.621  1.00 10.94 ? 113 THR A CG2 1 
ATOM   755  N N   . SER A 1 92  ? 18.241  -6.034  -4.931  1.00 7.36  ? 114 SER A N   1 
ATOM   756  C CA  . SER A 1 92  ? 17.796  -5.002  -5.852  1.00 6.89  ? 114 SER A CA  1 
ATOM   757  C C   . SER A 1 92  ? 18.751  -3.832  -5.768  1.00 7.18  ? 114 SER A C   1 
ATOM   758  O O   . SER A 1 92  ? 19.283  -3.541  -4.691  1.00 8.40  ? 114 SER A O   1 
ATOM   759  C CB  . SER A 1 92  ? 16.386  -4.543  -5.479  1.00 7.83  ? 114 SER A CB  1 
ATOM   760  O OG  . SER A 1 92  ? 15.976  -3.467  -6.316  1.00 7.86  ? 114 SER A OG  1 
ATOM   761  N N   . ASN A 1 93  ? 18.975  -3.127  -6.869  1.00 6.40  ? 115 ASN A N   1 
ATOM   762  C CA  . ASN A 1 93  ? 19.792  -1.912  -6.828  1.00 6.61  ? 115 ASN A CA  1 
ATOM   763  C C   . ASN A 1 93  ? 19.031  -0.723  -6.249  1.00 6.28  ? 115 ASN A C   1 
ATOM   764  O O   . ASN A 1 93  ? 19.651  0.238   -5.842  1.00 7.10  ? 115 ASN A O   1 
ATOM   765  C CB  . ASN A 1 93  ? 20.193  -1.457  -8.239  1.00 6.31  ? 115 ASN A CB  1 
ATOM   766  C CG  . ASN A 1 93  ? 21.299  -2.265  -8.870  1.00 6.33  ? 115 ASN A CG  1 
ATOM   767  O OD1 . ASN A 1 93  ? 22.061  -2.981  -8.207  1.00 7.76  ? 115 ASN A OD1 1 
ATOM   768  N ND2 . ASN A 1 93  ? 21.431  -2.108  -10.182 1.00 6.62  ? 115 ASN A ND2 1 
ATOM   769  N N   . THR A 1 94  ? 17.695  -0.741  -6.315  1.00 6.53  ? 116 THR A N   1 
ATOM   770  C CA  . THR A 1 94  ? 16.895  0.488   -6.277  1.00 6.79  ? 116 THR A CA  1 
ATOM   771  C C   . THR A 1 94  ? 16.023  0.553   -5.029  1.00 6.29  ? 116 THR A C   1 
ATOM   772  O O   . THR A 1 94  ? 15.820  -0.447  -4.335  1.00 7.15  ? 116 THR A O   1 
ATOM   773  C CB  . THR A 1 94  ? 16.020  0.578   -7.550  1.00 7.20  ? 116 THR A CB  1 
ATOM   774  O OG1 . THR A 1 94  ? 15.237  -0.596  -7.641  1.00 8.65  ? 116 THR A OG1 1 
ATOM   775  C CG2 . THR A 1 94  ? 16.876  0.738   -8.813  1.00 8.52  ? 116 THR A CG2 1 
ATOM   776  N N   . SER A 1 95  ? 15.500  1.744   -4.746  1.00 6.82  ? 117 SER A N   1 
ATOM   777  C CA  . SER A 1 95  ? 14.906  2.053   -3.459  1.00 7.42  ? 117 SER A CA  1 
ATOM   778  C C   . SER A 1 95  ? 13.425  2.374   -3.483  1.00 7.65  ? 117 SER A C   1 
ATOM   779  O O   . SER A 1 95  ? 12.855  2.597   -2.412  1.00 8.70  ? 117 SER A O   1 
ATOM   780  C CB  . SER A 1 95  ? 15.632  3.264   -2.865  1.00 7.92  ? 117 SER A CB  1 
ATOM   781  O OG  . SER A 1 95  ? 15.447  4.402   -3.695  1.00 9.36  ? 117 SER A OG  1 
ATOM   782  N N   . HIS A 1 96  ? 12.799  2.416   -4.659  1.00 7.02  ? 118 HIS A N   1 
ATOM   783  C CA  . HIS A 1 96  ? 11.418  2.877   -4.772  1.00 7.21  ? 118 HIS A CA  1 
ATOM   784  C C   . HIS A 1 96  ? 10.483  1.762   -5.211  1.00 6.94  ? 118 HIS A C   1 
ATOM   785  O O   . HIS A 1 96  ? 10.682  1.079   -6.225  1.00 8.03  ? 118 HIS A O   1 
ATOM   786  C CB  . HIS A 1 96  ? 11.330  4.080   -5.706  1.00 8.87  ? 118 HIS A CB  1 
ATOM   787  C CG  . HIS A 1 96  ? 11.784  5.366   -5.081  1.00 8.32  ? 118 HIS A CG  1 
ATOM   788  N ND1 . HIS A 1 96  ? 12.979  5.501   -4.408  1.00 9.39  ? 118 HIS A ND1 1 
ATOM   789  C CD2 . HIS A 1 96  ? 11.203  6.588   -5.050  1.00 12.58 ? 118 HIS A CD2 1 
ATOM   790  C CE1 . HIS A 1 96  ? 13.107  6.743   -3.974  1.00 9.88  ? 118 HIS A CE1 1 
ATOM   791  N NE2 . HIS A 1 96  ? 12.043  7.422   -4.355  1.00 11.04 ? 118 HIS A NE2 1 
ATOM   792  N N   . TYR A 1 97  ? 9.437   1.569   -4.420  1.00 6.49  ? 119 TYR A N   1 
ATOM   793  C CA  . TYR A 1 97  ? 8.498   0.477   -4.673  1.00 6.62  ? 119 TYR A CA  1 
ATOM   794  C C   . TYR A 1 97  ? 7.076   0.999   -4.515  1.00 6.12  ? 119 TYR A C   1 
ATOM   795  O O   . TYR A 1 97  ? 6.846   2.214   -4.491  1.00 7.28  ? 119 TYR A O   1 
ATOM   796  C CB  . TYR A 1 97  ? 8.807   -0.730  -3.749  1.00 6.70  ? 119 TYR A CB  1 
ATOM   797  C CG  . TYR A 1 97  ? 10.216  -1.243  -3.940  1.00 6.74  ? 119 TYR A CG  1 
ATOM   798  C CD1 . TYR A 1 97  ? 10.509  -2.099  -4.990  1.00 6.84  ? 119 TYR A CD1 1 
ATOM   799  C CD2 . TYR A 1 97  ? 11.262  -0.843  -3.094  1.00 7.01  ? 119 TYR A CD2 1 
ATOM   800  C CE1 . TYR A 1 97  ? 11.801  -2.566  -5.179  1.00 6.23  ? 119 TYR A CE1 1 
ATOM   801  C CE2 . TYR A 1 97  ? 12.574  -1.300  -3.288  1.00 7.29  ? 119 TYR A CE2 1 
ATOM   802  C CZ  . TYR A 1 97  ? 12.812  -2.164  -4.328  1.00 6.47  ? 119 TYR A CZ  1 
ATOM   803  O OH  . TYR A 1 97  ? 14.086  -2.646  -4.555  1.00 9.18  ? 119 TYR A OH  1 
ATOM   804  N N   . ASP A 1 98  ? 6.108   0.101   -4.406  1.00 5.51  ? 120 ASP A N   1 
ATOM   805  C CA  . ASP A 1 98  ? 4.779   0.460   -3.918  1.00 6.13  ? 120 ASP A CA  1 
ATOM   806  C C   . ASP A 1 98  ? 4.801   0.323   -2.405  1.00 5.41  ? 120 ASP A C   1 
ATOM   807  O O   . ASP A 1 98  ? 5.863   0.082   -1.828  1.00 5.77  ? 120 ASP A O   1 
ATOM   808  C CB  . ASP A 1 98  ? 3.710   -0.465  -4.504  1.00 6.03  ? 120 ASP A CB  1 
ATOM   809  C CG  . ASP A 1 98  ? 3.563   -0.333  -6.013  1.00 6.71  ? 120 ASP A CG  1 
ATOM   810  O OD1 . ASP A 1 98  ? 3.991   0.693   -6.597  1.00 7.63  ? 120 ASP A OD1 1 
ATOM   811  O OD2 . ASP A 1 98  ? 2.998   -1.274  -6.600  1.00 8.61  ? 120 ASP A OD2 1 
ATOM   812  N N   . THR A 1 99  ? 3.663   0.482   -1.736  1.00 5.91  ? 121 THR A N   1 
ATOM   813  C CA  . THR A 1 99  ? 3.625   0.161   -0.310  1.00 6.32  ? 121 THR A CA  1 
ATOM   814  C C   . THR A 1 99  ? 2.424   -0.669  0.055   1.00 5.67  ? 121 THR A C   1 
ATOM   815  O O   . THR A 1 99  ? 1.375   -0.616  -0.603  1.00 6.61  ? 121 THR A O   1 
ATOM   816  C CB  . THR A 1 99  ? 3.737   1.426   0.587   1.00 7.01  ? 121 THR A CB  1 
ATOM   817  O OG1 . THR A 1 99  ? 4.069   1.048   1.931   1.00 8.08  ? 121 THR A OG1 1 
ATOM   818  C CG2 . THR A 1 99  ? 2.491   2.266   0.564   1.00 8.74  ? 121 THR A CG2 1 
ATOM   819  N N   . TYR A 1 100 ? 2.584   -1.438  1.115   1.00 5.49  ? 122 TYR A N   1 
ATOM   820  C CA  . TYR A 1 100 ? 1.452   -2.007  1.818   1.00 5.45  ? 122 TYR A CA  1 
ATOM   821  C C   . TYR A 1 100 ? 1.187   -1.152  3.034   1.00 6.17  ? 122 TYR A C   1 
ATOM   822  O O   . TYR A 1 100 ? 2.096   -0.531  3.585   1.00 6.59  ? 122 TYR A O   1 
ATOM   823  C CB  . TYR A 1 100 ? 1.713   -3.489  2.185   1.00 5.24  ? 122 TYR A CB  1 
ATOM   824  C CG  . TYR A 1 100 ? 1.935   -4.273  0.944   1.00 4.78  ? 122 TYR A CG  1 
ATOM   825  C CD1 . TYR A 1 100 ? 0.850   -4.675  0.179   1.00 5.11  ? 122 TYR A CD1 1 
ATOM   826  C CD2 . TYR A 1 100 ? 3.216   -4.556  0.470   1.00 6.53  ? 122 TYR A CD2 1 
ATOM   827  C CE1 . TYR A 1 100 ? 1.014   -5.360  -1.012  1.00 6.60  ? 122 TYR A CE1 1 
ATOM   828  C CE2 . TYR A 1 100 ? 3.387   -5.263  -0.735  1.00 7.55  ? 122 TYR A CE2 1 
ATOM   829  C CZ  . TYR A 1 100 ? 2.278   -5.614  -1.481  1.00 6.70  ? 122 TYR A CZ  1 
ATOM   830  O OH  . TYR A 1 100 ? 2.423   -6.274  -2.706  1.00 7.32  ? 122 TYR A OH  1 
ATOM   831  N N   . CYS A 1 101 ? -0.065  -1.165  3.481   1.00 6.69  ? 123 CYS A N   1 
ATOM   832  C CA  . CYS A 1 101 ? -0.472  -0.447  4.692   1.00 7.12  ? 123 CYS A CA  1 
ATOM   833  C C   . CYS A 1 101 ? -1.429  -1.339  5.470   1.00 6.79  ? 123 CYS A C   1 
ATOM   834  O O   . CYS A 1 101 ? -2.097  -2.205  4.883   1.00 6.35  ? 123 CYS A O   1 
ATOM   835  C CB  . CYS A 1 101 ? -1.187  0.862   4.352   1.00 7.89  ? 123 CYS A CB  1 
ATOM   836  S SG  . CYS A 1 101 ? -0.189  2.114   3.536   1.00 10.05 ? 123 CYS A SG  1 
ATOM   837  N N   . PHE A 1 102 ? -1.519  -1.111  6.776   1.00 6.45  ? 124 PHE A N   1 
ATOM   838  C CA  . PHE A 1 102 ? -2.341  -1.891  7.670   1.00 6.62  ? 124 PHE A CA  1 
ATOM   839  C C   . PHE A 1 102 ? -3.198  -0.974  8.514   1.00 6.74  ? 124 PHE A C   1 
ATOM   840  O O   . PHE A 1 102 ? -2.681  -0.122  9.245   1.00 6.93  ? 124 PHE A O   1 
ATOM   841  C CB  . PHE A 1 102 ? -1.476  -2.785  8.563   1.00 6.44  ? 124 PHE A CB  1 
ATOM   842  C CG  . PHE A 1 102 ? -2.250  -3.373  9.691   1.00 6.77  ? 124 PHE A CG  1 
ATOM   843  C CD1 . PHE A 1 102 ? -3.262  -4.293  9.421   1.00 7.41  ? 124 PHE A CD1 1 
ATOM   844  C CD2 . PHE A 1 102 ? -2.062  -2.944  11.006  1.00 8.70  ? 124 PHE A CD2 1 
ATOM   845  C CE1 . PHE A 1 102 ? -4.064  -4.812  10.441  1.00 7.76  ? 124 PHE A CE1 1 
ATOM   846  C CE2 . PHE A 1 102 ? -2.846  -3.469  12.046  1.00 9.49  ? 124 PHE A CE2 1 
ATOM   847  C CZ  . PHE A 1 102 ? -3.843  -4.418  11.761  1.00 9.08  ? 124 PHE A CZ  1 
ATOM   848  N N   A ASN A 1 103 ? -4.512  -1.183  8.411   0.50 6.94  ? 125 ASN A N   1 
ATOM   849  N N   B ASN A 1 103 ? -4.509  -1.141  8.394   0.50 7.09  ? 125 ASN A N   1 
ATOM   850  C CA  A ASN A 1 103 ? -5.540  -0.424  9.128   0.50 7.47  ? 125 ASN A CA  1 
ATOM   851  C CA  B ASN A 1 103 ? -5.428  -0.396  9.226   0.50 7.51  ? 125 ASN A CA  1 
ATOM   852  C C   A ASN A 1 103 ? -6.214  -1.366  10.126  0.50 7.65  ? 125 ASN A C   1 
ATOM   853  C C   B ASN A 1 103 ? -6.185  -1.342  10.130  0.50 7.75  ? 125 ASN A C   1 
ATOM   854  O O   A ASN A 1 103 ? -7.010  -2.215  9.721   0.50 7.80  ? 125 ASN A O   1 
ATOM   855  O O   B ASN A 1 103 ? -7.003  -2.147  9.677   0.50 7.75  ? 125 ASN A O   1 
ATOM   856  C CB  A ASN A 1 103 ? -6.576  0.095   8.118   0.50 7.50  ? 125 ASN A CB  1 
ATOM   857  C CB  B ASN A 1 103 ? -6.400  0.418   8.396   0.50 8.19  ? 125 ASN A CB  1 
ATOM   858  C CG  A ASN A 1 103 ? -7.826  0.678   8.783   0.50 9.43  ? 125 ASN A CG  1 
ATOM   859  C CG  B ASN A 1 103 ? -7.162  1.414   9.236   0.50 8.10  ? 125 ASN A CG  1 
ATOM   860  O OD1 A ASN A 1 103 ? -7.850  0.953   9.972   0.50 8.12  ? 125 ASN A OD1 1 
ATOM   861  O OD1 B ASN A 1 103 ? -7.358  1.213   10.441  0.50 10.18 ? 125 ASN A OD1 1 
ATOM   862  N ND2 A ASN A 1 103 ? -8.887  0.825   8.005   0.50 9.90  ? 125 ASN A ND2 1 
ATOM   863  N ND2 B ASN A 1 103 ? -7.564  2.522   8.622   0.50 11.51 ? 125 ASN A ND2 1 
ATOM   864  N N   . ALA A 1 104 ? -5.890  -1.234  11.415  1.00 8.83  ? 126 ALA A N   1 
ATOM   865  C CA  . ALA A 1 104 ? -6.448  -2.138  12.430  1.00 10.31 ? 126 ALA A CA  1 
ATOM   866  C C   . ALA A 1 104 ? -7.966  -2.062  12.552  1.00 11.12 ? 126 ALA A C   1 
ATOM   867  O O   . ALA A 1 104 ? -8.583  -3.009  13.052  1.00 12.03 ? 126 ALA A O   1 
ATOM   868  C CB  . ALA A 1 104 ? -5.801  -1.890  13.784  1.00 12.03 ? 126 ALA A CB  1 
ATOM   869  N N   A SER A 1 105 ? -8.553  -0.954  12.102  0.50 10.91 ? 127 SER A N   1 
ATOM   870  N N   B SER A 1 105 ? -8.580  -0.962  12.117  0.50 11.02 ? 127 SER A N   1 
ATOM   871  C CA  A SER A 1 105 ? -9.986  -0.733  12.231  0.50 11.54 ? 127 SER A CA  1 
ATOM   872  C CA  B SER A 1 105 ? -10.029 -0.810  12.262  0.50 11.78 ? 127 SER A CA  1 
ATOM   873  C C   A SER A 1 105 ? -10.792 -1.286  11.052  0.50 11.50 ? 127 SER A C   1 
ATOM   874  C C   B SER A 1 105 ? -10.817 -1.415  11.104  0.50 11.63 ? 127 SER A C   1 
ATOM   875  O O   A SER A 1 105 ? -12.010 -1.142  11.015  0.50 12.51 ? 127 SER A O   1 
ATOM   876  O O   B SER A 1 105 ? -12.047 -1.430  11.124  0.50 12.46 ? 127 SER A O   1 
ATOM   877  C CB  A SER A 1 105 ? -10.271 0.759   12.443  0.50 11.87 ? 127 SER A CB  1 
ATOM   878  C CB  B SER A 1 105 ? -10.406 0.659   12.444  0.50 12.18 ? 127 SER A CB  1 
ATOM   879  O OG  A SER A 1 105 ? -9.670  1.227   13.645  0.50 12.03 ? 127 SER A OG  1 
ATOM   880  O OG  B SER A 1 105 ? -10.292 1.361   11.225  0.50 13.29 ? 127 SER A OG  1 
ATOM   881  N N   . ALA A 1 106 ? -10.120 -1.927  10.096  1.00 11.58 ? 128 ALA A N   1 
ATOM   882  C CA  . ALA A 1 106 ? -10.794 -2.548  8.970   1.00 10.57 ? 128 ALA A CA  1 
ATOM   883  C C   . ALA A 1 106 ? -11.491 -3.852  9.404   1.00 10.14 ? 128 ALA A C   1 
ATOM   884  O O   . ALA A 1 106 ? -11.225 -4.360  10.482  1.00 10.20 ? 128 ALA A O   1 
ATOM   885  C CB  . ALA A 1 106 ? -9.795  -2.816  7.836   1.00 11.25 ? 128 ALA A CB  1 
ATOM   886  N N   . PRO A 1 107 ? -12.381 -4.397  8.574   1.00 10.25 ? 129 PRO A N   1 
ATOM   887  C CA  . PRO A 1 107 ? -12.952 -5.708  8.894   1.00 9.76  ? 129 PRO A CA  1 
ATOM   888  C C   . PRO A 1 107 ? -11.916 -6.841  8.915   1.00 10.02 ? 129 PRO A C   1 
ATOM   889  O O   . PRO A 1 107 ? -10.828 -6.702  8.350   1.00 9.37  ? 129 PRO A O   1 
ATOM   890  C CB  . PRO A 1 107 ? -13.981 -5.921  7.776   1.00 10.07 ? 129 PRO A CB  1 
ATOM   891  C CG  . PRO A 1 107 ? -14.333 -4.515  7.305   1.00 11.17 ? 129 PRO A CG  1 
ATOM   892  C CD  . PRO A 1 107 ? -13.026 -3.779  7.399   1.00 11.29 ? 129 PRO A CD  1 
ATOM   893  N N   . PRO A 1 108 ? -12.247 -7.976  9.539   1.00 8.97  ? 130 PRO A N   1 
ATOM   894  C CA  . PRO A 1 108 ? -11.213 -8.998  9.750   1.00 9.13  ? 130 PRO A CA  1 
ATOM   895  C C   . PRO A 1 108 ? -10.840 -9.812  8.520   1.00 8.85  ? 130 PRO A C   1 
ATOM   896  O O   . PRO A 1 108 ? -9.765  -10.423 8.491   1.00 8.99  ? 130 PRO A O   1 
ATOM   897  C CB  . PRO A 1 108 ? -11.844 -9.913  10.811  1.00 9.49  ? 130 PRO A CB  1 
ATOM   898  C CG  . PRO A 1 108 ? -13.362 -9.729  10.615  1.00 9.28  ? 130 PRO A CG  1 
ATOM   899  C CD  . PRO A 1 108 ? -13.477 -8.261  10.309  1.00 9.54  ? 130 PRO A CD  1 
ATOM   900  N N   . GLU A 1 109 ? -11.735 -9.868  7.536   1.00 9.18  ? 131 GLU A N   1 
ATOM   901  C CA  . GLU A 1 109 ? -11.472 -10.687 6.365   1.00 10.14 ? 131 GLU A CA  1 
ATOM   902  C C   . GLU A 1 109 ? -11.336 -9.803  5.117   1.00 9.84  ? 131 GLU A C   1 
ATOM   903  O O   . GLU A 1 109 ? -10.627 -8.796  5.157   1.00 9.05  ? 131 GLU A O   1 
ATOM   904  C CB  . GLU A 1 109 ? -12.468 -11.854 6.290   1.00 11.48 ? 131 GLU A CB  1 
ATOM   905  C CG  . GLU A 1 109 ? -12.432 -12.652 7.619   1.00 15.17 ? 131 GLU A CG  1 
ATOM   906  C CD  . GLU A 1 109 ? -13.014 -14.042 7.559   1.00 21.72 ? 131 GLU A CD  1 
ATOM   907  O OE1 . GLU A 1 109 ? -14.242 -14.148 7.369   1.00 25.56 ? 131 GLU A OE1 1 
ATOM   908  O OE2 . GLU A 1 109 ? -12.243 -15.020 7.749   1.00 25.70 ? 131 GLU A OE2 1 
ATOM   909  N N   . GLU A 1 110 ? -12.010 -10.138 4.024   1.00 10.00 ? 132 GLU A N   1 
ATOM   910  C CA  . GLU A 1 110 ? -11.887 -9.334  2.810   1.00 10.81 ? 132 GLU A CA  1 
ATOM   911  C C   . GLU A 1 110 ? -12.859 -8.172  2.861   1.00 10.66 ? 132 GLU A C   1 
ATOM   912  O O   . GLU A 1 110 ? -14.057 -8.382  3.134   1.00 12.26 ? 132 GLU A O   1 
ATOM   913  C CB  . GLU A 1 110 ? -12.196 -10.194 1.582   1.00 11.95 ? 132 GLU A CB  1 
ATOM   914  C CG  . GLU A 1 110 ? -12.213 -9.454  0.233   1.00 15.16 ? 132 GLU A CG  1 
ATOM   915  C CD  . GLU A 1 110 ? -12.652 -10.384 -0.900  1.00 19.43 ? 132 GLU A CD  1 
ATOM   916  O OE1 . GLU A 1 110 ? -13.833 -10.781 -0.923  1.00 23.75 ? 132 GLU A OE1 1 
ATOM   917  O OE2 . GLU A 1 110 ? -11.806 -10.727 -1.745  1.00 23.06 ? 132 GLU A OE2 1 
ATOM   918  N N   . ASP A 1 111 ? -12.381 -6.960  2.597   1.00 10.05 ? 133 ASP A N   1 
ATOM   919  C CA  . ASP A 1 111 ? -13.240 -5.789  2.490   1.00 10.76 ? 133 ASP A CA  1 
ATOM   920  C C   . ASP A 1 111 ? -12.973 -5.112  1.158   1.00 10.68 ? 133 ASP A C   1 
ATOM   921  O O   . ASP A 1 111 ? -11.943 -4.431  0.972   1.00 10.10 ? 133 ASP A O   1 
ATOM   922  C CB  . ASP A 1 111 ? -12.986 -4.818  3.649   1.00 10.48 ? 133 ASP A CB  1 
ATOM   923  C CG  . ASP A 1 111 ? -13.844 -3.573  3.562   1.00 10.88 ? 133 ASP A CG  1 
ATOM   924  O OD1 . ASP A 1 111 ? -14.812 -3.537  2.753   1.00 12.54 ? 133 ASP A OD1 1 
ATOM   925  O OD2 . ASP A 1 111 ? -13.580 -2.603  4.297   1.00 12.62 ? 133 ASP A OD2 1 
ATOM   926  N N   . CYS A 1 112 ? -13.896 -5.302  0.215   1.00 11.88 ? 134 CYS A N   1 
ATOM   927  C CA  . CYS A 1 112 ? -13.736 -4.700  -1.117  1.00 13.46 ? 134 CYS A CA  1 
ATOM   928  C C   . CYS A 1 112 ? -14.612 -3.474  -1.318  1.00 13.93 ? 134 CYS A C   1 
ATOM   929  O O   . CYS A 1 112 ? -14.843 -3.047  -2.460  1.00 14.50 ? 134 CYS A O   1 
ATOM   930  C CB  . CYS A 1 112 ? -13.934 -5.723  -2.239  1.00 14.62 ? 134 CYS A CB  1 
ATOM   931  S SG  . CYS A 1 112 ? -12.519 -6.819  -2.396  1.00 17.39 ? 134 CYS A SG  1 
ATOM   932  N N   . THR A 1 113 ? -15.085 -2.877  -0.237  1.00 13.13 ? 135 THR A N   1 
ATOM   933  C CA  . THR A 1 113 ? -15.814 -1.638  -0.361  1.00 13.79 ? 135 THR A CA  1 
ATOM   934  C C   . THR A 1 113 ? -14.820 -0.535  -0.714  1.00 13.61 ? 135 THR A C   1 
ATOM   935  O O   . THR A 1 113 ? -13.618 -0.659  -0.428  1.00 14.65 ? 135 THR A O   1 
ATOM   936  C CB  . THR A 1 113 ? -16.567 -1.280  0.923   1.00 12.94 ? 135 THR A CB  1 
ATOM   937  O OG1 . THR A 1 113 ? -15.636 -1.165  2.008   1.00 14.91 ? 135 THR A OG1 1 
ATOM   938  C CG2 . THR A 1 113 ? -17.651 -2.328  1.239   1.00 14.68 ? 135 THR A CG2 1 
ATOM   939  N N   . SER A 1 114 ? -15.297 0.555   -1.291  1.00 13.22 ? 136 SER A N   1 
ATOM   940  C CA  . SER A 1 114 ? -14.397 1.603   -1.731  1.00 14.58 ? 136 SER A CA  1 
ATOM   941  C C   . SER A 1 114 ? -13.881 2.423   -0.568  1.00 14.74 ? 136 SER A C   1 
ATOM   942  O O   . SER A 1 114 ? -14.546 2.587   0.464   1.00 15.42 ? 136 SER A O   1 
ATOM   943  C CB  . SER A 1 114 ? -15.020 2.475   -2.825  1.00 15.70 ? 136 SER A CB  1 
ATOM   944  O OG  . SER A 1 114 ? -16.383 2.721   -2.590  1.00 19.26 ? 136 SER A OG  1 
ATOM   945  N N   . VAL A 1 115 ? -12.668 2.924   -0.756  1.00 13.73 ? 137 VAL A N   1 
ATOM   946  C CA  . VAL A 1 115 ? -12.022 3.842   0.188   1.00 14.64 ? 137 VAL A CA  1 
ATOM   947  C C   . VAL A 1 115 ? -12.453 5.240   -0.241  1.00 15.80 ? 137 VAL A C   1 
ATOM   948  O O   . VAL A 1 115 ? -12.305 5.613   -1.410  1.00 16.44 ? 137 VAL A O   1 
ATOM   949  C CB  . VAL A 1 115 ? -10.474 3.693   0.148   1.00 13.59 ? 137 VAL A CB  1 
ATOM   950  C CG1 . VAL A 1 115 ? -9.806  4.717   1.049   1.00 14.46 ? 137 VAL A CG1 1 
ATOM   951  C CG2 . VAL A 1 115 ? -10.054 2.289   0.567   1.00 14.60 ? 137 VAL A CG2 1 
ATOM   952  N N   . THR A 1 116 ? -13.002 6.010   0.697   1.00 18.08 ? 138 THR A N   1 
ATOM   953  C CA  . THR A 1 116 ? -13.611 7.295   0.362   1.00 20.59 ? 138 THR A CA  1 
ATOM   954  C C   . THR A 1 116 ? -13.043 8.443   1.180   1.00 20.98 ? 138 THR A C   1 
ATOM   955  O O   . THR A 1 116 ? -13.626 9.525   1.207   1.00 21.58 ? 138 THR A O   1 
ATOM   956  C CB  . THR A 1 116 ? -15.169 7.268   0.494   1.00 21.33 ? 138 THR A CB  1 
ATOM   957  O OG1 . THR A 1 116 ? -15.546 6.693   1.750   1.00 24.12 ? 138 THR A OG1 1 
ATOM   958  C CG2 . THR A 1 116 ? -15.792 6.454   -0.634  1.00 23.27 ? 138 THR A CG2 1 
ATOM   959  N N   . ASP A 1 117 ? -11.913 8.211   1.840   1.00 21.52 ? 139 ASP A N   1 
ATOM   960  C CA  . ASP A 1 117 ? -11.278 9.242   2.660   1.00 22.42 ? 139 ASP A CA  1 
ATOM   961  C C   . ASP A 1 117 ? -9.790  8.985   2.800   1.00 21.73 ? 139 ASP A C   1 
ATOM   962  O O   . ASP A 1 117 ? -9.325  7.841   2.767   1.00 21.59 ? 139 ASP A O   1 
ATOM   963  C CB  . ASP A 1 117 ? -11.922 9.314   4.056   1.00 23.51 ? 139 ASP A CB  1 
ATOM   964  C CG  . ASP A 1 117 ? -11.719 10.676  4.750   1.00 25.51 ? 139 ASP A CG  1 
ATOM   965  O OD1 . ASP A 1 117 ? -11.013 11.571  4.220   1.00 29.33 ? 139 ASP A OD1 1 
ATOM   966  O OD2 . ASP A 1 117 ? -12.284 10.844  5.852   1.00 29.49 ? 139 ASP A OD2 1 
ATOM   967  N N   . LEU A 1 118 ? -9.049  10.074  2.957   1.00 21.06 ? 140 LEU A N   1 
ATOM   968  C CA  . LEU A 1 118 ? -7.661  10.022  3.354   1.00 19.82 ? 140 LEU A CA  1 
ATOM   969  C C   . LEU A 1 118 ? -7.608  10.792  4.667   1.00 19.52 ? 140 LEU A C   1 
ATOM   970  O O   . LEU A 1 118 ? -7.248  11.988  4.687   1.00 18.98 ? 140 LEU A O   1 
ATOM   971  C CB  . LEU A 1 118 ? -6.790  10.654  2.271   1.00 19.71 ? 140 LEU A CB  1 
ATOM   972  C CG  . LEU A 1 118 ? -5.279  10.633  2.466   1.00 18.81 ? 140 LEU A CG  1 
ATOM   973  C CD1 . LEU A 1 118 ? -4.745  9.202   2.423   1.00 19.63 ? 140 LEU A CD1 1 
ATOM   974  C CD2 . LEU A 1 118 ? -4.582  11.507  1.437   1.00 19.68 ? 140 LEU A CD2 1 
ATOM   975  N N   . PRO A 1 119 ? -7.999  10.125  5.768   1.00 18.59 ? 141 PRO A N   1 
ATOM   976  C CA  . PRO A 1 119 ? -8.457  10.830  6.966   1.00 17.87 ? 141 PRO A CA  1 
ATOM   977  C C   . PRO A 1 119 ? -7.391  11.647  7.677   1.00 16.68 ? 141 PRO A C   1 
ATOM   978  O O   . PRO A 1 119 ? -7.716  12.596  8.392   1.00 16.90 ? 141 PRO A O   1 
ATOM   979  C CB  . PRO A 1 119 ? -8.957  9.699   7.873   1.00 18.02 ? 141 PRO A CB  1 
ATOM   980  C CG  . PRO A 1 119 ? -8.284  8.478   7.377   1.00 18.75 ? 141 PRO A CG  1 
ATOM   981  C CD  . PRO A 1 119 ? -8.038  8.655   5.936   1.00 19.11 ? 141 PRO A CD  1 
ATOM   982  N N   . ASN A 1 120 ? -6.128  11.303  7.486   1.00 14.74 ? 142 ASN A N   1 
ATOM   983  C CA  . ASN A 1 120 ? -5.078  11.913  8.255   1.00 14.59 ? 142 ASN A CA  1 
ATOM   984  C C   . ASN A 1 120 ? -4.080  12.682  7.399   1.00 13.65 ? 142 ASN A C   1 
ATOM   985  O O   . ASN A 1 120 ? -2.957  12.922  7.821   1.00 14.46 ? 142 ASN A O   1 
ATOM   986  C CB  . ASN A 1 120 ? -4.404  10.844  9.107   1.00 14.41 ? 142 ASN A CB  1 
ATOM   987  C CG  . ASN A 1 120 ? -3.655  11.412  10.254  1.00 16.11 ? 142 ASN A CG  1 
ATOM   988  O OD1 . ASN A 1 120 ? -4.087  12.402  10.866  1.00 17.83 ? 142 ASN A OD1 1 
ATOM   989  N ND2 . ASN A 1 120 ? -2.530  10.802  10.582  1.00 17.30 ? 142 ASN A ND2 1 
ATOM   990  N N   . SER A 1 121 ? -4.491  13.051  6.187   1.00 13.33 ? 143 SER A N   1 
ATOM   991  C CA  . SER A 1 121 ? -3.710  13.992  5.387   1.00 13.32 ? 143 SER A CA  1 
ATOM   992  C C   . SER A 1 121 ? -3.716  15.354  6.066   1.00 12.61 ? 143 SER A C   1 
ATOM   993  O O   . SER A 1 121 ? -4.652  15.688  6.800   1.00 13.01 ? 143 SER A O   1 
ATOM   994  C CB  . SER A 1 121 ? -4.305  14.122  3.986   1.00 13.36 ? 143 SER A CB  1 
ATOM   995  O OG  . SER A 1 121 ? -5.539  14.825  4.018   1.00 15.45 ? 143 SER A OG  1 
ATOM   996  N N   . PHE A 1 122 ? -2.666  16.117  5.830   1.00 12.12 ? 144 PHE A N   1 
ATOM   997  C CA  . PHE A 1 122 ? -2.594  17.444  6.416   1.00 11.96 ? 144 PHE A CA  1 
ATOM   998  C C   . PHE A 1 122 ? -2.778  18.518  5.353   1.00 12.37 ? 144 PHE A C   1 
ATOM   999  O O   . PHE A 1 122 ? -2.900  18.211  4.160   1.00 12.56 ? 144 PHE A O   1 
ATOM   1000 C CB  . PHE A 1 122 ? -1.344  17.638  7.293   1.00 12.91 ? 144 PHE A CB  1 
ATOM   1001 C CG  . PHE A 1 122 ? -0.050  17.234  6.654   1.00 13.43 ? 144 PHE A CG  1 
ATOM   1002 C CD1 . PHE A 1 122 ? 0.685   18.143  5.896   1.00 15.19 ? 144 PHE A CD1 1 
ATOM   1003 C CD2 . PHE A 1 122 ? 0.478   15.963  6.865   1.00 14.99 ? 144 PHE A CD2 1 
ATOM   1004 C CE1 . PHE A 1 122 ? 1.915   17.779  5.329   1.00 15.83 ? 144 PHE A CE1 1 
ATOM   1005 C CE2 . PHE A 1 122 ? 1.702   15.591  6.299   1.00 14.75 ? 144 PHE A CE2 1 
ATOM   1006 C CZ  . PHE A 1 122 ? 2.416   16.495  5.524   1.00 16.76 ? 144 PHE A CZ  1 
ATOM   1007 N N   . ASP A 1 123 ? -2.880  19.773  5.788   1.00 11.80 ? 145 ASP A N   1 
ATOM   1008 C CA  . ASP A 1 123 ? -3.104  20.895  4.883   1.00 12.29 ? 145 ASP A CA  1 
ATOM   1009 C C   . ASP A 1 123 ? -1.950  20.964  3.873   1.00 11.82 ? 145 ASP A C   1 
ATOM   1010 O O   . ASP A 1 123 ? -0.785  20.737  4.206   1.00 12.01 ? 145 ASP A O   1 
ATOM   1011 C CB  . ASP A 1 123 ? -3.199  22.191  5.708   1.00 12.91 ? 145 ASP A CB  1 
ATOM   1012 C CG  . ASP A 1 123 ? -3.412  23.439  4.857   1.00 16.77 ? 145 ASP A CG  1 
ATOM   1013 O OD1 . ASP A 1 123 ? -4.561  23.857  4.669   1.00 16.97 ? 145 ASP A OD1 1 
ATOM   1014 O OD2 . ASP A 1 123 ? -2.413  24.038  4.410   1.00 19.12 ? 145 ASP A OD2 1 
ATOM   1015 N N   . GLY A 1 124 ? -2.292  21.269  2.631   1.00 12.18 ? 146 GLY A N   1 
ATOM   1016 C CA  . GLY A 1 124 ? -1.289  21.406  1.600   1.00 13.17 ? 146 GLY A CA  1 
ATOM   1017 C C   . GLY A 1 124 ? -1.908  21.704  0.252   1.00 13.59 ? 146 GLY A C   1 
ATOM   1018 O O   . GLY A 1 124 ? -3.129  21.777  0.132   1.00 14.30 ? 146 GLY A O   1 
ATOM   1019 N N   . PRO A 1 125 ? -1.055  21.868  -0.768  1.00 14.88 ? 147 PRO A N   1 
ATOM   1020 C CA  . PRO A 1 125 ? -1.514  22.352  -2.064  1.00 15.42 ? 147 PRO A CA  1 
ATOM   1021 C C   . PRO A 1 125 ? -1.788  21.281  -3.123  1.00 15.68 ? 147 PRO A C   1 
ATOM   1022 O O   . PRO A 1 125 ? -2.211  21.622  -4.226  1.00 16.15 ? 147 PRO A O   1 
ATOM   1023 C CB  . PRO A 1 125 ? -0.330  23.190  -2.533  1.00 16.46 ? 147 PRO A CB  1 
ATOM   1024 C CG  . PRO A 1 125 ? 0.849   22.454  -2.018  1.00 16.39 ? 147 PRO A CG  1 
ATOM   1025 C CD  . PRO A 1 125 ? 0.414   21.811  -0.700  1.00 15.48 ? 147 PRO A CD  1 
ATOM   1026 N N   . VAL A 1 126 ? -1.544  20.013  -2.793  1.00 14.03 ? 148 VAL A N   1 
ATOM   1027 C CA  . VAL A 1 126 ? -1.649  18.908  -3.760  1.00 14.71 ? 148 VAL A CA  1 
ATOM   1028 C C   . VAL A 1 126 ? -3.088  18.408  -3.863  1.00 13.70 ? 148 VAL A C   1 
ATOM   1029 O O   . VAL A 1 126 ? -3.753  18.197  -2.849  1.00 14.69 ? 148 VAL A O   1 
ATOM   1030 C CB  . VAL A 1 126 ? -0.697  17.738  -3.368  1.00 14.39 ? 148 VAL A CB  1 
ATOM   1031 C CG1 . VAL A 1 126 ? -0.618  16.695  -4.482  1.00 15.88 ? 148 VAL A CG1 1 
ATOM   1032 C CG2 . VAL A 1 126 ? 0.709   18.259  -3.023  1.00 16.70 ? 148 VAL A CG2 1 
ATOM   1033 N N   . THR A 1 127 ? -3.575  18.226  -5.088  1.00 13.64 ? 149 THR A N   1 
ATOM   1034 C CA  . THR A 1 127 ? -4.830  17.518  -5.298  1.00 13.88 ? 149 THR A CA  1 
ATOM   1035 C C   . THR A 1 127 ? -4.521  16.019  -5.218  1.00 12.79 ? 149 THR A C   1 
ATOM   1036 O O   . THR A 1 127 ? -3.847  15.467  -6.082  1.00 13.17 ? 149 THR A O   1 
ATOM   1037 C CB  . THR A 1 127 ? -5.462  17.858  -6.654  1.00 14.39 ? 149 THR A CB  1 
ATOM   1038 O OG1 . THR A 1 127 ? -5.757  19.261  -6.683  1.00 17.27 ? 149 THR A OG1 1 
ATOM   1039 C CG2 . THR A 1 127 ? -6.748  17.083  -6.868  1.00 16.25 ? 149 THR A CG2 1 
ATOM   1040 N N   . ILE A 1 128 ? -4.964  15.393  -4.137  1.00 11.80 ? 150 ILE A N   1 
ATOM   1041 C CA  . ILE A 1 128 ? -4.748  13.955  -3.923  1.00 11.48 ? 150 ILE A CA  1 
ATOM   1042 C C   . ILE A 1 128 ? -6.033  13.208  -4.237  1.00 11.61 ? 150 ILE A C   1 
ATOM   1043 O O   . ILE A 1 128 ? -7.080  13.495  -3.668  1.00 12.30 ? 150 ILE A O   1 
ATOM   1044 C CB  . ILE A 1 128 ? -4.349  13.683  -2.471  1.00 11.86 ? 150 ILE A CB  1 
ATOM   1045 C CG1 . ILE A 1 128 ? -3.090  14.462  -2.100  1.00 12.71 ? 150 ILE A CG1 1 
ATOM   1046 C CG2 . ILE A 1 128 ? -4.134  12.186  -2.235  1.00 11.56 ? 150 ILE A CG2 1 
ATOM   1047 C CD1 . ILE A 1 128 ? -2.885  14.589  -0.590  1.00 14.38 ? 150 ILE A CD1 1 
ATOM   1048 N N   . THR A 1 129 ? -5.940  12.227  -5.134  1.00 10.09 ? 151 THR A N   1 
ATOM   1049 C CA  . THR A 1 129 ? -7.101  11.458  -5.542  1.00 10.84 ? 151 THR A CA  1 
ATOM   1050 C C   . THR A 1 129 ? -6.909  9.986   -5.172  1.00 9.47  ? 151 THR A C   1 
ATOM   1051 O O   . THR A 1 129 ? -5.937  9.357   -5.609  1.00 10.77 ? 151 THR A O   1 
ATOM   1052 C CB  . THR A 1 129 ? -7.361  11.597  -7.061  1.00 11.09 ? 151 THR A CB  1 
ATOM   1053 O OG1 . THR A 1 129 ? -7.474  12.993  -7.381  1.00 13.38 ? 151 THR A OG1 1 
ATOM   1054 C CG2 . THR A 1 129 ? -8.662  10.881  -7.447  1.00 12.67 ? 151 THR A CG2 1 
ATOM   1055 N N   . ILE A 1 130 ? -7.818  9.468   -4.354  1.00 9.45  ? 152 ILE A N   1 
ATOM   1056 C CA  . ILE A 1 130 ? -7.890  8.042   -4.057  1.00 9.67  ? 152 ILE A CA  1 
ATOM   1057 C C   . ILE A 1 130 ? -8.671  7.402   -5.182  1.00 9.18  ? 152 ILE A C   1 
ATOM   1058 O O   . ILE A 1 130 ? -9.797  7.823   -5.488  1.00 9.21  ? 152 ILE A O   1 
ATOM   1059 C CB  . ILE A 1 130 ? -8.629  7.776   -2.716  1.00 10.84 ? 152 ILE A CB  1 
ATOM   1060 C CG1 . ILE A 1 130 ? -7.958  8.513   -1.539  1.00 14.38 ? 152 ILE A CG1 1 
ATOM   1061 C CG2 . ILE A 1 130 ? -8.796  6.268   -2.473  1.00 12.43 ? 152 ILE A CG2 1 
ATOM   1062 C CD1 . ILE A 1 130 ? -6.457  8.371   -1.427  1.00 19.19 ? 152 ILE A CD1 1 
ATOM   1063 N N   . VAL A 1 131 ? -8.070  6.409   -5.814  1.00 7.90  ? 153 VAL A N   1 
ATOM   1064 C CA  . VAL A 1 131 ? -8.700  5.701   -6.909  1.00 7.15  ? 153 VAL A CA  1 
ATOM   1065 C C   . VAL A 1 131 ? -8.879  4.234   -6.525  1.00 7.54  ? 153 VAL A C   1 
ATOM   1066 O O   . VAL A 1 131 ? -7.905  3.520   -6.212  1.00 7.50  ? 153 VAL A O   1 
ATOM   1067 C CB  . VAL A 1 131 ? -7.848  5.782   -8.197  1.00 7.83  ? 153 VAL A CB  1 
ATOM   1068 C CG1 . VAL A 1 131 ? -8.622  5.189   -9.360  1.00 8.34  ? 153 VAL A CG1 1 
ATOM   1069 C CG2 . VAL A 1 131 ? -7.422  7.237   -8.501  1.00 8.80  ? 153 VAL A CG2 1 
ATOM   1070 N N   . ASN A 1 132 ? -10.132 3.798   -6.487  1.00 7.00  ? 154 ASN A N   1 
ATOM   1071 C CA  . ASN A 1 132 ? -10.472 2.413   -6.232  1.00 7.48  ? 154 ASN A CA  1 
ATOM   1072 C C   . ASN A 1 132 ? -10.440 1.591   -7.506  1.00 6.93  ? 154 ASN A C   1 
ATOM   1073 O O   . ASN A 1 132 ? -10.500 2.144   -8.608  1.00 6.82  ? 154 ASN A O   1 
ATOM   1074 C CB  . ASN A 1 132 ? -11.843 2.363   -5.561  1.00 8.01  ? 154 ASN A CB  1 
ATOM   1075 C CG  . ASN A 1 132 ? -11.815 2.975   -4.183  1.00 8.86  ? 154 ASN A CG  1 
ATOM   1076 O OD1 . ASN A 1 132 ? -11.418 2.326   -3.214  1.00 8.28  ? 154 ASN A OD1 1 
ATOM   1077 N ND2 . ASN A 1 132 ? -12.207 4.237   -4.084  1.00 9.10  ? 154 ASN A ND2 1 
ATOM   1078 N N   . ARG A 1 133 ? -10.296 0.281   -7.374  1.00 7.08  ? 155 ARG A N   1 
ATOM   1079 C CA  . ARG A 1 133 ? -10.226 -0.585  -8.539  1.00 7.18  ? 155 ARG A CA  1 
ATOM   1080 C C   . ARG A 1 133 ? -11.494 -0.552  -9.390  1.00 6.67  ? 155 ARG A C   1 
ATOM   1081 O O   . ARG A 1 133 ? -11.422 -0.699  -10.618 1.00 6.93  ? 155 ARG A O   1 
ATOM   1082 C CB  . ARG A 1 133 ? -9.831  -2.010  -8.127  1.00 8.02  ? 155 ARG A CB  1 
ATOM   1083 C CG  . ARG A 1 133 ? -9.577  -3.028  -9.270  1.00 9.10  ? 155 ARG A CG  1 
ATOM   1084 C CD  . ARG A 1 133 ? -8.426  -2.675  -10.211 1.00 10.93 ? 155 ARG A CD  1 
ATOM   1085 N NE  . ARG A 1 133 ? -8.796  -1.623  -11.160 1.00 9.95  ? 155 ARG A NE  1 
ATOM   1086 C CZ  . ARG A 1 133 ? -8.114  -1.301  -12.244 1.00 9.48  ? 155 ARG A CZ  1 
ATOM   1087 N NH1 . ARG A 1 133 ? -8.560  -0.323  -13.008 1.00 11.94 ? 155 ARG A NH1 1 
ATOM   1088 N NH2 . ARG A 1 133 ? -7.018  -1.971  -12.579 1.00 12.60 ? 155 ARG A NH2 1 
ATOM   1089 N N   . ASP A 1 134 ? -12.639 -0.306  -8.753  1.00 6.96  ? 156 ASP A N   1 
ATOM   1090 C CA  . ASP A 1 134 ? -13.895 -0.161  -9.496  1.00 7.58  ? 156 ASP A CA  1 
ATOM   1091 C C   . ASP A 1 134 ? -14.070 1.223   -10.103 1.00 7.53  ? 156 ASP A C   1 
ATOM   1092 O O   . ASP A 1 134 ? -15.126 1.492   -10.700 1.00 8.27  ? 156 ASP A O   1 
ATOM   1093 C CB  . ASP A 1 134 ? -15.117 -0.532  -8.631  1.00 8.59  ? 156 ASP A CB  1 
ATOM   1094 C CG  . ASP A 1 134 ? -15.413 0.474   -7.527  1.00 9.00  ? 156 ASP A CG  1 
ATOM   1095 O OD1 . ASP A 1 134 ? -14.724 1.504   -7.401  1.00 9.44  ? 156 ASP A OD1 1 
ATOM   1096 O OD2 . ASP A 1 134 ? -16.351 0.190   -6.742  1.00 11.10 ? 156 ASP A OD2 1 
ATOM   1097 N N   . GLY A 1 135 ? -13.078 2.094   -9.974  1.00 7.41  ? 157 GLY A N   1 
ATOM   1098 C CA  . GLY A 1 135 ? -13.106 3.397   -10.618 1.00 7.82  ? 157 GLY A CA  1 
ATOM   1099 C C   . GLY A 1 135 ? -13.607 4.535   -9.749  1.00 7.94  ? 157 GLY A C   1 
ATOM   1100 O O   . GLY A 1 135 ? -13.414 5.704   -10.091 1.00 8.92  ? 157 GLY A O   1 
ATOM   1101 N N   A THR A 1 136 ? -14.252 4.185   -8.629  0.50 7.87  ? 158 THR A N   1 
ATOM   1102 N N   B THR A 1 136 ? -14.255 4.220   -8.640  0.50 8.06  ? 158 THR A N   1 
ATOM   1103 C CA  A THR A 1 136 ? -14.755 5.159   -7.647  0.50 8.74  ? 158 THR A CA  1 
ATOM   1104 C CA  B THR A 1 136 ? -14.779 5.287   -7.806  0.50 8.90  ? 158 THR A CA  1 
ATOM   1105 C C   A THR A 1 136 ? -13.576 6.038   -7.195  0.50 8.41  ? 158 THR A C   1 
ATOM   1106 C C   B THR A 1 136 ? -13.615 6.045   -7.189  0.50 8.59  ? 158 THR A C   1 
ATOM   1107 O O   A THR A 1 136 ? -12.503 5.507   -6.877  0.50 8.31  ? 158 THR A O   1 
ATOM   1108 O O   B THR A 1 136 ? -12.619 5.452   -6.748  0.50 8.47  ? 158 THR A O   1 
ATOM   1109 C CB  A THR A 1 136 ? -15.414 4.467   -6.396  0.50 8.24  ? 158 THR A CB  1 
ATOM   1110 C CB  B THR A 1 136 ? -15.704 4.764   -6.736  0.50 9.11  ? 158 THR A CB  1 
ATOM   1111 O OG1 A THR A 1 136 ? -16.456 3.561   -6.797  0.50 9.90  ? 158 THR A OG1 1 
ATOM   1112 O OG1 B THR A 1 136 ? -14.986 3.836   -5.925  0.50 8.77  ? 158 THR A OG1 1 
ATOM   1113 C CG2 A THR A 1 136 ? -16.029 5.505   -5.481  0.50 10.25 ? 158 THR A CG2 1 
ATOM   1114 C CG2 B THR A 1 136 ? -16.894 4.058   -7.390  0.50 10.14 ? 158 THR A CG2 1 
ATOM   1115 N N   . ARG A 1 137 ? -13.754 7.366   -7.183  1.00 9.32  ? 159 ARG A N   1 
ATOM   1116 C CA  . ARG A 1 137 ? -12.689 8.289   -6.796  1.00 10.85 ? 159 ARG A CA  1 
ATOM   1117 C C   . ARG A 1 137 ? -13.154 9.238   -5.713  1.00 12.27 ? 159 ARG A C   1 
ATOM   1118 O O   . ARG A 1 137 ? -14.330 9.603   -5.665  1.00 13.69 ? 159 ARG A O   1 
ATOM   1119 C CB  . ARG A 1 137 ? -12.256 9.134   -7.988  1.00 11.87 ? 159 ARG A CB  1 
ATOM   1120 C CG  . ARG A 1 137 ? -11.349 8.398   -8.921  1.00 12.14 ? 159 ARG A CG  1 
ATOM   1121 C CD  . ARG A 1 137 ? -11.172 9.161   -10.242 1.00 11.97 ? 159 ARG A CD  1 
ATOM   1122 N NE  . ARG A 1 137 ? -10.148 8.559   -11.092 1.00 11.64 ? 159 ARG A NE  1 
ATOM   1123 C CZ  . ARG A 1 137 ? -10.316 7.481   -11.861 1.00 15.28 ? 159 ARG A CZ  1 
ATOM   1124 N NH1 . ARG A 1 137 ? -11.494 6.818   -11.924 1.00 14.92 ? 159 ARG A NH1 1 
ATOM   1125 N NH2 . ARG A 1 137 ? -9.273  7.075   -12.588 1.00 17.94 ? 159 ARG A NH2 1 
ATOM   1126 N N   . TYR A 1 138 ? -12.206 9.651   -4.879  1.00 13.17 ? 160 TYR A N   1 
ATOM   1127 C CA  . TYR A 1 138 ? -12.385 10.672  -3.845  1.00 14.68 ? 160 TYR A CA  1 
ATOM   1128 C C   . TYR A 1 138 ? -11.158 11.583  -3.907  1.00 15.18 ? 160 TYR A C   1 
ATOM   1129 O O   . TYR A 1 138 ? -10.015 11.106  -3.836  1.00 15.88 ? 160 TYR A O   1 
ATOM   1130 C CB  . TYR A 1 138 ? -12.497 10.025  -2.463  1.00 15.49 ? 160 TYR A CB  1 
ATOM   1131 C CG  . TYR A 1 138 ? -12.351 11.042  -1.350  1.00 18.91 ? 160 TYR A CG  1 
ATOM   1132 C CD1 . TYR A 1 138 ? -13.382 11.945  -1.074  1.00 22.54 ? 160 TYR A CD1 1 
ATOM   1133 C CD2 . TYR A 1 138 ? -11.176 11.131  -0.592  1.00 21.74 ? 160 TYR A CD2 1 
ATOM   1134 C CE1 . TYR A 1 138 ? -13.255 12.905  -0.071  1.00 24.01 ? 160 TYR A CE1 1 
ATOM   1135 C CE2 . TYR A 1 138 ? -11.043 12.094  0.422   1.00 23.59 ? 160 TYR A CE2 1 
ATOM   1136 C CZ  . TYR A 1 138 ? -12.093 12.971  0.676   1.00 24.36 ? 160 TYR A CZ  1 
ATOM   1137 O OH  . TYR A 1 138 ? -11.990 13.923  1.670   1.00 27.51 ? 160 TYR A OH  1 
ATOM   1138 N N   . SER A 1 139 ? -11.379 12.889  -4.020  1.00 15.96 ? 161 SER A N   1 
ATOM   1139 C CA  . SER A 1 139 ? -10.287 13.845  -4.092  1.00 16.44 ? 161 SER A CA  1 
ATOM   1140 C C   . SER A 1 139 ? -10.336 14.842  -2.946  1.00 16.79 ? 161 SER A C   1 
ATOM   1141 O O   . SER A 1 139 ? -11.413 15.162  -2.426  1.00 16.81 ? 161 SER A O   1 
ATOM   1142 C CB  . SER A 1 139 ? -10.297 14.604  -5.420  1.00 17.23 ? 161 SER A CB  1 
ATOM   1143 O OG  . SER A 1 139 ? -10.105 13.735  -6.526  1.00 19.50 ? 161 SER A OG  1 
ATOM   1144 N N   . LYS A 1 140 ? -9.157  15.310  -2.559  1.00 16.09 ? 162 LYS A N   1 
ATOM   1145 C CA  . LYS A 1 140 ? -9.030  16.390  -1.590  1.00 16.87 ? 162 LYS A CA  1 
ATOM   1146 C C   . LYS A 1 140 ? -7.720  17.126  -1.823  1.00 17.02 ? 162 LYS A C   1 
ATOM   1147 O O   . LYS A 1 140 ? -6.779  16.587  -2.415  1.00 17.42 ? 162 LYS A O   1 
ATOM   1148 C CB  . LYS A 1 140 ? -9.103  15.862  -0.154  1.00 17.43 ? 162 LYS A CB  1 
ATOM   1149 C CG  . LYS A 1 140 ? -7.918  15.006  0.268   1.00 17.95 ? 162 LYS A CG  1 
ATOM   1150 C CD  . LYS A 1 140 ? -8.186  14.266  1.566   1.00 19.97 ? 162 LYS A CD  1 
ATOM   1151 C CE  . LYS A 1 140 ? -8.414  15.231  2.727   1.00 21.26 ? 162 LYS A CE  1 
ATOM   1152 N NZ  . LYS A 1 140 ? -8.479  14.542  4.044   1.00 22.63 ? 162 LYS A NZ  1 
ATOM   1153 N N   . LYS A 1 141 ? -7.668  18.373  -1.371  1.00 16.69 ? 163 LYS A N   1 
ATOM   1154 C CA  . LYS A 1 141 ? -6.441  19.137  -1.370  1.00 16.82 ? 163 LYS A CA  1 
ATOM   1155 C C   . LYS A 1 141 ? -5.704  18.835  -0.072  1.00 15.96 ? 163 LYS A C   1 
ATOM   1156 O O   . LYS A 1 141 ? -6.295  18.846  1.010   1.00 17.09 ? 163 LYS A O   1 
ATOM   1157 C CB  . LYS A 1 141 ? -6.758  20.636  -1.465  1.00 17.97 ? 163 LYS A CB  1 
ATOM   1158 C CG  . LYS A 1 141 ? -5.669  21.484  -2.083  1.00 21.69 ? 163 LYS A CG  1 
ATOM   1159 C CD  . LYS A 1 141 ? -6.058  22.972  -2.173  1.00 25.63 ? 163 LYS A CD  1 
ATOM   1160 C CE  . LYS A 1 141 ? -6.338  23.617  -0.799  1.00 28.94 ? 163 LYS A CE  1 
ATOM   1161 N NZ  . LYS A 1 141 ? -5.120  23.766  0.050   1.00 30.10 ? 163 LYS A NZ  1 
ATOM   1162 N N   . GLY A 1 142 ? -4.421  18.531  -0.171  1.00 14.56 ? 164 GLY A N   1 
ATOM   1163 C CA  . GLY A 1 142 ? -3.644  18.316  1.030   1.00 14.09 ? 164 GLY A CA  1 
ATOM   1164 C C   . GLY A 1 142 ? -2.206  17.950  0.762   1.00 13.07 ? 164 GLY A C   1 
ATOM   1165 O O   . GLY A 1 142 ? -1.646  18.288  -0.287  1.00 13.78 ? 164 GLY A O   1 
ATOM   1166 N N   . GLU A 1 143 ? -1.604  17.281  1.739   1.00 12.07 ? 165 GLU A N   1 
ATOM   1167 C CA  . GLU A 1 143 ? -0.254  16.764  1.640   1.00 12.40 ? 165 GLU A CA  1 
ATOM   1168 C C   . GLU A 1 143 ? -0.125  15.615  2.634   1.00 12.01 ? 165 GLU A C   1 
ATOM   1169 O O   . GLU A 1 143 ? -0.889  15.526  3.609   1.00 12.29 ? 165 GLU A O   1 
ATOM   1170 C CB  . GLU A 1 143 ? 0.772   17.879  1.921   1.00 12.61 ? 165 GLU A CB  1 
ATOM   1171 C CG  . GLU A 1 143 ? 2.236   17.474  1.871   1.00 14.60 ? 165 GLU A CG  1 
ATOM   1172 C CD  . GLU A 1 143 ? 2.645   16.866  0.549   1.00 16.54 ? 165 GLU A CD  1 
ATOM   1173 O OE1 . GLU A 1 143 ? 3.017   17.631  -0.372  1.00 18.07 ? 165 GLU A OE1 1 
ATOM   1174 O OE2 . GLU A 1 143 ? 2.628   15.619  0.428   1.00 14.58 ? 165 GLU A OE2 1 
ATOM   1175 N N   . TYR A 1 144 ? 0.828   14.723  2.386   1.00 11.82 ? 166 TYR A N   1 
ATOM   1176 C CA  . TYR A 1 144 ? 1.133   13.665  3.344   1.00 12.41 ? 166 TYR A CA  1 
ATOM   1177 C C   . TYR A 1 144 ? 2.622   13.456  3.558   1.00 12.56 ? 166 TYR A C   1 
ATOM   1178 O O   . TYR A 1 144 ? 3.012   12.796  4.503   1.00 12.02 ? 166 TYR A O   1 
ATOM   1179 C CB  . TYR A 1 144 ? 0.452   12.339  2.953   1.00 12.54 ? 166 TYR A CB  1 
ATOM   1180 C CG  . TYR A 1 144 ? 0.971   11.775  1.648   1.00 12.24 ? 166 TYR A CG  1 
ATOM   1181 C CD1 . TYR A 1 144 ? 2.084   10.930  1.617   1.00 11.55 ? 166 TYR A CD1 1 
ATOM   1182 C CD2 . TYR A 1 144 ? 0.376   12.118  0.440   1.00 13.88 ? 166 TYR A CD2 1 
ATOM   1183 C CE1 . TYR A 1 144 ? 2.597   10.434  0.396   1.00 12.49 ? 166 TYR A CE1 1 
ATOM   1184 C CE2 . TYR A 1 144 ? 0.871   11.633  -0.768  1.00 16.48 ? 166 TYR A CE2 1 
ATOM   1185 C CZ  . TYR A 1 144 ? 1.972   10.791  -0.780  1.00 13.79 ? 166 TYR A CZ  1 
ATOM   1186 O OH  . TYR A 1 144 ? 2.440   10.329  -1.997  1.00 16.57 ? 166 TYR A OH  1 
ATOM   1187 N N   . ARG A 1 145 ? 3.451   14.040  2.692   1.00 13.15 ? 167 ARG A N   1 
ATOM   1188 C CA  . ARG A 1 145 ? 4.896   13.812  2.743   1.00 14.82 ? 167 ARG A CA  1 
ATOM   1189 C C   . ARG A 1 145 ? 5.529   14.745  3.760   1.00 16.18 ? 167 ARG A C   1 
ATOM   1190 O O   . ARG A 1 145 ? 5.335   15.966  3.691   1.00 17.27 ? 167 ARG A O   1 
ATOM   1191 C CB  . ARG A 1 145 ? 5.522   14.008  1.354   1.00 14.78 ? 167 ARG A CB  1 
ATOM   1192 C CG  . ARG A 1 145 ? 5.013   13.002  0.332   1.00 14.80 ? 167 ARG A CG  1 
ATOM   1193 C CD  . ARG A 1 145 ? 5.287   13.439  -1.099  1.00 17.32 ? 167 ARG A CD  1 
ATOM   1194 N NE  . ARG A 1 145 ? 4.538   14.643  -1.441  1.00 18.20 ? 167 ARG A NE  1 
ATOM   1195 C CZ  . ARG A 1 145 ? 4.602   15.248  -2.622  1.00 19.16 ? 167 ARG A CZ  1 
ATOM   1196 N NH1 . ARG A 1 145 ? 5.373   14.752  -3.585  1.00 19.90 ? 167 ARG A NH1 1 
ATOM   1197 N NH2 . ARG A 1 145 ? 3.897   16.348  -2.836  1.00 20.23 ? 167 ARG A NH2 1 
ATOM   1198 N N   . THR A 1 146 ? 6.255   14.169  4.711   1.00 16.98 ? 168 THR A N   1 
ATOM   1199 C CA  . THR A 1 146 ? 6.903   14.949  5.766   1.00 18.61 ? 168 THR A CA  1 
ATOM   1200 C C   . THR A 1 146 ? 8.399   15.147  5.532   1.00 20.00 ? 168 THR A C   1 
ATOM   1201 O O   . THR A 1 146 ? 9.027   15.963  6.217   1.00 20.89 ? 168 THR A O   1 
ATOM   1202 C CB  . THR A 1 146 ? 6.684   14.346  7.175   1.00 18.58 ? 168 THR A CB  1 
ATOM   1203 O OG1 . THR A 1 146 ? 7.449   13.145  7.321   1.00 18.75 ? 168 THR A OG1 1 
ATOM   1204 C CG2 . THR A 1 146 ? 5.210   14.051  7.430   1.00 18.05 ? 168 THR A CG2 1 
ATOM   1205 N N   . HIS A 1 147 ? 8.968   14.405  4.582   1.00 20.76 ? 169 HIS A N   1 
ATOM   1206 C CA  . HIS A 1 147 ? 10.392  14.523  4.239   1.00 22.64 ? 169 HIS A CA  1 
ATOM   1207 C C   . HIS A 1 147 ? 10.567  15.275  2.921   1.00 23.51 ? 169 HIS A C   1 
ATOM   1208 O O   . HIS A 1 147 ? 9.940   14.938  1.915   1.00 23.34 ? 169 HIS A O   1 
ATOM   1209 C CB  . HIS A 1 147 ? 11.052  13.143  4.142   1.00 22.64 ? 169 HIS A CB  1 
ATOM   1210 C CG  . HIS A 1 147 ? 11.061  12.383  5.430   1.00 24.02 ? 169 HIS A CG  1 
ATOM   1211 N ND1 . HIS A 1 147 ? 9.978   11.654  5.875   1.00 24.72 ? 169 HIS A ND1 1 
ATOM   1212 C CD2 . HIS A 1 147 ? 12.025  12.235  6.371   1.00 24.79 ? 169 HIS A CD2 1 
ATOM   1213 C CE1 . HIS A 1 147 ? 10.274  11.090  7.032   1.00 25.16 ? 169 HIS A CE1 1 
ATOM   1214 N NE2 . HIS A 1 147 ? 11.509  11.427  7.355   1.00 26.63 ? 169 HIS A NE2 1 
ATOM   1215 N N   . GLN A 1 148 ? 11.423  16.296  2.937   1.00 25.21 ? 170 GLN A N   1 
ATOM   1216 C CA  . GLN A 1 148 ? 11.650  17.153  1.772   1.00 26.43 ? 170 GLN A CA  1 
ATOM   1217 C C   . GLN A 1 148 ? 12.197  16.382  0.566   1.00 26.84 ? 170 GLN A C   1 
ATOM   1218 O O   . GLN A 1 148 ? 11.836  16.667  -0.580  1.00 27.11 ? 170 GLN A O   1 
ATOM   1219 C CB  . GLN A 1 148 ? 12.588  18.314  2.144   1.00 26.92 ? 170 GLN A CB  1 
ATOM   1220 C CG  . GLN A 1 148 ? 12.685  19.429  1.099   1.00 28.41 ? 170 GLN A CG  1 
ATOM   1221 C CD  . GLN A 1 148 ? 11.338  20.042  0.745   1.00 30.60 ? 170 GLN A CD  1 
ATOM   1222 O OE1 . GLN A 1 148 ? 10.576  20.458  1.623   1.00 32.34 ? 170 GLN A OE1 1 
ATOM   1223 N NE2 . GLN A 1 148 ? 11.037  20.097  -0.548  1.00 31.49 ? 170 GLN A NE2 1 
ATOM   1224 N N   . GLU A 1 149 ? 13.049  15.395  0.839   1.00 27.49 ? 171 GLU A N   1 
ATOM   1225 C CA  . GLU A 1 149 ? 13.666  14.561  -0.197  1.00 27.90 ? 171 GLU A CA  1 
ATOM   1226 C C   . GLU A 1 149 ? 12.640  13.740  -0.983  1.00 27.50 ? 171 GLU A C   1 
ATOM   1227 O O   . GLU A 1 149 ? 12.949  13.220  -2.053  1.00 27.31 ? 171 GLU A O   1 
ATOM   1228 C CB  . GLU A 1 149 ? 14.721  13.622  0.410   1.00 28.31 ? 171 GLU A CB  1 
ATOM   1229 C CG  . GLU A 1 149 ? 15.428  14.158  1.658   1.00 30.58 ? 171 GLU A CG  1 
ATOM   1230 C CD  . GLU A 1 149 ? 14.588  13.997  2.921   1.00 32.98 ? 171 GLU A CD  1 
ATOM   1231 O OE1 . GLU A 1 149 ? 14.195  15.028  3.507   1.00 34.01 ? 171 GLU A OE1 1 
ATOM   1232 O OE2 . GLU A 1 149 ? 14.316  12.842  3.319   1.00 35.14 ? 171 GLU A OE2 1 
ATOM   1233 N N   . ASP A 1 150 ? 11.426  13.629  -0.445  1.00 26.79 ? 172 ASP A N   1 
ATOM   1234 C CA  . ASP A 1 150 ? 10.346  12.880  -1.098  1.00 26.41 ? 172 ASP A CA  1 
ATOM   1235 C C   . ASP A 1 150 ? 9.426   13.740  -1.968  1.00 26.86 ? 172 ASP A C   1 
ATOM   1236 O O   . ASP A 1 150 ? 8.559   13.211  -2.675  1.00 27.50 ? 172 ASP A O   1 
ATOM   1237 C CB  . ASP A 1 150 ? 9.496   12.162  -0.045  1.00 25.27 ? 172 ASP A CB  1 
ATOM   1238 C CG  . ASP A 1 150 ? 10.219  10.999  0.602   1.00 23.04 ? 172 ASP A CG  1 
ATOM   1239 O OD1 . ASP A 1 150 ? 11.018  10.323  -0.085  1.00 21.85 ? 172 ASP A OD1 1 
ATOM   1240 O OD2 . ASP A 1 150 ? 9.961   10.738  1.797   1.00 18.95 ? 172 ASP A OD2 1 
ATOM   1241 N N   A ILE A 1 151 ? 9.632   15.053  -1.914  0.50 27.14 ? 173 ILE A N   1 
ATOM   1242 N N   B ILE A 1 151 ? 9.612   15.056  -1.914  0.50 27.14 ? 173 ILE A N   1 
ATOM   1243 C CA  A ILE A 1 151 ? 8.760   16.018  -2.578  0.50 27.25 ? 173 ILE A CA  1 
ATOM   1244 C CA  B ILE A 1 151 ? 8.745   15.981  -2.639  0.50 27.26 ? 173 ILE A CA  1 
ATOM   1245 C C   A ILE A 1 151 ? 9.354   16.538  -3.884  0.50 27.37 ? 173 ILE A C   1 
ATOM   1246 C C   B ILE A 1 151 ? 9.410   16.526  -3.899  0.50 27.42 ? 173 ILE A C   1 
ATOM   1247 O O   A ILE A 1 151 ? 10.530  16.893  -3.947  0.50 27.30 ? 173 ILE A O   1 
ATOM   1248 O O   B ILE A 1 151 ? 9.236   15.971  -4.986  0.50 27.46 ? 173 ILE A O   1 
ATOM   1249 C CB  A ILE A 1 151 ? 8.455   17.202  -1.647  0.50 27.32 ? 173 ILE A CB  1 
ATOM   1250 C CB  B ILE A 1 151 ? 8.289   17.139  -1.735  0.50 27.29 ? 173 ILE A CB  1 
ATOM   1251 C CG1 A ILE A 1 151 ? 7.736   16.706  -0.389  0.50 27.15 ? 173 ILE A CG1 1 
ATOM   1252 C CG1 B ILE A 1 151 ? 7.534   16.583  -0.524  0.50 26.97 ? 173 ILE A CG1 1 
ATOM   1253 C CG2 A ILE A 1 151 ? 7.635   18.260  -2.372  0.50 27.33 ? 173 ILE A CG2 1 
ATOM   1254 C CG2 B ILE A 1 151 ? 7.423   18.118  -2.514  0.50 27.40 ? 173 ILE A CG2 1 
ATOM   1255 C CD1 A ILE A 1 151 ? 7.656   17.730  0.717   0.50 27.48 ? 173 ILE A CD1 1 
ATOM   1256 C CD1 B ILE A 1 151 ? 6.986   17.639  0.405   0.50 26.84 ? 173 ILE A CD1 1 
HETATM 1257 S S   . DMS B 2 .   ? -13.029 -1.071  -4.520  1.00 17.36 ? 201 DMS A S   1 
HETATM 1258 O O   . DMS B 2 .   ? -12.677 -1.283  -6.202  1.00 15.56 ? 201 DMS A O   1 
HETATM 1259 C C1  . DMS B 2 .   ? -14.831 -0.957  -4.388  1.00 15.03 ? 201 DMS A C1  1 
HETATM 1260 C C2  . DMS B 2 .   ? -12.537 -2.631  -3.773  1.00 16.66 ? 201 DMS A C2  1 
HETATM 1261 C CAI . 4XD C 3 .   ? -3.627  -1.272  -11.416 1.00 12.37 ? 202 4XD A CAI 1 
HETATM 1262 C CAG . 4XD C 3 .   ? -4.354  0.072   -11.419 1.00 10.98 ? 202 4XD A CAG 1 
HETATM 1263 C CAM . 4XD C 3 .   ? -5.200  0.262   -10.298 1.00 9.28  ? 202 4XD A CAM 1 
HETATM 1264 C CAE . 4XD C 3 .   ? -6.147  1.299   -10.345 1.00 10.66 ? 202 4XD A CAE 1 
HETATM 1265 C CAC . 4XD C 3 .   ? -6.989  1.525   -9.269  1.00 10.64 ? 202 4XD A CAC 1 
HETATM 1266 C CAD . 4XD C 3 .   ? -6.924  0.740   -8.122  1.00 8.58  ? 202 4XD A CAD 1 
HETATM 1267 C CAL . 4XD C 3 .   ? -5.995  -0.310  -8.071  1.00 8.84  ? 202 4XD A CAL 1 
HETATM 1268 N NAB . 4XD C 3 .   ? -5.927  -1.091  -6.936  1.00 8.54  ? 202 4XD A NAB 1 
HETATM 1269 C CAN . 4XD C 3 .   ? -5.117  -0.548  -9.147  1.00 9.22  ? 202 4XD A CAN 1 
HETATM 1270 C CAJ . 4XD C 3 .   ? -4.180  -1.614  -9.052  1.00 10.79 ? 202 4XD A CAJ 1 
HETATM 1271 N NAO . 4XD C 3 .   ? -3.094  -1.624  -10.078 1.00 10.36 ? 202 4XD A NAO 1 
HETATM 1272 C CAH . 4XD C 3 .   ? -2.316  -2.881  -10.156 1.00 14.40 ? 202 4XD A CAH 1 
HETATM 1273 C CAF . 4XD C 3 .   ? -1.629  -3.270  -8.854  1.00 15.24 ? 202 4XD A CAF 1 
HETATM 1274 O OAK . 4XD C 3 .   ? -2.614  -3.942  -8.064  1.00 16.91 ? 202 4XD A OAK 1 
HETATM 1275 C CAA . 4XD C 3 .   ? -2.098  -4.430  -6.824  1.00 13.94 ? 202 4XD A CAA 1 
HETATM 1276 C CAI . 4XD D 3 .   ? 1.952   23.789  5.573   1.00 23.97 ? 203 4XD A CAI 1 
HETATM 1277 C CAG . 4XD D 3 .   ? 0.528   23.773  5.060   1.00 22.66 ? 203 4XD A CAG 1 
HETATM 1278 C CAM . 4XD D 3 .   ? 0.491   24.188  3.711   1.00 23.05 ? 203 4XD A CAM 1 
HETATM 1279 C CAE . 4XD D 3 .   ? -0.727  24.631  3.182   1.00 23.36 ? 203 4XD A CAE 1 
HETATM 1280 C CAC . 4XD D 3 .   ? -0.855  25.063  1.861   1.00 24.04 ? 203 4XD A CAC 1 
HETATM 1281 C CAD . 4XD D 3 .   ? 0.265   25.062  1.042   1.00 23.69 ? 203 4XD A CAD 1 
HETATM 1282 C CAL . 4XD D 3 .   ? 1.486   24.623  1.551   1.00 24.37 ? 203 4XD A CAL 1 
HETATM 1283 N NAB . 4XD D 3 .   ? 2.578   24.614  0.782   1.00 25.00 ? 203 4XD A NAB 1 
HETATM 1284 C CAN . 4XD D 3 .   ? 1.624   24.185  2.875   1.00 23.55 ? 203 4XD A CAN 1 
HETATM 1285 C CAJ . 4XD D 3 .   ? 2.890   23.761  3.329   1.00 24.74 ? 203 4XD A CAJ 1 
HETATM 1286 N NAO . 4XD D 3 .   ? 2.852   23.081  4.637   1.00 25.19 ? 203 4XD A NAO 1 
HETATM 1287 C CAH . 4XD D 3 .   ? 4.243   23.010  5.144   1.00 28.40 ? 203 4XD A CAH 1 
HETATM 1288 C CAF . 4XD D 3 .   ? 4.385   23.233  6.660   1.00 30.46 ? 203 4XD A CAF 1 
HETATM 1289 O OAK . 4XD D 3 .   ? 3.948   22.074  7.377   1.00 32.02 ? 203 4XD A OAK 1 
HETATM 1290 C CAA . 4XD D 3 .   ? 4.285   22.209  8.762   1.00 31.73 ? 203 4XD A CAA 1 
HETATM 1291 S S   . SO4 E 4 .   ? -8.444  1.854   4.583   1.00 36.88 ? 204 SO4 A S   1 
HETATM 1292 O O1  . SO4 E 4 .   ? -9.768  2.417   4.320   1.00 38.63 ? 204 SO4 A O1  1 
HETATM 1293 O O2  . SO4 E 4 .   ? -8.607  0.605   5.326   1.00 37.36 ? 204 SO4 A O2  1 
HETATM 1294 O O3  . SO4 E 4 .   ? -7.776  1.607   3.307   1.00 39.37 ? 204 SO4 A O3  1 
HETATM 1295 O O4  . SO4 E 4 .   ? -7.654  2.806   5.368   1.00 36.88 ? 204 SO4 A O4  1 
HETATM 1296 O O   . HOH F 5 .   ? -1.022  -11.245 12.569  1.00 20.87 ? 301 HOH A O   1 
HETATM 1297 O O   . HOH F 5 .   ? 14.373  -11.749 -4.297  1.00 25.24 ? 302 HOH A O   1 
HETATM 1298 O O   . HOH F 5 .   ? -9.251  4.589   -12.593 1.00 25.52 ? 303 HOH A O   1 
HETATM 1299 O O   . HOH F 5 .   ? -5.652  17.303  3.569   1.00 18.16 ? 304 HOH A O   1 
HETATM 1300 O O   . HOH F 5 .   ? -17.356 -2.163  -6.793  1.00 17.99 ? 305 HOH A O   1 
HETATM 1301 O O   . HOH F 5 .   ? 5.909   -14.545 14.573  1.00 29.45 ? 306 HOH A O   1 
HETATM 1302 O O   . HOH F 5 .   ? 3.445   20.137  -0.787  1.00 26.99 ? 307 HOH A O   1 
HETATM 1303 O O   . HOH F 5 .   ? 4.018   3.469   -6.446  1.00 10.03 ? 308 HOH A O   1 
HETATM 1304 O O   . HOH F 5 .   ? 3.974   -16.320 -8.039  1.00 14.07 ? 309 HOH A O   1 
HETATM 1305 O O   . HOH F 5 .   ? 13.102  0.843   -7.115  1.00 11.27 ? 310 HOH A O   1 
HETATM 1306 O O   . HOH F 5 .   ? -14.363 -1.672  9.903   1.00 22.29 ? 311 HOH A O   1 
HETATM 1307 O O   . HOH F 5 .   ? 3.059   0.751   -9.058  1.00 21.23 ? 312 HOH A O   1 
HETATM 1308 O O   . HOH F 5 .   ? 18.204  -8.607  1.142   1.00 14.09 ? 313 HOH A O   1 
HETATM 1309 O O   . HOH F 5 .   ? 7.462   -5.980  -10.632 1.00 19.30 ? 314 HOH A O   1 
HETATM 1310 O O   . HOH F 5 .   ? -11.371 -1.382  5.096   1.00 14.74 ? 315 HOH A O   1 
HETATM 1311 O O   . HOH F 5 .   ? -7.982  10.084  -11.089 1.00 20.08 ? 316 HOH A O   1 
HETATM 1312 O O   . HOH F 5 .   ? 16.943  6.592   -3.570  1.00 24.66 ? 317 HOH A O   1 
HETATM 1313 O O   . HOH F 5 .   ? 8.300   -15.269 3.723   1.00 28.31 ? 318 HOH A O   1 
HETATM 1314 O O   . HOH F 5 .   ? -3.929  21.182  -6.396  1.00 28.56 ? 319 HOH A O   1 
HETATM 1315 O O   . HOH F 5 .   ? 1.904   20.809  3.600   1.00 24.91 ? 320 HOH A O   1 
HETATM 1316 O O   . HOH F 5 .   ? 21.188  -2.671  -3.017  1.00 11.52 ? 321 HOH A O   1 
HETATM 1317 O O   . HOH F 5 .   ? -10.792 -0.087  -2.223  1.00 16.40 ? 322 HOH A O   1 
HETATM 1318 O O   . HOH F 5 .   ? -10.088 -0.663  -4.711  1.00 11.22 ? 323 HOH A O   1 
HETATM 1319 O O   . HOH F 5 .   ? 9.888   -8.016  7.573   1.00 21.28 ? 324 HOH A O   1 
HETATM 1320 O O   . HOH F 5 .   ? -9.930  -5.974  5.909   1.00 8.25  ? 325 HOH A O   1 
HETATM 1321 O O   . HOH F 5 .   ? 7.885   11.966  3.062   1.00 17.18 ? 326 HOH A O   1 
HETATM 1322 O O   . HOH F 5 .   ? 1.695   5.233   11.115  1.00 28.81 ? 327 HOH A O   1 
HETATM 1323 O O   . HOH F 5 .   ? 3.146   4.781   9.076   1.00 25.43 ? 328 HOH A O   1 
HETATM 1324 O O   . HOH F 5 .   ? 0.152   -0.859  -11.517 1.00 28.69 ? 329 HOH A O   1 
HETATM 1325 O O   . HOH F 5 .   ? 1.776   -2.606  11.456  1.00 12.41 ? 330 HOH A O   1 
HETATM 1326 O O   . HOH F 5 .   ? 16.838  -3.876  -8.856  1.00 11.69 ? 331 HOH A O   1 
HETATM 1327 O O   . HOH F 5 .   ? -15.580 -1.361  5.653   1.00 27.22 ? 332 HOH A O   1 
HETATM 1328 O O   . HOH F 5 .   ? -15.691 -7.369  5.069   1.00 25.76 ? 333 HOH A O   1 
HETATM 1329 O O   . HOH F 5 .   ? 13.614  3.314   0.112   1.00 17.52 ? 334 HOH A O   1 
HETATM 1330 O O   . HOH F 5 .   ? 13.265  -14.436 -0.676  1.00 17.31 ? 335 HOH A O   1 
HETATM 1331 O O   . HOH F 5 .   ? 1.526   11.610  6.546   1.00 14.44 ? 336 HOH A O   1 
HETATM 1332 O O   . HOH F 5 .   ? -2.846  14.327  12.369  1.00 29.55 ? 337 HOH A O   1 
HETATM 1333 O O   . HOH F 5 .   ? 18.984  -12.692 -4.716  1.00 26.25 ? 338 HOH A O   1 
HETATM 1334 O O   . HOH F 5 .   ? 13.368  -7.698  -8.998  1.00 28.97 ? 339 HOH A O   1 
HETATM 1335 O O   . HOH F 5 .   ? -7.395  15.393  6.775   1.00 25.91 ? 340 HOH A O   1 
HETATM 1336 O O   . HOH F 5 .   ? -11.349 -13.910 3.359   1.00 25.34 ? 341 HOH A O   1 
HETATM 1337 O O   . HOH F 5 .   ? -13.966 13.689  -4.603  1.00 31.75 ? 342 HOH A O   1 
HETATM 1338 O O   . HOH F 5 .   ? -10.031 5.822   4.528   1.00 27.00 ? 343 HOH A O   1 
HETATM 1339 O O   . HOH F 5 .   ? 3.023   -8.626  14.202  1.00 15.79 ? 344 HOH A O   1 
HETATM 1340 O O   . HOH F 5 .   ? -17.853 2.061   -4.917  1.00 11.10 ? 345 HOH A O   1 
HETATM 1341 O O   . HOH F 5 .   ? -0.644  -6.660  -9.012  1.00 18.03 ? 346 HOH A O   1 
HETATM 1342 O O   . HOH F 5 .   ? -3.222  0.114   11.964  1.00 20.21 ? 347 HOH A O   1 
HETATM 1343 O O   . HOH F 5 .   ? -5.544  5.295   -11.495 1.00 18.36 ? 348 HOH A O   1 
HETATM 1344 O O   . HOH F 5 .   ? -3.226  -0.528  -5.820  1.00 8.37  ? 349 HOH A O   1 
HETATM 1345 O O   . HOH F 5 .   ? 5.043   -0.785  11.371  1.00 19.04 ? 350 HOH A O   1 
HETATM 1346 O O   . HOH F 5 .   ? -9.997  19.707  -0.582  1.00 28.61 ? 351 HOH A O   1 
HETATM 1347 O O   . HOH F 5 .   ? -16.308 -6.650  0.670   1.00 19.93 ? 352 HOH A O   1 
HETATM 1348 O O   . HOH F 5 .   ? -0.090  -17.110 5.593   1.00 21.64 ? 353 HOH A O   1 
HETATM 1349 O O   . HOH F 5 .   ? -6.174  -10.432 -3.549  1.00 16.58 ? 354 HOH A O   1 
HETATM 1350 O O   . HOH F 5 .   ? 4.497   -16.756 3.646   1.00 17.94 ? 355 HOH A O   1 
HETATM 1351 O O   . HOH F 5 .   ? -2.825  5.056   -12.082 1.00 17.07 ? 356 HOH A O   1 
HETATM 1352 O O   . HOH F 5 .   ? 13.035  -10.744 7.079   1.00 26.47 ? 357 HOH A O   1 
HETATM 1353 O O   . HOH F 5 .   ? 5.236   -10.314 14.634  1.00 23.68 ? 358 HOH A O   1 
HETATM 1354 O O   . HOH F 5 .   ? -17.376 2.672   0.841   1.00 20.51 ? 359 HOH A O   1 
HETATM 1355 O O   . HOH F 5 .   ? 5.948   -10.168 12.073  1.00 14.30 ? 360 HOH A O   1 
HETATM 1356 O O   . HOH F 5 .   ? -6.803  -3.826  -7.130  1.00 12.65 ? 361 HOH A O   1 
HETATM 1357 O O   . HOH F 5 .   ? 4.460   2.481   9.871   1.00 16.45 ? 362 HOH A O   1 
HETATM 1358 O O   . HOH F 5 .   ? 15.812  -6.624  -8.370  1.00 18.16 ? 363 HOH A O   1 
HETATM 1359 O O   . HOH F 5 .   ? -1.156  -0.461  13.521  1.00 25.16 ? 364 HOH A O   1 
HETATM 1360 O O   . HOH F 5 .   ? 6.022   0.492   -12.250 1.00 22.99 ? 365 HOH A O   1 
HETATM 1361 O O   . HOH F 5 .   ? -4.879  1.533   12.225  1.00 24.48 ? 366 HOH A O   1 
HETATM 1362 O O   . HOH F 5 .   ? -4.737  -7.171  -4.841  1.00 28.63 ? 367 HOH A O   1 
HETATM 1363 O O   . HOH F 5 .   ? -15.948 10.440  -7.937  1.00 24.08 ? 368 HOH A O   1 
HETATM 1364 O O   . HOH F 5 .   ? -14.552 -9.168  7.223   1.00 14.12 ? 369 HOH A O   1 
HETATM 1365 O O   . HOH F 5 .   ? -5.473  21.350  2.287   1.00 20.78 ? 370 HOH A O   1 
HETATM 1366 O O   . HOH F 5 .   ? 7.772   -7.266  10.185  1.00 23.57 ? 371 HOH A O   1 
HETATM 1367 O O   . HOH F 5 .   ? 10.861  -15.219 0.190   1.00 17.66 ? 372 HOH A O   1 
HETATM 1368 O O   . HOH F 5 .   ? -6.172  8.698   -13.639 1.00 23.58 ? 373 HOH A O   1 
HETATM 1369 O O   . HOH F 5 .   ? 4.765   8.804   -9.194  1.00 27.79 ? 374 HOH A O   1 
HETATM 1370 O O   . HOH F 5 .   ? 0.387   -9.411  14.056  1.00 17.46 ? 375 HOH A O   1 
HETATM 1371 O O   . HOH F 5 .   ? 16.462  -11.115 -5.418  1.00 24.57 ? 376 HOH A O   1 
HETATM 1372 O O   . HOH F 5 .   ? 15.725  -9.595  2.093   1.00 17.21 ? 377 HOH A O   1 
HETATM 1373 O O   . HOH F 5 .   ? -8.418  -4.678  -5.101  1.00 12.73 ? 378 HOH A O   1 
HETATM 1374 O O   . HOH F 5 .   ? -5.667  -4.534  -11.515 1.00 24.52 ? 379 HOH A O   1 
HETATM 1375 O O   . HOH F 5 .   ? -1.809  7.679   -12.285 1.00 24.93 ? 380 HOH A O   1 
HETATM 1376 O O   . HOH F 5 .   ? 7.387   -20.814 -3.104  1.00 27.04 ? 381 HOH A O   1 
HETATM 1377 O O   . HOH F 5 .   ? -1.518  -8.031  15.330  1.00 20.33 ? 382 HOH A O   1 
HETATM 1378 O O   . HOH F 5 .   ? -7.220  -6.970  -4.089  1.00 21.28 ? 383 HOH A O   1 
HETATM 1379 O O   . HOH F 5 .   ? 21.937  -11.714 -0.376  1.00 23.72 ? 384 HOH A O   1 
HETATM 1380 O O   . HOH F 5 .   ? 20.319  -10.372 1.821   1.00 15.74 ? 385 HOH A O   1 
HETATM 1381 O O   . HOH F 5 .   ? 14.696  -14.526 1.632   1.00 24.86 ? 386 HOH A O   1 
HETATM 1382 O O   . HOH F 5 .   ? 15.767  -12.136 3.019   1.00 20.65 ? 387 HOH A O   1 
# 
